data_4D9C
#
_entry.id   4D9C
#
_cell.length_a   66.512
_cell.length_b   165.497
_cell.length_c   68.638
_cell.angle_alpha   90.00
_cell.angle_beta   118.89
_cell.angle_gamma   90.00
#
_symmetry.space_group_name_H-M   'P 1 21 1'
#
loop_
_entity.id
_entity.type
_entity.pdbx_description
1 polymer 'D-Cysteine desulfhydrase'
2 non-polymer BENZAMIDINE
3 non-polymer "4'-DEOXY-4'-AMINOPYRIDOXAL-5'-PHOSPHATE"
4 water water
#
_entity_poly.entity_id   1
_entity_poly.type   'polypeptide(L)'
_entity_poly.pdbx_seq_one_letter_code
;MRGSHHHHHHGMASMPLHHLTRFPRLEFIGAPTPLEYLPRLSDYLGREIYIKRDDVTPIAMGGNKLRKLEFLVADALREG
ADTLITAGAIQSNHVRQTAAVAAKLGLHCVALLENPIGTTAENYLTNGNRLLLDLFNTQIEMCDALTDPDAQLQTLATRI
EAQGFRPYVIPVGGSSALGAMGYVESALEIAQQCEEVVGLSSVVVASGSAGTHAGLAVGLEHLMPDVELIGVTVSRSVAE
QKPKVIALQQAIAGQLALTATADIHLWDDYFAPGYGVPNDAGMEAVKLLASLEGVLLDPVYTGKAMAGLIDGISQKRFND
DGPILFIHTGGAPALFAYHPHV
;
_entity_poly.pdbx_strand_id   A,B,C,D
#
loop_
_chem_comp.id
_chem_comp.type
_chem_comp.name
_chem_comp.formula
BEN non-polymer BENZAMIDINE 'C7 H8 N2'
PMP non-polymer 4'-DEOXY-4'-AMINOPYRIDOXAL-5'-PHOSPHATE 'C8 H13 N2 O5 P'
#
# COMPACT_ATOMS: atom_id res chain seq x y z
N MET A 15 -32.16 -26.91 -24.66
CA MET A 15 -33.22 -27.35 -23.71
C MET A 15 -32.66 -28.13 -22.46
N PRO A 16 -31.74 -29.12 -22.66
CA PRO A 16 -31.56 -30.02 -21.49
C PRO A 16 -30.89 -29.29 -20.30
N LEU A 17 -30.14 -28.22 -20.61
CA LEU A 17 -29.44 -27.46 -19.57
C LEU A 17 -30.24 -26.31 -18.98
N HIS A 18 -31.57 -26.36 -19.15
CA HIS A 18 -32.38 -25.21 -18.74
C HIS A 18 -32.48 -24.94 -17.20
N HIS A 19 -32.29 -25.94 -16.32
CA HIS A 19 -32.35 -25.68 -14.86
C HIS A 19 -31.19 -24.80 -14.37
N LEU A 20 -30.24 -24.57 -15.29
CA LEU A 20 -29.13 -23.67 -15.06
C LEU A 20 -29.64 -22.25 -14.78
N THR A 21 -30.74 -21.91 -15.45
CA THR A 21 -31.56 -20.70 -15.21
C THR A 21 -31.83 -20.42 -13.75
N ARG A 22 -32.09 -21.45 -12.95
CA ARG A 22 -32.54 -21.28 -11.59
C ARG A 22 -31.47 -20.52 -10.76
N PHE A 23 -30.18 -20.69 -11.09
CA PHE A 23 -29.12 -20.19 -10.22
C PHE A 23 -28.86 -18.71 -10.41
N PRO A 24 -28.91 -17.93 -9.33
CA PRO A 24 -28.49 -16.51 -9.53
C PRO A 24 -26.98 -16.50 -9.89
N ARG A 25 -26.59 -15.53 -10.71
CA ARG A 25 -25.23 -15.38 -11.15
C ARG A 25 -25.00 -13.88 -11.44
N LEU A 26 -23.83 -13.40 -11.10
CA LEU A 26 -23.38 -12.06 -11.42
C LEU A 26 -22.85 -12.09 -12.83
N GLU A 27 -22.73 -10.93 -13.44
CA GLU A 27 -22.19 -10.80 -14.80
C GLU A 27 -20.76 -10.30 -14.72
N PHE A 28 -19.78 -11.21 -14.86
CA PHE A 28 -18.35 -10.84 -14.88
C PHE A 28 -17.72 -10.97 -16.26
N ILE A 29 -18.39 -11.72 -17.14
CA ILE A 29 -17.75 -12.08 -18.41
C ILE A 29 -18.30 -11.23 -19.54
N GLY A 30 -19.61 -11.21 -19.66
CA GLY A 30 -20.21 -10.42 -20.73
C GLY A 30 -20.34 -11.36 -21.91
N ALA A 31 -19.71 -10.99 -23.03
CA ALA A 31 -19.92 -11.75 -24.26
C ALA A 31 -19.14 -13.08 -24.20
N PRO A 32 -19.56 -14.06 -25.00
CA PRO A 32 -18.77 -15.32 -25.11
C PRO A 32 -17.30 -15.00 -25.41
N THR A 33 -16.38 -15.70 -24.76
CA THR A 33 -14.98 -15.54 -25.12
C THR A 33 -14.72 -16.15 -26.53
N PRO A 34 -13.68 -15.69 -27.22
CA PRO A 34 -13.40 -16.11 -28.60
C PRO A 34 -13.07 -17.60 -28.65
N LEU A 35 -13.49 -18.24 -29.76
CA LEU A 35 -13.12 -19.59 -30.04
C LEU A 35 -12.43 -19.45 -31.36
N GLU A 36 -11.13 -19.72 -31.41
CA GLU A 36 -10.25 -19.32 -32.52
C GLU A 36 -9.56 -20.54 -33.15
N TYR A 37 -9.40 -20.52 -34.49
CA TYR A 37 -8.59 -21.51 -35.14
C TYR A 37 -7.14 -21.12 -34.96
N LEU A 38 -6.26 -22.13 -34.81
CA LEU A 38 -4.83 -21.94 -34.67
C LEU A 38 -4.09 -22.49 -35.88
N PRO A 39 -3.97 -21.64 -36.93
CA PRO A 39 -3.50 -22.22 -38.17
C PRO A 39 -2.06 -22.60 -38.14
N ARG A 40 -1.16 -21.94 -37.39
CA ARG A 40 0.22 -22.23 -37.51
C ARG A 40 0.55 -23.43 -36.63
N LEU A 41 -0.13 -23.49 -35.46
CA LEU A 41 0.05 -24.67 -34.59
C LEU A 41 -0.52 -25.92 -35.32
N SER A 42 -1.68 -25.75 -35.98
CA SER A 42 -2.33 -26.84 -36.74
C SER A 42 -1.43 -27.33 -37.84
N ASP A 43 -0.83 -26.37 -38.54
CA ASP A 43 0.16 -26.76 -39.61
C ASP A 43 1.32 -27.57 -39.03
N TYR A 44 1.87 -27.18 -37.84
CA TYR A 44 3.06 -27.81 -37.27
C TYR A 44 2.65 -29.24 -36.75
N LEU A 45 1.45 -29.30 -36.11
CA LEU A 45 1.06 -30.55 -35.39
C LEU A 45 0.39 -31.54 -36.36
N GLY A 46 -0.05 -31.04 -37.50
CA GLY A 46 -0.67 -31.90 -38.49
C GLY A 46 -2.14 -32.22 -38.27
N ARG A 47 -2.90 -31.35 -37.59
CA ARG A 47 -4.26 -31.70 -37.11
C ARG A 47 -4.87 -30.34 -36.88
N GLU A 48 -6.18 -30.22 -37.05
CA GLU A 48 -6.91 -28.99 -36.86
C GLU A 48 -7.00 -28.68 -35.36
N ILE A 49 -6.41 -27.57 -34.91
CA ILE A 49 -6.46 -27.16 -33.49
CA ILE A 49 -6.63 -27.23 -33.53
C ILE A 49 -7.24 -25.84 -33.35
N TYR A 50 -8.28 -25.81 -32.50
CA TYR A 50 -8.98 -24.60 -32.09
C TYR A 50 -8.72 -24.33 -30.59
N ILE A 51 -8.95 -23.09 -30.17
CA ILE A 51 -8.68 -22.69 -28.76
C ILE A 51 -9.85 -21.87 -28.23
N LYS A 52 -10.27 -22.14 -27.00
CA LYS A 52 -11.35 -21.43 -26.36
C LYS A 52 -10.63 -20.49 -25.44
N ARG A 53 -10.80 -19.17 -25.69
CA ARG A 53 -10.02 -18.17 -25.03
C ARG A 53 -10.63 -17.70 -23.72
N ASP A 54 -10.66 -18.60 -22.74
CA ASP A 54 -11.11 -18.15 -21.43
C ASP A 54 -10.02 -17.42 -20.69
N ASP A 55 -8.84 -17.30 -21.30
CA ASP A 55 -7.78 -16.51 -20.70
C ASP A 55 -8.06 -15.03 -20.95
N VAL A 56 -9.05 -14.71 -21.76
CA VAL A 56 -9.37 -13.36 -22.03
C VAL A 56 -10.64 -12.84 -21.32
N THR A 57 -11.15 -13.53 -20.32
CA THR A 57 -12.23 -12.96 -19.48
C THR A 57 -11.72 -11.62 -18.86
N PRO A 58 -12.58 -10.58 -18.74
CA PRO A 58 -12.02 -9.19 -18.62
C PRO A 58 -11.63 -8.71 -17.22
N ILE A 59 -11.71 -9.59 -16.24
CA ILE A 59 -11.26 -9.13 -14.92
C ILE A 59 -9.84 -9.48 -14.57
N ALA A 60 -9.05 -8.48 -14.18
CA ALA A 60 -7.69 -8.69 -13.68
C ALA A 60 -6.93 -9.90 -14.31
N MET A 61 -6.67 -9.83 -15.62
CA MET A 61 -5.80 -10.76 -16.35
C MET A 61 -6.46 -12.12 -16.61
N GLY A 62 -7.76 -12.21 -16.28
CA GLY A 62 -8.66 -13.26 -16.86
C GLY A 62 -8.47 -14.67 -16.26
N GLY A 63 -9.11 -15.64 -16.87
CA GLY A 63 -9.00 -17.03 -16.47
C GLY A 63 -10.34 -17.74 -16.31
N ASN A 64 -10.23 -19.02 -16.04
CA ASN A 64 -11.41 -19.89 -15.84
C ASN A 64 -12.24 -19.62 -14.57
N LYS A 65 -11.64 -19.00 -13.56
CA LYS A 65 -12.30 -18.92 -12.28
C LYS A 65 -13.38 -17.86 -12.26
N LEU A 66 -13.23 -16.86 -13.15
CA LEU A 66 -14.29 -15.87 -13.32
C LEU A 66 -15.70 -16.51 -13.55
N ARG A 67 -15.75 -17.55 -14.38
CA ARG A 67 -17.04 -18.21 -14.62
C ARG A 67 -17.62 -18.84 -13.37
N LYS A 68 -16.78 -19.42 -12.51
CA LYS A 68 -17.29 -20.07 -11.29
C LYS A 68 -17.72 -18.98 -10.28
N LEU A 69 -16.92 -17.93 -10.26
CA LEU A 69 -17.21 -16.79 -9.37
C LEU A 69 -18.54 -16.07 -9.64
N GLU A 70 -18.97 -16.02 -10.90
CA GLU A 70 -20.30 -15.52 -11.20
C GLU A 70 -21.38 -16.21 -10.33
N PHE A 71 -21.26 -17.51 -10.19
CA PHE A 71 -22.23 -18.27 -9.37
C PHE A 71 -21.94 -18.18 -7.91
N LEU A 72 -20.72 -18.42 -7.53
CA LEU A 72 -20.41 -18.47 -6.06
C LEU A 72 -20.59 -17.11 -5.42
N VAL A 73 -20.18 -16.06 -6.12
CA VAL A 73 -20.32 -14.74 -5.52
C VAL A 73 -21.79 -14.26 -5.45
N ALA A 74 -22.60 -14.62 -6.44
CA ALA A 74 -24.03 -14.32 -6.28
C ALA A 74 -24.65 -15.04 -5.07
N ASP A 75 -24.24 -16.29 -4.86
CA ASP A 75 -24.61 -17.03 -3.69
C ASP A 75 -24.14 -16.33 -2.42
N ALA A 76 -22.92 -15.85 -2.42
CA ALA A 76 -22.41 -15.15 -1.24
C ALA A 76 -23.25 -13.95 -0.92
N LEU A 77 -23.52 -13.11 -1.94
CA LEU A 77 -24.33 -11.93 -1.75
C LEU A 77 -25.74 -12.22 -1.30
N ARG A 78 -26.30 -13.32 -1.77
CA ARG A 78 -27.66 -13.66 -1.43
C ARG A 78 -27.73 -14.03 0.03
N GLU A 79 -26.62 -14.55 0.58
CA GLU A 79 -26.55 -14.91 1.98
C GLU A 79 -26.12 -13.72 2.87
N GLY A 80 -25.93 -12.54 2.33
CA GLY A 80 -25.40 -11.42 3.14
C GLY A 80 -23.93 -11.45 3.59
N ALA A 81 -23.14 -12.41 3.06
CA ALA A 81 -21.71 -12.43 3.25
C ALA A 81 -21.08 -11.10 2.79
N ASP A 82 -20.07 -10.65 3.53
CA ASP A 82 -19.35 -9.44 3.15
C ASP A 82 -17.84 -9.68 2.96
N THR A 83 -17.43 -10.93 3.00
CA THR A 83 -16.01 -11.29 2.98
C THR A 83 -15.93 -12.62 2.19
N LEU A 84 -15.01 -12.73 1.21
CA LEU A 84 -14.71 -14.03 0.59
C LEU A 84 -13.45 -14.60 1.15
N ILE A 85 -13.47 -15.89 1.46
CA ILE A 85 -12.31 -16.52 1.93
C ILE A 85 -12.00 -17.71 1.06
N THR A 86 -10.73 -17.87 0.68
CA THR A 86 -10.32 -19.01 -0.18
C THR A 86 -8.85 -19.31 0.08
N ALA A 87 -8.31 -20.29 -0.66
CA ALA A 87 -6.97 -20.80 -0.37
C ALA A 87 -6.33 -21.15 -1.68
N GLY A 88 -5.00 -21.25 -1.74
CA GLY A 88 -4.35 -21.76 -2.94
C GLY A 88 -2.84 -21.56 -2.76
N ALA A 89 -2.01 -21.93 -3.74
CA ALA A 89 -0.60 -21.62 -3.68
C ALA A 89 -0.38 -20.10 -3.74
N ILE A 90 0.85 -19.68 -3.39
CA ILE A 90 1.19 -18.27 -3.47
C ILE A 90 0.89 -17.74 -4.90
N GLN A 91 1.16 -18.54 -5.92
CA GLN A 91 0.90 -18.10 -7.31
C GLN A 91 -0.44 -18.55 -7.92
N SER A 92 -1.37 -18.90 -7.05
CA SER A 92 -2.71 -19.31 -7.51
C SER A 92 -3.39 -18.27 -8.41
N ASN A 93 -3.77 -18.66 -9.63
CA ASN A 93 -4.68 -17.77 -10.38
C ASN A 93 -6.06 -17.65 -9.79
N HIS A 94 -6.53 -18.76 -9.20
CA HIS A 94 -7.82 -18.74 -8.50
C HIS A 94 -7.93 -17.68 -7.40
N VAL A 95 -6.94 -17.63 -6.52
CA VAL A 95 -6.92 -16.60 -5.47
C VAL A 95 -6.93 -15.19 -6.09
N ARG A 96 -6.10 -14.96 -7.12
CA ARG A 96 -5.99 -13.64 -7.75
C ARG A 96 -7.35 -13.20 -8.34
N GLN A 97 -8.03 -14.10 -9.06
CA GLN A 97 -9.40 -13.80 -9.57
C GLN A 97 -10.40 -13.56 -8.43
N THR A 98 -10.36 -14.43 -7.42
CA THR A 98 -11.23 -14.18 -6.23
C THR A 98 -10.97 -12.80 -5.63
N ALA A 99 -9.71 -12.47 -5.43
CA ALA A 99 -9.34 -11.20 -4.78
C ALA A 99 -9.77 -10.03 -5.66
N ALA A 100 -9.68 -10.20 -6.98
CA ALA A 100 -10.03 -9.15 -7.88
C ALA A 100 -11.52 -8.89 -7.88
N VAL A 101 -12.28 -9.95 -7.85
CA VAL A 101 -13.70 -9.79 -7.84
C VAL A 101 -14.19 -9.22 -6.46
N ALA A 102 -13.63 -9.69 -5.36
CA ALA A 102 -13.81 -9.03 -4.04
C ALA A 102 -13.57 -7.49 -4.08
N ALA A 103 -12.46 -7.05 -4.67
CA ALA A 103 -12.13 -5.59 -4.72
C ALA A 103 -13.19 -4.86 -5.52
N LYS A 104 -13.58 -5.43 -6.67
CA LYS A 104 -14.60 -4.79 -7.55
C LYS A 104 -15.93 -4.68 -6.84
N LEU A 105 -16.29 -5.65 -6.00
CA LEU A 105 -17.59 -5.57 -5.31
C LEU A 105 -17.53 -4.95 -3.91
N GLY A 106 -16.36 -4.53 -3.48
CA GLY A 106 -16.16 -3.95 -2.16
C GLY A 106 -16.28 -5.01 -1.08
N LEU A 107 -16.02 -6.28 -1.41
CA LEU A 107 -16.04 -7.35 -0.39
C LEU A 107 -14.68 -7.45 0.23
N HIS A 108 -14.63 -7.81 1.52
CA HIS A 108 -13.35 -8.15 2.10
C HIS A 108 -12.93 -9.54 1.54
N CYS A 109 -11.61 -9.79 1.57
CA CYS A 109 -11.05 -11.04 1.05
C CYS A 109 -9.83 -11.48 1.90
N VAL A 110 -9.86 -12.74 2.32
CA VAL A 110 -8.78 -13.31 3.07
C VAL A 110 -8.36 -14.58 2.34
N ALA A 111 -7.06 -14.71 2.09
CA ALA A 111 -6.49 -15.80 1.32
C ALA A 111 -5.51 -16.54 2.19
N LEU A 112 -5.65 -17.85 2.18
CA LEU A 112 -4.79 -18.72 2.88
C LEU A 112 -3.86 -19.30 1.82
N LEU A 113 -2.59 -18.94 1.87
CA LEU A 113 -1.62 -19.35 0.86
C LEU A 113 -0.57 -20.32 1.38
N GLU A 114 -0.16 -21.22 0.52
CA GLU A 114 1.00 -22.03 0.82
C GLU A 114 2.02 -21.87 -0.28
N ASN A 115 3.24 -22.27 0.05
CA ASN A 115 4.30 -22.48 -0.91
C ASN A 115 4.38 -23.96 -1.19
N PRO A 116 3.82 -24.41 -2.34
CA PRO A 116 3.80 -25.83 -2.53
C PRO A 116 5.09 -26.40 -3.05
N ILE A 117 6.04 -25.60 -3.53
CA ILE A 117 7.21 -26.18 -4.11
C ILE A 117 8.46 -25.96 -3.26
N GLY A 118 8.32 -25.34 -2.10
CA GLY A 118 9.45 -24.98 -1.22
C GLY A 118 10.50 -24.01 -1.83
N THR A 119 10.13 -23.19 -2.82
CA THR A 119 11.11 -22.28 -3.42
C THR A 119 11.43 -21.10 -2.52
N THR A 120 12.60 -20.53 -2.64
CA THR A 120 12.82 -19.29 -1.93
C THR A 120 13.00 -18.18 -2.99
N ALA A 121 12.76 -18.49 -4.28
CA ALA A 121 12.97 -17.49 -5.35
C ALA A 121 12.10 -16.25 -5.27
N GLU A 122 12.77 -15.10 -5.34
CA GLU A 122 12.08 -13.85 -5.05
C GLU A 122 10.84 -13.55 -5.94
N ASN A 123 10.91 -13.80 -7.24
CA ASN A 123 9.76 -13.57 -8.11
C ASN A 123 8.54 -14.46 -7.81
N TYR A 124 8.83 -15.69 -7.35
CA TYR A 124 7.75 -16.60 -6.99
C TYR A 124 7.10 -16.07 -5.74
N LEU A 125 7.95 -15.69 -4.76
CA LEU A 125 7.42 -15.26 -3.48
C LEU A 125 6.67 -13.93 -3.52
N THR A 126 7.02 -13.00 -4.46
CA THR A 126 6.51 -11.63 -4.39
C THR A 126 6.03 -11.04 -5.73
N ASN A 127 6.28 -11.73 -6.87
CA ASN A 127 5.90 -11.14 -8.17
C ASN A 127 4.62 -11.82 -8.69
N GLY A 128 4.22 -11.57 -9.93
CA GLY A 128 3.14 -12.36 -10.54
C GLY A 128 1.81 -12.18 -9.81
N ASN A 129 1.08 -13.26 -9.67
CA ASN A 129 -0.22 -13.21 -9.01
C ASN A 129 -0.16 -12.65 -7.60
N ARG A 130 0.91 -12.97 -6.91
CA ARG A 130 1.11 -12.53 -5.52
C ARG A 130 1.27 -11.03 -5.39
N LEU A 131 2.03 -10.45 -6.32
CA LEU A 131 1.98 -8.97 -6.49
C LEU A 131 0.53 -8.36 -6.59
N LEU A 132 -0.30 -8.93 -7.47
CA LEU A 132 -1.67 -8.45 -7.67
C LEU A 132 -2.46 -8.58 -6.37
N LEU A 133 -2.27 -9.65 -5.60
CA LEU A 133 -3.06 -9.72 -4.36
C LEU A 133 -2.89 -8.49 -3.51
N ASP A 134 -1.69 -7.98 -3.42
CA ASP A 134 -1.47 -6.74 -2.64
C ASP A 134 -2.12 -5.52 -3.23
N LEU A 135 -2.15 -5.41 -4.58
CA LEU A 135 -2.94 -4.31 -5.18
C LEU A 135 -4.41 -4.40 -4.83
N PHE A 136 -4.94 -5.62 -4.70
CA PHE A 136 -6.39 -5.76 -4.37
C PHE A 136 -6.71 -5.61 -2.88
N ASN A 137 -5.71 -5.33 -2.06
CA ASN A 137 -5.89 -5.29 -0.55
C ASN A 137 -6.33 -6.58 0.07
N THR A 138 -5.88 -7.71 -0.49
CA THR A 138 -6.22 -9.01 0.10
C THR A 138 -5.53 -9.16 1.46
N GLN A 139 -6.23 -9.67 2.44
CA GLN A 139 -5.58 -10.05 3.68
C GLN A 139 -5.00 -11.42 3.47
N ILE A 140 -3.70 -11.55 3.68
CA ILE A 140 -3.00 -12.75 3.28
C ILE A 140 -2.61 -13.50 4.55
N GLU A 141 -2.91 -14.78 4.63
CA GLU A 141 -2.39 -15.58 5.73
C GLU A 141 -1.62 -16.76 5.21
N MET A 142 -0.40 -16.92 5.65
CA MET A 142 0.39 -18.04 5.24
C MET A 142 0.03 -19.28 6.05
N CYS A 143 0.11 -20.45 5.43
CA CYS A 143 0.28 -21.68 6.21
C CYS A 143 1.45 -22.46 5.64
N ASP A 144 1.92 -23.38 6.47
CA ASP A 144 2.89 -24.40 6.13
C ASP A 144 2.53 -25.22 4.93
N ALA A 145 1.34 -25.83 4.95
CA ALA A 145 0.80 -26.60 3.86
C ALA A 145 -0.71 -26.58 4.00
N LEU A 146 -1.38 -26.65 2.85
CA LEU A 146 -2.85 -26.91 2.78
C LEU A 146 -3.06 -28.43 2.86
N THR A 147 -2.86 -28.95 4.07
CA THR A 147 -3.08 -30.38 4.34
C THR A 147 -4.55 -30.81 4.25
N ASP A 148 -5.45 -29.94 4.71
CA ASP A 148 -6.85 -30.22 4.71
C ASP A 148 -7.60 -28.90 4.40
N PRO A 149 -7.65 -28.50 3.10
CA PRO A 149 -8.02 -27.09 2.85
C PRO A 149 -9.38 -26.78 3.34
N ASP A 150 -10.30 -27.75 3.31
CA ASP A 150 -11.66 -27.50 3.75
C ASP A 150 -11.70 -27.17 5.23
N ALA A 151 -11.04 -27.98 6.06
CA ALA A 151 -10.95 -27.70 7.52
C ALA A 151 -10.18 -26.40 7.85
N GLN A 152 -9.09 -26.19 7.12
CA GLN A 152 -8.26 -25.04 7.37
C GLN A 152 -9.04 -23.75 7.01
N LEU A 153 -9.78 -23.81 5.90
CA LEU A 153 -10.65 -22.65 5.57
C LEU A 153 -11.74 -22.42 6.63
N GLN A 154 -12.26 -23.50 7.21
CA GLN A 154 -13.31 -23.34 8.26
C GLN A 154 -12.83 -22.62 9.49
N THR A 155 -11.66 -23.03 9.97
CA THR A 155 -11.01 -22.46 11.15
C THR A 155 -10.74 -20.98 10.88
N LEU A 156 -10.28 -20.69 9.65
CA LEU A 156 -10.07 -19.29 9.30
C LEU A 156 -11.40 -18.53 9.34
N ALA A 157 -12.45 -19.14 8.77
CA ALA A 157 -13.73 -18.48 8.72
C ALA A 157 -14.29 -18.22 10.14
N THR A 158 -14.14 -19.17 11.05
CA THR A 158 -14.56 -18.91 12.43
C THR A 158 -13.82 -17.67 13.02
N ARG A 159 -12.48 -17.64 12.91
CA ARG A 159 -11.71 -16.49 13.37
C ARG A 159 -12.23 -15.16 12.79
N ILE A 160 -12.56 -15.17 11.51
CA ILE A 160 -12.96 -13.96 10.80
C ILE A 160 -14.41 -13.58 11.22
N GLU A 161 -15.27 -14.61 11.38
CA GLU A 161 -16.65 -14.40 11.91
C GLU A 161 -16.60 -13.75 13.32
N ALA A 162 -15.65 -14.20 14.13
CA ALA A 162 -15.41 -13.60 15.49
C ALA A 162 -15.10 -12.11 15.48
N GLN A 163 -14.66 -11.57 14.35
CA GLN A 163 -14.47 -10.11 14.21
C GLN A 163 -15.73 -9.42 13.77
N GLY A 164 -16.81 -10.15 13.54
CA GLY A 164 -18.00 -9.51 13.04
C GLY A 164 -18.24 -9.50 11.55
N PHE A 165 -17.27 -9.95 10.77
CA PHE A 165 -17.47 -10.21 9.33
C PHE A 165 -18.44 -11.37 9.14
N ARG A 166 -19.01 -11.46 7.95
CA ARG A 166 -19.93 -12.53 7.55
C ARG A 166 -19.23 -13.19 6.33
N PRO A 167 -18.48 -14.25 6.59
CA PRO A 167 -17.53 -14.87 5.65
C PRO A 167 -18.26 -15.89 4.75
N TYR A 168 -17.81 -15.99 3.50
CA TYR A 168 -18.31 -17.02 2.61
C TYR A 168 -17.08 -17.68 2.10
N VAL A 169 -17.04 -18.98 2.34
CA VAL A 169 -15.89 -19.74 2.03
C VAL A 169 -15.95 -20.20 0.57
N ILE A 170 -14.90 -19.90 -0.19
CA ILE A 170 -14.80 -20.49 -1.55
C ILE A 170 -13.79 -21.62 -1.51
N PRO A 171 -14.22 -22.88 -1.79
CA PRO A 171 -13.21 -23.96 -1.82
C PRO A 171 -12.02 -23.71 -2.80
N VAL A 172 -10.93 -24.45 -2.62
CA VAL A 172 -9.78 -24.41 -3.52
C VAL A 172 -10.35 -24.54 -4.95
N GLY A 173 -9.85 -23.67 -5.83
CA GLY A 173 -10.29 -23.58 -7.23
C GLY A 173 -11.73 -23.15 -7.45
N GLY A 174 -12.52 -22.93 -6.39
CA GLY A 174 -13.96 -22.67 -6.56
C GLY A 174 -14.73 -23.87 -7.08
N SER A 175 -14.10 -25.04 -6.98
CA SER A 175 -14.63 -26.26 -7.57
C SER A 175 -15.66 -26.98 -6.66
N SER A 176 -16.80 -26.35 -6.47
CA SER A 176 -17.99 -27.04 -5.86
C SER A 176 -18.97 -27.24 -7.02
N ALA A 177 -20.06 -27.98 -6.84
CA ALA A 177 -21.05 -28.17 -7.91
C ALA A 177 -21.60 -26.83 -8.42
N LEU A 178 -21.91 -25.91 -7.48
CA LEU A 178 -22.34 -24.56 -7.82
C LEU A 178 -21.28 -23.79 -8.60
N GLY A 179 -20.06 -23.78 -8.13
CA GLY A 179 -19.00 -23.08 -8.86
C GLY A 179 -18.89 -23.66 -10.26
N ALA A 180 -19.03 -24.98 -10.36
CA ALA A 180 -18.76 -25.62 -11.66
C ALA A 180 -19.84 -25.33 -12.72
N MET A 181 -20.97 -24.76 -12.27
CA MET A 181 -22.04 -24.41 -13.19
C MET A 181 -21.51 -23.41 -14.21
N GLY A 182 -20.50 -22.63 -13.84
CA GLY A 182 -19.85 -21.78 -14.85
C GLY A 182 -19.27 -22.52 -16.04
N TYR A 183 -18.73 -23.77 -15.84
CA TYR A 183 -18.25 -24.53 -16.99
C TYR A 183 -19.29 -25.26 -17.74
N VAL A 184 -20.43 -25.51 -17.08
CA VAL A 184 -21.59 -26.04 -17.81
C VAL A 184 -21.99 -24.99 -18.83
N GLU A 185 -22.07 -23.74 -18.37
CA GLU A 185 -22.40 -22.61 -19.27
C GLU A 185 -21.35 -22.45 -20.37
N SER A 186 -20.06 -22.62 -20.05
CA SER A 186 -19.00 -22.56 -21.06
C SER A 186 -19.37 -23.52 -22.25
N ALA A 187 -19.87 -24.70 -21.88
CA ALA A 187 -20.10 -25.79 -22.85
C ALA A 187 -21.23 -25.35 -23.76
N LEU A 188 -22.20 -24.60 -23.25
CA LEU A 188 -23.22 -24.03 -24.13
C LEU A 188 -22.66 -23.04 -25.20
N GLU A 189 -21.78 -22.15 -24.74
CA GLU A 189 -21.07 -21.21 -25.67
C GLU A 189 -20.36 -22.00 -26.73
N ILE A 190 -19.64 -23.02 -26.27
CA ILE A 190 -18.74 -23.74 -27.14
C ILE A 190 -19.63 -24.46 -28.17
N ALA A 191 -20.74 -25.03 -27.75
CA ALA A 191 -21.55 -25.77 -28.75
C ALA A 191 -22.08 -24.77 -29.81
N GLN A 192 -22.50 -23.59 -29.34
CA GLN A 192 -23.06 -22.57 -30.24
C GLN A 192 -21.98 -22.09 -31.23
N GLN A 193 -20.77 -21.89 -30.71
CA GLN A 193 -19.69 -21.34 -31.56
C GLN A 193 -19.21 -22.35 -32.57
N CYS A 194 -19.24 -23.64 -32.24
CA CYS A 194 -18.87 -24.67 -33.19
C CYS A 194 -19.97 -24.93 -34.27
N GLU A 195 -21.25 -24.68 -33.95
CA GLU A 195 -22.39 -24.96 -34.84
C GLU A 195 -22.14 -24.54 -36.31
N GLU A 196 -22.17 -25.52 -37.21
CA GLU A 196 -21.97 -25.24 -38.62
C GLU A 196 -20.59 -24.60 -38.95
N VAL A 197 -19.61 -24.67 -38.01
CA VAL A 197 -18.30 -24.02 -38.16
C VAL A 197 -17.20 -25.05 -38.01
N VAL A 198 -17.32 -25.92 -37.00
CA VAL A 198 -16.42 -27.03 -36.98
C VAL A 198 -17.06 -28.25 -36.27
N GLY A 199 -16.77 -29.44 -36.78
CA GLY A 199 -17.16 -30.68 -36.10
C GLY A 199 -16.05 -31.17 -35.18
N LEU A 200 -16.12 -30.87 -33.88
CA LEU A 200 -15.02 -31.26 -32.97
C LEU A 200 -14.98 -32.74 -32.77
N SER A 201 -13.80 -33.34 -32.66
CA SER A 201 -13.74 -34.67 -32.14
C SER A 201 -13.38 -34.68 -30.69
N SER A 202 -12.48 -33.78 -30.29
CA SER A 202 -11.85 -33.88 -28.95
C SER A 202 -11.74 -32.52 -28.30
N VAL A 203 -11.79 -32.49 -26.98
CA VAL A 203 -11.62 -31.24 -26.21
C VAL A 203 -10.57 -31.55 -25.16
N VAL A 204 -9.59 -30.67 -24.95
CA VAL A 204 -8.52 -30.91 -23.97
C VAL A 204 -8.59 -29.78 -22.93
N VAL A 205 -8.55 -30.10 -21.65
CA VAL A 205 -8.49 -29.03 -20.61
C VAL A 205 -7.57 -29.52 -19.44
N ALA A 206 -6.88 -28.62 -18.76
CA ALA A 206 -6.13 -29.03 -17.57
C ALA A 206 -7.15 -29.48 -16.49
N SER A 207 -6.74 -30.45 -15.69
CA SER A 207 -7.66 -30.99 -14.66
C SER A 207 -6.92 -30.90 -13.32
N GLY A 208 -7.36 -29.97 -12.46
CA GLY A 208 -6.68 -29.61 -11.17
C GLY A 208 -7.73 -29.87 -10.08
N SER A 209 -8.38 -28.81 -9.63
CA SER A 209 -9.34 -28.92 -8.55
C SER A 209 -10.64 -29.51 -9.11
N ALA A 210 -10.77 -29.51 -10.45
CA ALA A 210 -11.69 -30.35 -11.21
C ALA A 210 -13.05 -29.77 -11.58
N GLY A 211 -13.36 -28.54 -11.16
CA GLY A 211 -14.62 -27.86 -11.50
C GLY A 211 -14.74 -27.63 -13.00
N THR A 212 -13.64 -27.22 -13.65
CA THR A 212 -13.69 -26.97 -15.11
C THR A 212 -13.99 -28.28 -15.86
N HIS A 213 -13.22 -29.34 -15.57
CA HIS A 213 -13.35 -30.64 -16.27
C HIS A 213 -14.78 -31.12 -16.02
N ALA A 214 -15.20 -31.11 -14.75
CA ALA A 214 -16.50 -31.73 -14.38
C ALA A 214 -17.63 -30.95 -15.01
N GLY A 215 -17.54 -29.62 -15.00
CA GLY A 215 -18.64 -28.82 -15.56
C GLY A 215 -18.67 -28.96 -17.09
N LEU A 216 -17.51 -28.99 -17.74
CA LEU A 216 -17.48 -29.27 -19.16
C LEU A 216 -17.95 -30.70 -19.41
N ALA A 217 -17.58 -31.66 -18.57
CA ALA A 217 -18.08 -33.02 -18.82
C ALA A 217 -19.60 -33.09 -18.91
N VAL A 218 -20.28 -32.47 -17.94
CA VAL A 218 -21.76 -32.49 -17.91
C VAL A 218 -22.35 -31.77 -19.14
N GLY A 219 -21.86 -30.54 -19.39
CA GLY A 219 -22.35 -29.76 -20.57
C GLY A 219 -22.18 -30.50 -21.86
N LEU A 220 -20.97 -30.95 -22.07
CA LEU A 220 -20.62 -31.61 -23.32
C LEU A 220 -21.35 -32.93 -23.51
N GLU A 221 -21.47 -33.72 -22.44
CA GLU A 221 -22.34 -34.92 -22.52
C GLU A 221 -23.73 -34.59 -23.06
N HIS A 222 -24.30 -33.49 -22.62
CA HIS A 222 -25.65 -33.17 -23.05
C HIS A 222 -25.74 -32.37 -24.35
N LEU A 223 -24.72 -31.59 -24.67
CA LEU A 223 -24.79 -30.81 -25.92
C LEU A 223 -23.97 -31.40 -27.10
N MET A 224 -22.92 -32.17 -26.82
CA MET A 224 -22.10 -32.72 -27.90
C MET A 224 -21.67 -34.10 -27.51
N PRO A 225 -22.60 -35.09 -27.47
CA PRO A 225 -22.33 -36.38 -26.84
C PRO A 225 -21.18 -37.15 -27.50
N ASP A 226 -20.86 -36.83 -28.75
CA ASP A 226 -19.89 -37.68 -29.45
C ASP A 226 -18.48 -37.09 -29.32
N VAL A 227 -18.38 -35.91 -28.74
CA VAL A 227 -17.05 -35.28 -28.57
C VAL A 227 -16.34 -35.96 -27.41
N GLU A 228 -15.04 -36.26 -27.59
CA GLU A 228 -14.29 -36.88 -26.52
C GLU A 228 -13.65 -35.77 -25.61
N LEU A 229 -14.04 -35.68 -24.34
CA LEU A 229 -13.33 -34.74 -23.40
C LEU A 229 -12.11 -35.30 -22.67
N ILE A 230 -10.93 -34.69 -22.80
CA ILE A 230 -9.72 -35.21 -22.12
C ILE A 230 -9.19 -34.24 -21.09
N GLY A 231 -9.12 -34.66 -19.81
CA GLY A 231 -8.49 -33.84 -18.82
C GLY A 231 -7.03 -34.24 -18.70
N VAL A 232 -6.15 -33.27 -18.63
CA VAL A 232 -4.73 -33.54 -18.44
C VAL A 232 -4.43 -33.10 -17.05
N THR A 233 -4.09 -34.07 -16.15
CA THR A 233 -3.85 -33.71 -14.71
C THR A 233 -2.65 -32.81 -14.54
N VAL A 234 -2.75 -31.92 -13.53
CA VAL A 234 -1.68 -30.96 -13.27
C VAL A 234 -1.14 -31.18 -11.86
N SER A 235 -1.82 -32.05 -11.11
CA SER A 235 -1.37 -32.24 -9.69
C SER A 235 -1.43 -33.69 -9.16
N ARG A 236 -2.00 -34.65 -9.90
CA ARG A 236 -2.36 -35.98 -9.28
C ARG A 236 -2.41 -36.99 -10.37
N SER A 237 -2.37 -38.28 -10.00
CA SER A 237 -2.52 -39.37 -10.95
C SER A 237 -3.96 -39.55 -11.33
N VAL A 238 -4.20 -40.27 -12.42
CA VAL A 238 -5.59 -40.63 -12.79
C VAL A 238 -6.31 -41.28 -11.58
N ALA A 239 -5.63 -42.18 -10.84
CA ALA A 239 -6.33 -42.95 -9.73
C ALA A 239 -6.80 -41.94 -8.67
N GLU A 240 -6.01 -40.91 -8.42
CA GLU A 240 -6.38 -39.97 -7.36
C GLU A 240 -7.32 -38.88 -7.85
N GLN A 241 -7.11 -38.41 -9.10
CA GLN A 241 -7.98 -37.39 -9.65
C GLN A 241 -9.39 -37.87 -10.10
N LYS A 242 -9.48 -39.08 -10.63
CA LYS A 242 -10.77 -39.45 -11.30
C LYS A 242 -11.97 -39.45 -10.35
N PRO A 243 -11.81 -39.97 -9.12
CA PRO A 243 -13.03 -39.95 -8.24
C PRO A 243 -13.46 -38.53 -7.93
N LYS A 244 -12.50 -37.58 -7.91
CA LYS A 244 -12.87 -36.19 -7.68
C LYS A 244 -13.68 -35.62 -8.78
N VAL A 245 -13.24 -35.88 -10.03
CA VAL A 245 -13.98 -35.34 -11.16
C VAL A 245 -15.37 -35.99 -11.21
N ILE A 246 -15.41 -37.32 -11.09
CA ILE A 246 -16.73 -38.03 -11.07
C ILE A 246 -17.68 -37.50 -9.99
N ALA A 247 -17.17 -37.30 -8.78
CA ALA A 247 -18.09 -36.84 -7.70
C ALA A 247 -18.71 -35.51 -8.07
N LEU A 248 -17.92 -34.58 -8.66
CA LEU A 248 -18.46 -33.31 -9.06
C LEU A 248 -19.42 -33.42 -10.21
N GLN A 249 -19.02 -34.15 -11.22
CA GLN A 249 -19.87 -34.47 -12.37
C GLN A 249 -21.27 -34.93 -11.91
N GLN A 250 -21.29 -35.89 -11.00
CA GLN A 250 -22.60 -36.42 -10.54
C GLN A 250 -23.39 -35.35 -9.72
N ALA A 251 -22.71 -34.61 -8.86
CA ALA A 251 -23.33 -33.57 -8.05
C ALA A 251 -23.87 -32.47 -8.96
N ILE A 252 -23.08 -32.07 -10.00
CA ILE A 252 -23.60 -31.08 -10.98
C ILE A 252 -24.84 -31.58 -11.70
N ALA A 253 -24.79 -32.84 -12.18
CA ALA A 253 -25.97 -33.40 -12.89
C ALA A 253 -27.21 -33.34 -12.03
N GLY A 254 -27.04 -33.77 -10.77
CA GLY A 254 -28.10 -33.79 -9.77
C GLY A 254 -28.73 -32.44 -9.59
N GLN A 255 -27.93 -31.38 -9.45
CA GLN A 255 -28.42 -29.99 -9.26
C GLN A 255 -29.21 -29.54 -10.48
N LEU A 256 -28.93 -30.15 -11.64
CA LEU A 256 -29.61 -29.76 -12.90
C LEU A 256 -30.70 -30.71 -13.32
N ALA A 257 -30.99 -31.70 -12.45
CA ALA A 257 -31.98 -32.79 -12.73
C ALA A 257 -31.64 -33.54 -14.01
N LEU A 258 -30.38 -33.93 -14.15
CA LEU A 258 -29.93 -34.59 -15.36
C LEU A 258 -29.23 -35.84 -14.89
N THR A 259 -29.09 -36.81 -15.78
CA THR A 259 -28.13 -37.89 -15.49
C THR A 259 -26.82 -37.59 -16.25
N ALA A 260 -25.72 -38.23 -15.88
CA ALA A 260 -24.43 -38.03 -16.55
C ALA A 260 -23.82 -39.39 -16.53
N THR A 261 -23.91 -40.08 -17.66
CA THR A 261 -23.37 -41.42 -17.76
C THR A 261 -22.02 -41.46 -18.48
N ALA A 262 -21.50 -40.32 -18.90
CA ALA A 262 -20.20 -40.38 -19.61
C ALA A 262 -19.10 -40.79 -18.67
N ASP A 263 -18.12 -41.49 -19.21
CA ASP A 263 -16.93 -41.86 -18.48
C ASP A 263 -16.03 -40.65 -18.47
N ILE A 264 -15.26 -40.46 -17.43
CA ILE A 264 -14.39 -39.28 -17.36
C ILE A 264 -13.04 -39.72 -17.93
N HIS A 265 -12.39 -38.90 -18.75
CA HIS A 265 -11.05 -39.34 -19.27
C HIS A 265 -9.96 -38.44 -18.76
N LEU A 266 -8.88 -39.04 -18.29
CA LEU A 266 -7.73 -38.29 -17.62
C LEU A 266 -6.41 -38.84 -18.13
N TRP A 267 -5.46 -37.94 -18.49
CA TRP A 267 -4.09 -38.40 -18.76
C TRP A 267 -3.21 -37.75 -17.70
N ASP A 268 -2.42 -38.56 -17.02
CA ASP A 268 -1.61 -38.06 -15.91
C ASP A 268 -0.12 -38.10 -16.22
N ASP A 269 0.27 -38.19 -17.47
CA ASP A 269 1.74 -38.37 -17.75
C ASP A 269 2.50 -37.02 -17.89
N TYR A 270 1.81 -35.89 -17.63
CA TYR A 270 2.36 -34.60 -18.14
C TYR A 270 2.62 -33.56 -17.06
N PHE A 271 2.52 -33.99 -15.81
CA PHE A 271 2.66 -33.03 -14.68
C PHE A 271 3.91 -33.25 -13.81
N ALA A 272 4.59 -34.38 -13.97
CA ALA A 272 5.75 -34.69 -13.12
C ALA A 272 6.78 -33.54 -13.33
N PRO A 273 7.50 -33.13 -12.25
CA PRO A 273 7.45 -33.83 -10.91
C PRO A 273 6.43 -33.39 -9.86
N GLY A 274 5.42 -32.59 -10.18
CA GLY A 274 4.43 -32.30 -9.15
C GLY A 274 3.72 -31.01 -9.47
N TYR A 275 2.58 -30.79 -8.84
CA TYR A 275 1.92 -29.53 -8.92
C TYR A 275 2.89 -28.33 -8.79
N GLY A 276 2.77 -27.37 -9.69
CA GLY A 276 3.57 -26.13 -9.55
C GLY A 276 5.02 -26.22 -9.96
N VAL A 277 5.51 -27.40 -10.34
CA VAL A 277 6.88 -27.59 -10.80
C VAL A 277 6.90 -27.60 -12.35
N PRO A 278 7.61 -26.65 -12.98
CA PRO A 278 7.62 -26.63 -14.46
C PRO A 278 8.31 -27.87 -14.91
N ASN A 279 8.02 -28.29 -16.13
CA ASN A 279 8.81 -29.34 -16.71
C ASN A 279 9.18 -29.03 -18.12
N ASP A 280 10.05 -29.84 -18.71
CA ASP A 280 10.55 -29.51 -20.04
C ASP A 280 9.47 -29.50 -21.10
N ALA A 281 8.62 -30.51 -21.13
CA ALA A 281 7.56 -30.51 -22.11
C ALA A 281 6.56 -29.33 -21.96
N GLY A 282 6.28 -28.96 -20.72
CA GLY A 282 5.50 -27.76 -20.42
C GLY A 282 6.14 -26.50 -20.99
N MET A 283 7.42 -26.33 -20.78
CA MET A 283 8.15 -25.15 -21.25
C MET A 283 8.18 -25.17 -22.75
N GLU A 284 8.43 -26.33 -23.38
CA GLU A 284 8.43 -26.38 -24.83
CA GLU A 284 8.40 -26.46 -24.85
C GLU A 284 7.05 -26.09 -25.40
N ALA A 285 5.98 -26.56 -24.73
CA ALA A 285 4.61 -26.15 -25.17
C ALA A 285 4.35 -24.62 -25.07
N VAL A 286 4.73 -24.02 -23.96
CA VAL A 286 4.63 -22.55 -23.86
C VAL A 286 5.39 -21.87 -25.02
N LYS A 287 6.64 -22.31 -25.27
CA LYS A 287 7.41 -21.72 -26.38
C LYS A 287 6.78 -21.90 -27.72
N LEU A 288 6.22 -23.10 -27.92
CA LEU A 288 5.56 -23.35 -29.19
C LEU A 288 4.32 -22.46 -29.45
N LEU A 289 3.48 -22.29 -28.43
CA LEU A 289 2.30 -21.51 -28.62
C LEU A 289 2.64 -20.01 -28.74
N ALA A 290 3.64 -19.57 -27.98
CA ALA A 290 4.01 -18.15 -28.02
C ALA A 290 4.56 -17.85 -29.47
N SER A 291 5.42 -18.74 -29.92
CA SER A 291 6.15 -18.50 -31.12
C SER A 291 5.38 -18.73 -32.38
N LEU A 292 4.43 -19.68 -32.37
CA LEU A 292 3.54 -19.95 -33.50
C LEU A 292 2.26 -19.14 -33.55
N GLU A 293 1.72 -18.80 -32.39
CA GLU A 293 0.38 -18.21 -32.34
C GLU A 293 0.35 -16.93 -31.54
N GLY A 294 1.44 -16.53 -30.90
CA GLY A 294 1.34 -15.29 -30.12
C GLY A 294 0.44 -15.50 -28.91
N VAL A 295 0.25 -16.78 -28.54
CA VAL A 295 -0.61 -17.12 -27.37
C VAL A 295 0.28 -17.41 -26.15
N LEU A 296 -0.12 -16.95 -24.98
CA LEU A 296 0.68 -17.13 -23.78
C LEU A 296 -0.01 -18.18 -22.90
N LEU A 297 0.71 -19.28 -22.67
CA LEU A 297 0.27 -20.36 -21.74
C LEU A 297 0.99 -20.14 -20.42
N ASP A 298 1.16 -21.16 -19.58
CA ASP A 298 1.79 -20.91 -18.28
C ASP A 298 2.41 -22.26 -17.80
N PRO A 299 3.46 -22.19 -16.98
CA PRO A 299 4.21 -23.36 -16.59
C PRO A 299 3.42 -24.37 -15.68
N VAL A 300 2.37 -23.95 -15.01
CA VAL A 300 1.71 -24.80 -13.95
C VAL A 300 0.57 -25.62 -14.50
N TYR A 301 -0.28 -24.96 -15.27
CA TYR A 301 -1.48 -25.54 -15.81
C TYR A 301 -1.52 -25.72 -17.33
N THR A 302 -1.67 -24.64 -18.05
CA THR A 302 -1.91 -24.75 -19.53
C THR A 302 -0.73 -25.24 -20.32
N GLY A 303 0.50 -24.93 -19.95
CA GLY A 303 1.66 -25.51 -20.66
C GLY A 303 1.72 -27.01 -20.52
N LYS A 304 1.34 -27.52 -19.33
CA LYS A 304 1.30 -28.95 -19.11
C LYS A 304 0.15 -29.57 -19.87
N ALA A 305 -1.06 -28.95 -19.85
CA ALA A 305 -2.15 -29.51 -20.61
C ALA A 305 -1.82 -29.49 -22.13
N MET A 306 -1.19 -28.41 -22.60
CA MET A 306 -0.89 -28.40 -24.04
C MET A 306 0.21 -29.40 -24.35
N ALA A 307 1.17 -29.57 -23.47
CA ALA A 307 2.16 -30.67 -23.70
C ALA A 307 1.40 -32.00 -23.85
N GLY A 308 0.28 -32.14 -23.12
CA GLY A 308 -0.52 -33.37 -23.19
C GLY A 308 -1.18 -33.56 -24.55
N LEU A 309 -1.77 -32.47 -25.02
CA LEU A 309 -2.45 -32.47 -26.28
C LEU A 309 -1.43 -32.85 -27.32
N ILE A 310 -0.26 -32.21 -27.28
CA ILE A 310 0.77 -32.47 -28.34
C ILE A 310 1.21 -33.95 -28.35
N ASP A 311 1.53 -34.48 -27.21
CA ASP A 311 2.00 -35.90 -27.12
C ASP A 311 0.86 -36.84 -27.47
N GLY A 312 -0.36 -36.48 -27.07
CA GLY A 312 -1.52 -37.26 -27.49
C GLY A 312 -1.62 -37.37 -29.01
N ILE A 313 -1.40 -36.25 -29.73
CA ILE A 313 -1.37 -36.32 -31.25
C ILE A 313 -0.22 -37.22 -31.72
N SER A 314 0.97 -36.98 -31.20
CA SER A 314 2.14 -37.77 -31.50
C SER A 314 1.94 -39.28 -31.28
N GLN A 315 1.33 -39.65 -30.13
CA GLN A 315 1.09 -41.07 -29.82
C GLN A 315 -0.25 -41.63 -30.29
N LYS A 316 -1.07 -40.84 -30.98
CA LYS A 316 -2.36 -41.27 -31.42
C LYS A 316 -3.24 -41.69 -30.23
N ARG A 317 -3.24 -40.88 -29.16
CA ARG A 317 -3.99 -41.18 -27.97
C ARG A 317 -5.47 -40.80 -28.10
N PHE A 318 -5.82 -39.85 -28.97
CA PHE A 318 -7.22 -39.43 -29.08
C PHE A 318 -8.05 -40.49 -29.84
N ASN A 319 -9.38 -40.36 -29.76
N ASN A 319 -9.39 -40.41 -29.77
CA ASN A 319 -10.36 -41.23 -30.43
CA ASN A 319 -10.26 -41.38 -30.45
C ASN A 319 -10.17 -41.28 -31.97
C ASN A 319 -10.22 -41.29 -31.99
N ASP A 320 -9.95 -40.12 -32.60
CA ASP A 320 -9.60 -40.10 -34.05
C ASP A 320 -8.61 -39.03 -34.55
N ASP A 321 -8.68 -38.71 -35.81
CA ASP A 321 -7.77 -37.69 -36.27
C ASP A 321 -8.43 -36.36 -36.38
N GLY A 322 -9.62 -36.22 -35.80
CA GLY A 322 -10.46 -35.00 -36.06
C GLY A 322 -10.05 -33.77 -35.20
N PRO A 323 -10.74 -32.64 -35.37
CA PRO A 323 -10.31 -31.37 -34.73
C PRO A 323 -10.34 -31.46 -33.21
N ILE A 324 -9.45 -30.71 -32.58
CA ILE A 324 -9.28 -30.72 -31.12
C ILE A 324 -9.45 -29.30 -30.70
N LEU A 325 -10.27 -29.09 -29.66
CA LEU A 325 -10.38 -27.79 -29.07
C LEU A 325 -9.62 -27.77 -27.74
N PHE A 326 -8.69 -26.82 -27.60
CA PHE A 326 -7.98 -26.64 -26.33
C PHE A 326 -8.71 -25.52 -25.53
N ILE A 327 -9.00 -25.79 -24.27
CA ILE A 327 -9.57 -24.80 -23.40
C ILE A 327 -8.45 -24.07 -22.71
N HIS A 328 -8.28 -22.81 -23.09
CA HIS A 328 -7.28 -22.03 -22.46
C HIS A 328 -7.89 -21.47 -21.18
N THR A 329 -7.43 -22.02 -20.04
CA THR A 329 -7.98 -21.63 -18.74
C THR A 329 -7.23 -20.47 -18.04
N GLY A 330 -6.16 -19.97 -18.63
CA GLY A 330 -5.59 -18.72 -18.17
C GLY A 330 -4.19 -19.02 -17.65
N GLY A 331 -3.71 -18.26 -16.69
CA GLY A 331 -2.48 -18.63 -15.99
C GLY A 331 -1.24 -17.86 -16.32
N ALA A 332 -1.29 -17.05 -17.41
CA ALA A 332 -0.07 -16.33 -17.86
C ALA A 332 0.68 -15.46 -16.83
N PRO A 333 -0.01 -14.82 -15.88
CA PRO A 333 0.75 -13.99 -15.00
C PRO A 333 1.77 -14.80 -14.20
N ALA A 334 1.60 -16.13 -14.11
CA ALA A 334 2.65 -16.92 -13.41
C ALA A 334 3.94 -16.92 -14.21
N LEU A 335 3.90 -16.64 -15.51
CA LEU A 335 5.20 -16.57 -16.25
C LEU A 335 6.20 -15.66 -15.56
N PHE A 336 5.70 -14.54 -15.04
CA PHE A 336 6.57 -13.53 -14.51
C PHE A 336 7.03 -13.90 -13.09
N ALA A 337 6.29 -14.79 -12.42
CA ALA A 337 6.69 -15.22 -11.10
C ALA A 337 7.74 -16.33 -11.22
N TYR A 338 7.64 -17.20 -12.24
CA TYR A 338 8.52 -18.32 -12.44
C TYR A 338 9.81 -17.93 -13.03
N HIS A 339 9.86 -16.72 -13.61
CA HIS A 339 11.06 -16.21 -14.25
C HIS A 339 12.02 -15.57 -13.22
N PRO A 340 13.34 -15.77 -13.33
CA PRO A 340 14.13 -16.62 -14.25
C PRO A 340 14.10 -18.13 -13.89
N HIS A 341 13.87 -18.42 -12.63
CA HIS A 341 13.77 -19.81 -12.19
C HIS A 341 13.20 -19.88 -10.78
N VAL A 342 12.77 -21.05 -10.37
CA VAL A 342 12.36 -21.26 -9.00
C VAL A 342 13.28 -22.33 -8.36
N LEU B 20 -12.89 5.31 -44.00
CA LEU B 20 -12.27 4.33 -43.04
C LEU B 20 -12.33 2.91 -43.53
N THR B 21 -13.51 2.51 -44.01
CA THR B 21 -13.70 1.17 -44.54
C THR B 21 -12.88 0.98 -45.82
N ARG B 22 -12.29 2.06 -46.34
CA ARG B 22 -11.36 2.00 -47.50
C ARG B 22 -10.02 1.32 -47.21
N PHE B 23 -9.47 1.48 -46.00
CA PHE B 23 -8.10 0.98 -45.72
C PHE B 23 -8.10 -0.55 -45.45
N PRO B 24 -7.15 -1.29 -46.04
CA PRO B 24 -7.10 -2.67 -45.66
C PRO B 24 -6.78 -2.79 -44.14
N ARG B 25 -7.41 -3.74 -43.44
CA ARG B 25 -7.08 -3.97 -42.05
C ARG B 25 -7.24 -5.46 -41.70
N LEU B 26 -6.38 -5.96 -40.82
CA LEU B 26 -6.55 -7.30 -40.25
C LEU B 26 -7.53 -7.31 -39.05
N GLU B 27 -8.04 -8.48 -38.68
CA GLU B 27 -9.00 -8.54 -37.60
C GLU B 27 -8.20 -9.08 -36.41
N PHE B 28 -7.73 -8.19 -35.54
CA PHE B 28 -7.08 -8.63 -34.29
C PHE B 28 -7.98 -8.54 -33.04
N ILE B 29 -9.01 -7.70 -33.10
CA ILE B 29 -9.78 -7.41 -31.91
C ILE B 29 -11.15 -8.06 -31.90
N GLY B 30 -11.95 -7.83 -32.93
CA GLY B 30 -13.27 -8.43 -32.91
C GLY B 30 -14.33 -7.50 -32.35
N ALA B 31 -15.09 -8.00 -31.38
CA ALA B 31 -16.19 -7.24 -30.80
C ALA B 31 -15.62 -5.94 -30.17
N PRO B 32 -16.44 -4.90 -30.07
CA PRO B 32 -15.93 -3.68 -29.41
C PRO B 32 -15.54 -4.07 -27.99
N THR B 33 -14.45 -3.49 -27.47
CA THR B 33 -14.08 -3.75 -26.05
C THR B 33 -15.11 -3.12 -25.10
N PRO B 34 -15.25 -3.66 -23.86
CA PRO B 34 -16.25 -3.10 -22.92
C PRO B 34 -16.08 -1.61 -22.63
N LEU B 35 -17.19 -0.96 -22.34
CA LEU B 35 -17.17 0.38 -21.79
C LEU B 35 -17.99 0.24 -20.53
N GLU B 36 -17.38 0.55 -19.38
CA GLU B 36 -17.93 0.10 -18.08
C GLU B 36 -18.07 1.26 -17.13
N TYR B 37 -19.13 1.26 -16.33
CA TYR B 37 -19.22 2.23 -15.23
C TYR B 37 -18.34 1.77 -14.07
N LEU B 38 -17.67 2.70 -13.40
CA LEU B 38 -16.86 2.33 -12.23
C LEU B 38 -17.56 2.85 -10.97
N PRO B 39 -18.43 2.03 -10.34
CA PRO B 39 -19.26 2.66 -9.35
C PRO B 39 -18.50 2.96 -8.05
N ARG B 40 -17.49 2.15 -7.70
CA ARG B 40 -16.80 2.34 -6.41
C ARG B 40 -15.87 3.53 -6.53
N LEU B 41 -15.17 3.63 -7.66
CA LEU B 41 -14.27 4.74 -7.83
C LEU B 41 -15.07 6.07 -7.97
N SER B 42 -16.21 5.99 -8.66
CA SER B 42 -17.15 7.11 -8.77
C SER B 42 -17.65 7.57 -7.39
N ASP B 43 -17.98 6.62 -6.55
CA ASP B 43 -18.39 6.90 -5.16
CA ASP B 43 -18.38 6.96 -5.18
C ASP B 43 -17.28 7.60 -4.37
N TYR B 44 -16.06 7.09 -4.50
CA TYR B 44 -14.92 7.68 -3.83
C TYR B 44 -14.58 9.07 -4.29
N LEU B 45 -14.65 9.31 -5.59
CA LEU B 45 -14.24 10.59 -6.15
C LEU B 45 -15.32 11.67 -6.21
N GLY B 46 -16.57 11.25 -6.03
CA GLY B 46 -17.74 12.12 -6.08
C GLY B 46 -18.06 12.58 -7.50
N ARG B 47 -17.91 11.70 -8.47
CA ARG B 47 -18.06 12.05 -9.88
C ARG B 47 -18.26 10.73 -10.66
N GLU B 48 -19.05 10.73 -11.72
CA GLU B 48 -19.36 9.50 -12.46
C GLU B 48 -18.16 9.18 -13.35
N ILE B 49 -17.56 8.01 -13.19
CA ILE B 49 -16.38 7.67 -14.01
C ILE B 49 -16.64 6.40 -14.78
N TYR B 50 -16.29 6.38 -16.06
CA TYR B 50 -16.51 5.18 -16.90
C TYR B 50 -15.14 4.77 -17.47
N ILE B 51 -15.01 3.58 -18.00
CA ILE B 51 -13.70 3.23 -18.53
C ILE B 51 -13.90 2.44 -19.78
N LYS B 52 -13.06 2.74 -20.75
CA LYS B 52 -13.02 2.06 -22.02
C LYS B 52 -11.93 1.02 -21.88
N ARG B 53 -12.29 -0.27 -21.84
CA ARG B 53 -11.35 -1.33 -21.58
C ARG B 53 -10.54 -1.74 -22.84
N ASP B 54 -9.69 -0.87 -23.37
CA ASP B 54 -8.84 -1.31 -24.47
C ASP B 54 -7.66 -2.13 -23.95
N ASP B 55 -7.60 -2.33 -22.61
CA ASP B 55 -6.60 -3.21 -22.07
C ASP B 55 -7.02 -4.70 -22.26
N VAL B 56 -8.27 -4.95 -22.65
CA VAL B 56 -8.76 -6.33 -22.77
C VAL B 56 -8.71 -6.87 -24.20
N THR B 57 -8.07 -6.17 -25.15
CA THR B 57 -7.85 -6.74 -26.51
C THR B 57 -7.17 -8.12 -26.46
N PRO B 58 -7.53 -9.08 -27.37
CA PRO B 58 -7.27 -10.50 -26.97
C PRO B 58 -5.89 -11.06 -27.24
N ILE B 59 -4.99 -10.31 -27.90
CA ILE B 59 -3.69 -10.85 -28.18
C ILE B 59 -2.63 -10.50 -27.15
N ALA B 60 -2.00 -11.53 -26.59
CA ALA B 60 -0.84 -11.40 -25.71
C ALA B 60 -0.90 -10.28 -24.69
N MET B 61 -1.95 -10.29 -23.86
CA MET B 61 -2.13 -9.37 -22.70
C MET B 61 -2.59 -7.99 -23.09
N GLY B 62 -2.83 -7.76 -24.39
CA GLY B 62 -3.79 -6.70 -24.77
C GLY B 62 -3.10 -5.35 -24.96
N GLY B 63 -3.94 -4.35 -25.21
CA GLY B 63 -3.56 -2.96 -25.21
C GLY B 63 -4.04 -2.28 -26.47
N ASN B 64 -3.81 -0.97 -26.51
CA ASN B 64 -4.24 -0.08 -27.59
C ASN B 64 -3.54 -0.33 -28.90
N LYS B 65 -2.31 -0.85 -28.86
CA LYS B 65 -1.51 -0.90 -30.06
C LYS B 65 -2.03 -1.90 -31.08
N LEU B 66 -2.73 -2.94 -30.61
CA LEU B 66 -3.35 -3.87 -31.54
C LEU B 66 -4.27 -3.15 -32.54
N ARG B 67 -5.01 -2.15 -32.07
CA ARG B 67 -5.90 -1.39 -32.96
C ARG B 67 -5.15 -0.74 -34.10
N LYS B 68 -4.01 -0.14 -33.80
CA LYS B 68 -3.11 0.38 -34.81
C LYS B 68 -2.52 -0.70 -35.72
N LEU B 69 -2.14 -1.83 -35.14
CA LEU B 69 -1.49 -2.88 -35.89
C LEU B 69 -2.45 -3.52 -36.88
N GLU B 70 -3.75 -3.40 -36.65
CA GLU B 70 -4.70 -3.94 -37.65
C GLU B 70 -4.46 -3.24 -39.04
N PHE B 71 -4.17 -1.94 -39.02
CA PHE B 71 -3.95 -1.21 -40.27
C PHE B 71 -2.48 -1.37 -40.74
N LEU B 72 -1.52 -1.24 -39.82
CA LEU B 72 -0.13 -1.25 -40.27
C LEU B 72 0.26 -2.61 -40.80
N VAL B 73 -0.19 -3.67 -40.12
CA VAL B 73 0.22 -5.00 -40.55
C VAL B 73 -0.47 -5.44 -41.87
N ALA B 74 -1.69 -5.01 -42.10
CA ALA B 74 -2.40 -5.23 -43.36
C ALA B 74 -1.59 -4.60 -44.45
N ASP B 75 -1.05 -3.43 -44.17
CA ASP B 75 -0.17 -2.72 -45.13
C ASP B 75 1.12 -3.47 -45.34
N ALA B 76 1.70 -3.99 -44.26
CA ALA B 76 2.91 -4.76 -44.39
C ALA B 76 2.72 -5.94 -45.31
N LEU B 77 1.62 -6.66 -45.17
CA LEU B 77 1.42 -7.85 -46.00
C LEU B 77 1.15 -7.50 -47.48
N ARG B 78 0.35 -6.45 -47.71
CA ARG B 78 0.22 -5.80 -49.02
C ARG B 78 1.57 -5.53 -49.68
N GLU B 79 2.57 -5.06 -48.93
CA GLU B 79 3.89 -4.92 -49.54
C GLU B 79 4.66 -6.22 -49.67
N GLY B 80 4.07 -7.37 -49.31
CA GLY B 80 4.79 -8.67 -49.21
C GLY B 80 5.98 -8.76 -48.22
N ALA B 81 5.88 -7.99 -47.14
CA ALA B 81 6.96 -8.02 -46.17
C ALA B 81 6.91 -9.35 -45.41
N ASP B 82 8.04 -9.83 -44.94
CA ASP B 82 8.18 -11.09 -44.11
C ASP B 82 8.73 -10.79 -42.68
N THR B 83 8.92 -9.50 -42.39
CA THR B 83 9.59 -9.01 -41.18
C THR B 83 8.96 -7.69 -40.79
N LEU B 84 8.67 -7.58 -39.49
CA LEU B 84 8.22 -6.35 -38.85
C LEU B 84 9.35 -5.81 -37.96
N ILE B 85 9.61 -4.51 -38.11
CA ILE B 85 10.67 -3.86 -37.37
C ILE B 85 10.09 -2.67 -36.62
N THR B 86 10.37 -2.63 -35.32
CA THR B 86 9.95 -1.47 -34.51
C THR B 86 10.93 -1.14 -33.34
N ALA B 87 10.61 -0.13 -32.57
CA ALA B 87 11.55 0.36 -31.53
C ALA B 87 10.76 0.75 -30.30
N GLY B 88 11.41 0.75 -29.14
CA GLY B 88 10.75 1.23 -27.91
C GLY B 88 11.72 0.99 -26.79
N ALA B 89 11.28 1.30 -25.57
CA ALA B 89 12.07 0.96 -24.39
C ALA B 89 12.06 -0.56 -24.24
N ILE B 90 12.97 -1.06 -23.42
CA ILE B 90 12.97 -2.53 -23.11
C ILE B 90 11.58 -2.96 -22.66
N GLN B 91 10.89 -2.17 -21.86
CA GLN B 91 9.53 -2.52 -21.43
C GLN B 91 8.35 -2.03 -22.26
N SER B 92 8.56 -1.69 -23.53
CA SER B 92 7.50 -1.14 -24.38
C SER B 92 6.32 -2.13 -24.54
N ASN B 93 5.07 -1.68 -24.29
CA ASN B 93 3.91 -2.50 -24.70
C ASN B 93 3.78 -2.61 -26.20
N HIS B 94 4.08 -1.51 -26.84
CA HIS B 94 3.97 -1.47 -28.29
C HIS B 94 4.84 -2.52 -28.98
N VAL B 95 6.10 -2.65 -28.54
CA VAL B 95 7.01 -3.66 -29.11
C VAL B 95 6.48 -5.11 -28.83
N ARG B 96 5.96 -5.31 -27.61
CA ARG B 96 5.43 -6.62 -27.22
C ARG B 96 4.25 -6.97 -28.14
N GLN B 97 3.35 -6.00 -28.40
CA GLN B 97 2.19 -6.34 -29.13
C GLN B 97 2.61 -6.56 -30.58
N THR B 98 3.52 -5.72 -31.10
CA THR B 98 4.05 -5.95 -32.45
C THR B 98 4.64 -7.34 -32.61
N ALA B 99 5.37 -7.78 -31.59
CA ALA B 99 6.14 -9.05 -31.65
C ALA B 99 5.13 -10.20 -31.55
N ALA B 100 4.06 -10.00 -30.80
CA ALA B 100 3.06 -11.06 -30.70
C ALA B 100 2.33 -11.24 -32.05
N VAL B 101 1.95 -10.11 -32.66
CA VAL B 101 1.25 -10.16 -33.93
C VAL B 101 2.18 -10.79 -34.99
N ALA B 102 3.47 -10.43 -34.98
CA ALA B 102 4.44 -11.07 -35.92
C ALA B 102 4.37 -12.61 -35.74
N ALA B 103 4.43 -13.07 -34.49
CA ALA B 103 4.56 -14.51 -34.23
C ALA B 103 3.32 -15.18 -34.77
N LYS B 104 2.17 -14.55 -34.52
CA LYS B 104 0.87 -15.10 -34.86
C LYS B 104 0.76 -15.27 -36.36
N LEU B 105 1.32 -14.27 -37.06
CA LEU B 105 1.28 -14.23 -38.52
C LEU B 105 2.46 -14.92 -39.19
N GLY B 106 3.42 -15.43 -38.44
CA GLY B 106 4.63 -16.11 -39.08
C GLY B 106 5.61 -15.13 -39.76
N LEU B 107 5.60 -13.90 -39.26
CA LEU B 107 6.57 -12.84 -39.70
C LEU B 107 7.69 -12.82 -38.68
N HIS B 108 8.92 -12.61 -39.14
CA HIS B 108 10.02 -12.39 -38.23
C HIS B 108 9.80 -11.04 -37.53
N CYS B 109 10.42 -10.82 -36.38
CA CYS B 109 10.29 -9.51 -35.77
C CYS B 109 11.65 -9.09 -35.23
N VAL B 110 11.99 -7.83 -35.49
CA VAL B 110 13.20 -7.18 -35.01
C VAL B 110 12.83 -5.95 -34.18
N ALA B 111 13.34 -5.95 -32.94
CA ALA B 111 13.03 -4.89 -32.02
C ALA B 111 14.27 -4.13 -31.68
N LEU B 112 14.24 -2.82 -31.99
CA LEU B 112 15.27 -1.93 -31.54
C LEU B 112 14.94 -1.35 -30.16
N LEU B 113 15.70 -1.73 -29.13
CA LEU B 113 15.36 -1.37 -27.75
C LEU B 113 16.36 -0.42 -27.07
N GLU B 114 15.86 0.46 -26.20
CA GLU B 114 16.76 1.28 -25.38
C GLU B 114 16.30 1.14 -23.89
N ASN B 115 17.21 1.41 -22.97
CA ASN B 115 16.93 1.47 -21.55
C ASN B 115 16.79 2.95 -21.28
N PRO B 116 15.57 3.46 -21.16
CA PRO B 116 15.42 4.91 -21.10
C PRO B 116 15.69 5.43 -19.69
N ILE B 117 15.89 4.54 -18.69
CA ILE B 117 15.91 5.03 -17.30
C ILE B 117 17.21 4.70 -16.57
N GLY B 118 18.11 4.11 -17.31
CA GLY B 118 19.45 3.80 -16.85
C GLY B 118 19.46 2.73 -15.78
N THR B 119 18.37 1.99 -15.58
CA THR B 119 18.36 0.97 -14.54
C THR B 119 19.18 -0.30 -14.85
N THR B 120 19.71 -0.93 -13.80
CA THR B 120 20.23 -2.26 -13.96
C THR B 120 19.34 -3.28 -13.22
N ALA B 121 18.15 -2.89 -12.79
CA ALA B 121 17.31 -3.87 -11.99
C ALA B 121 16.87 -5.06 -12.85
N GLU B 122 17.00 -6.27 -12.29
CA GLU B 122 16.81 -7.47 -13.08
C GLU B 122 15.39 -7.63 -13.69
N ASN B 123 14.37 -7.22 -12.96
CA ASN B 123 13.00 -7.42 -13.52
C ASN B 123 12.72 -6.49 -14.67
N TYR B 124 13.36 -5.31 -14.63
CA TYR B 124 13.13 -4.28 -15.70
C TYR B 124 13.89 -4.82 -16.89
N LEU B 125 15.10 -5.34 -16.66
CA LEU B 125 15.94 -5.84 -17.76
C LEU B 125 15.45 -7.11 -18.46
N THR B 126 14.71 -7.96 -17.75
CA THR B 126 14.45 -9.32 -18.27
C THR B 126 13.04 -9.92 -18.09
N ASN B 127 12.24 -9.31 -17.26
CA ASN B 127 10.89 -9.79 -16.94
C ASN B 127 9.81 -8.93 -17.67
N GLY B 128 8.55 -9.11 -17.32
CA GLY B 128 7.41 -8.35 -17.92
C GLY B 128 7.47 -8.38 -19.44
N ASN B 129 7.36 -7.23 -20.09
CA ASN B 129 7.24 -7.24 -21.60
C ASN B 129 8.46 -7.84 -22.26
N ARG B 130 9.63 -7.64 -21.66
CA ARG B 130 10.85 -8.16 -22.27
C ARG B 130 10.91 -9.69 -22.28
N LEU B 131 10.35 -10.31 -21.21
CA LEU B 131 10.31 -11.77 -21.17
C LEU B 131 9.46 -12.30 -22.32
N LEU B 132 8.36 -11.61 -22.55
CA LEU B 132 7.51 -12.02 -23.61
C LEU B 132 8.18 -11.93 -25.00
N LEU B 133 9.03 -10.93 -25.20
CA LEU B 133 9.67 -10.81 -26.51
C LEU B 133 10.47 -12.01 -26.78
N ASP B 134 11.12 -12.56 -25.73
CA ASP B 134 11.88 -13.82 -25.87
C ASP B 134 10.95 -15.00 -26.20
N LEU B 135 9.80 -15.07 -25.52
CA LEU B 135 8.82 -16.14 -25.89
C LEU B 135 8.37 -16.04 -27.36
N PHE B 136 8.31 -14.83 -27.90
CA PHE B 136 7.86 -14.65 -29.28
C PHE B 136 9.02 -14.74 -30.26
N ASN B 137 10.19 -15.22 -29.82
CA ASN B 137 11.38 -15.32 -30.74
C ASN B 137 11.71 -14.01 -31.45
N THR B 138 11.50 -12.88 -30.77
CA THR B 138 11.86 -11.56 -31.33
C THR B 138 13.41 -11.41 -31.37
N GLN B 139 13.93 -10.88 -32.46
CA GLN B 139 15.36 -10.61 -32.58
C GLN B 139 15.58 -9.24 -31.91
N ILE B 140 16.47 -9.19 -30.96
CA ILE B 140 16.67 -7.96 -30.14
C ILE B 140 17.92 -7.20 -30.58
N GLU B 141 17.74 -5.93 -30.93
CA GLU B 141 18.91 -5.01 -31.12
C GLU B 141 18.90 -3.87 -30.07
N MET B 142 19.93 -3.84 -29.21
CA MET B 142 20.07 -2.77 -28.23
C MET B 142 20.66 -1.46 -28.85
N CYS B 143 20.25 -0.30 -28.36
CA CYS B 143 20.90 0.92 -28.83
C CYS B 143 20.97 1.79 -27.61
N ASP B 144 21.92 2.72 -27.62
CA ASP B 144 22.16 3.57 -26.47
C ASP B 144 21.06 4.55 -26.26
N ALA B 145 20.43 5.00 -27.33
CA ALA B 145 19.32 5.90 -27.14
C ALA B 145 18.57 5.98 -28.43
N LEU B 146 17.25 6.08 -28.34
CA LEU B 146 16.47 6.37 -29.52
C LEU B 146 16.47 7.88 -29.74
N THR B 147 17.60 8.41 -30.19
CA THR B 147 17.71 9.88 -30.46
C THR B 147 16.92 10.35 -31.71
N ASP B 148 16.89 9.50 -32.75
CA ASP B 148 16.11 9.76 -33.94
C ASP B 148 15.42 8.43 -34.41
N PRO B 149 14.39 7.97 -33.66
CA PRO B 149 13.83 6.64 -33.89
C PRO B 149 13.55 6.39 -35.39
N ASP B 150 13.00 7.39 -36.09
CA ASP B 150 12.62 7.17 -37.51
C ASP B 150 13.83 6.85 -38.40
N ALA B 151 14.91 7.59 -38.19
CA ALA B 151 16.13 7.41 -38.96
C ALA B 151 16.81 6.09 -38.59
N GLN B 152 16.91 5.84 -37.28
CA GLN B 152 17.53 4.60 -36.80
C GLN B 152 16.71 3.34 -37.26
N LEU B 153 15.39 3.45 -37.29
CA LEU B 153 14.63 2.28 -37.75
C LEU B 153 14.95 2.03 -39.25
N GLN B 154 15.07 3.15 -39.96
CA GLN B 154 15.34 3.19 -41.41
C GLN B 154 16.67 2.49 -41.70
N THR B 155 17.67 2.80 -40.89
CA THR B 155 19.01 2.24 -41.04
C THR B 155 19.01 0.74 -40.76
N LEU B 156 18.33 0.36 -39.68
CA LEU B 156 18.25 -1.05 -39.35
C LEU B 156 17.47 -1.83 -40.44
N ALA B 157 16.44 -1.22 -41.00
CA ALA B 157 15.62 -1.92 -41.98
C ALA B 157 16.52 -2.28 -43.19
N THR B 158 17.37 -1.32 -43.55
CA THR B 158 18.33 -1.55 -44.65
C THR B 158 19.34 -2.67 -44.31
N ARG B 159 19.90 -2.71 -43.11
CA ARG B 159 20.76 -3.87 -42.80
C ARG B 159 19.96 -5.15 -42.93
N ILE B 160 18.80 -5.25 -42.25
CA ILE B 160 18.03 -6.50 -42.24
C ILE B 160 17.67 -6.97 -43.66
N GLU B 161 17.30 -6.01 -44.51
CA GLU B 161 17.02 -6.33 -45.91
C GLU B 161 18.28 -6.96 -46.47
N ALA B 162 19.42 -6.29 -46.29
CA ALA B 162 20.72 -6.85 -46.70
C ALA B 162 21.01 -8.29 -46.22
N GLN B 163 20.38 -8.76 -45.16
CA GLN B 163 20.54 -10.17 -44.76
C GLN B 163 19.58 -11.13 -45.45
N GLY B 164 18.71 -10.62 -46.32
CA GLY B 164 17.76 -11.50 -47.06
C GLY B 164 16.29 -11.32 -46.72
N PHE B 165 15.97 -10.43 -45.79
CA PHE B 165 14.57 -10.25 -45.42
C PHE B 165 13.87 -9.14 -46.17
N ARG B 166 12.55 -9.14 -46.07
CA ARG B 166 11.74 -8.07 -46.61
C ARG B 166 11.05 -7.33 -45.46
N PRO B 167 11.72 -6.30 -44.90
CA PRO B 167 11.17 -5.64 -43.69
C PRO B 167 10.12 -4.59 -43.97
N TYR B 168 9.16 -4.50 -43.03
CA TYR B 168 8.28 -3.36 -42.97
C TYR B 168 8.52 -2.61 -41.64
N VAL B 169 8.69 -1.29 -41.73
CA VAL B 169 9.00 -0.55 -40.51
C VAL B 169 7.71 -0.07 -39.87
N ILE B 170 7.55 -0.39 -38.58
CA ILE B 170 6.51 0.24 -37.79
C ILE B 170 7.10 1.38 -36.94
N PRO B 171 6.64 2.66 -37.10
CA PRO B 171 7.16 3.74 -36.23
C PRO B 171 6.91 3.56 -34.72
N VAL B 172 7.64 4.31 -33.88
CA VAL B 172 7.42 4.31 -32.40
C VAL B 172 5.93 4.51 -32.00
N GLY B 173 5.46 3.69 -31.05
CA GLY B 173 4.03 3.58 -30.66
C GLY B 173 3.09 3.18 -31.80
N GLY B 174 3.64 2.81 -32.96
CA GLY B 174 2.89 2.69 -34.23
C GLY B 174 2.04 3.91 -34.55
N SER B 175 2.51 5.06 -34.11
CA SER B 175 1.73 6.31 -34.19
C SER B 175 1.87 7.17 -35.49
N SER B 176 1.77 6.54 -36.67
CA SER B 176 1.56 7.26 -37.99
C SER B 176 0.06 7.52 -38.30
N ALA B 177 -0.21 8.30 -39.36
CA ALA B 177 -1.63 8.57 -39.66
C ALA B 177 -2.39 7.24 -39.90
N LEU B 178 -1.80 6.36 -40.71
CA LEU B 178 -2.37 5.01 -40.95
C LEU B 178 -2.63 4.26 -39.65
N GLY B 179 -1.59 4.13 -38.82
CA GLY B 179 -1.75 3.47 -37.49
C GLY B 179 -2.80 4.08 -36.61
N ALA B 180 -2.86 5.42 -36.64
CA ALA B 180 -3.88 6.11 -35.85
C ALA B 180 -5.35 5.89 -36.20
N MET B 181 -5.64 5.27 -37.36
CA MET B 181 -7.00 5.05 -37.81
C MET B 181 -7.65 4.06 -36.83
N GLY B 182 -6.85 3.21 -36.21
CA GLY B 182 -7.35 2.29 -35.23
C GLY B 182 -7.96 3.07 -34.11
N TYR B 183 -7.39 4.25 -33.77
CA TYR B 183 -8.03 5.08 -32.73
C TYR B 183 -9.28 5.83 -33.20
N VAL B 184 -9.34 6.15 -34.47
CA VAL B 184 -10.61 6.63 -35.01
C VAL B 184 -11.69 5.54 -34.83
N GLU B 185 -11.34 4.29 -35.09
CA GLU B 185 -12.29 3.22 -34.86
C GLU B 185 -12.74 3.14 -33.42
N SER B 186 -11.81 3.23 -32.48
CA SER B 186 -12.17 3.18 -31.05
CA SER B 186 -12.19 3.16 -31.08
C SER B 186 -13.21 4.25 -30.71
N ALA B 187 -13.03 5.45 -31.28
CA ALA B 187 -14.02 6.57 -31.07
C ALA B 187 -15.46 6.23 -31.53
N LEU B 188 -15.57 5.57 -32.69
CA LEU B 188 -16.88 5.01 -33.12
C LEU B 188 -17.51 4.09 -32.10
N GLU B 189 -16.71 3.17 -31.59
CA GLU B 189 -17.17 2.28 -30.52
C GLU B 189 -17.60 3.12 -29.30
N ILE B 190 -16.74 4.05 -28.89
CA ILE B 190 -17.05 4.90 -27.74
C ILE B 190 -18.45 5.61 -27.96
N ALA B 191 -18.62 6.19 -29.15
CA ALA B 191 -19.89 6.89 -29.50
C ALA B 191 -21.13 5.94 -29.45
N GLN B 192 -21.02 4.75 -30.06
CA GLN B 192 -22.08 3.75 -29.97
C GLN B 192 -22.39 3.43 -28.50
N GLN B 193 -21.34 3.28 -27.68
CA GLN B 193 -21.48 2.74 -26.31
C GLN B 193 -21.97 3.78 -25.30
N CYS B 194 -21.67 5.05 -25.58
CA CYS B 194 -22.17 6.12 -24.74
C CYS B 194 -23.63 6.56 -25.00
N GLY B 199 -24.58 10.80 -20.47
CA GLY B 199 -24.41 12.27 -20.59
C GLY B 199 -22.99 12.77 -20.31
N LEU B 200 -22.06 12.28 -21.11
CA LEU B 200 -20.60 12.44 -20.94
C LEU B 200 -19.99 13.83 -21.14
N SER B 201 -19.15 14.28 -20.21
CA SER B 201 -18.49 15.59 -20.30
CA SER B 201 -18.48 15.59 -20.29
C SER B 201 -17.04 15.51 -20.79
N SER B 202 -16.29 14.51 -20.31
CA SER B 202 -14.86 14.45 -20.60
C SER B 202 -14.34 13.05 -20.92
N VAL B 203 -13.19 13.02 -21.59
CA VAL B 203 -12.48 11.78 -21.84
C VAL B 203 -11.03 12.03 -21.49
N VAL B 204 -10.38 11.03 -20.90
CA VAL B 204 -8.98 11.18 -20.46
C VAL B 204 -8.15 10.01 -21.05
N VAL B 205 -7.02 10.32 -21.63
CA VAL B 205 -6.20 9.30 -22.22
C VAL B 205 -4.76 9.66 -22.06
N ALA B 206 -3.91 8.65 -21.84
CA ALA B 206 -2.47 8.90 -21.88
C ALA B 206 -2.06 9.41 -23.27
N SER B 207 -1.15 10.39 -23.29
CA SER B 207 -0.69 10.97 -24.56
C SER B 207 0.81 10.78 -24.67
N GLY B 208 1.26 9.86 -25.50
CA GLY B 208 2.70 9.54 -25.56
C GLY B 208 3.25 9.70 -26.94
N SER B 209 3.27 8.64 -27.73
CA SER B 209 3.66 8.82 -29.15
C SER B 209 2.55 9.52 -30.00
N ALA B 210 1.34 9.68 -29.46
CA ALA B 210 0.30 10.63 -29.99
C ALA B 210 -0.76 10.12 -30.98
N GLY B 211 -0.63 8.87 -31.44
CA GLY B 211 -1.65 8.33 -32.32
C GLY B 211 -2.94 8.08 -31.59
N THR B 212 -2.89 7.55 -30.34
CA THR B 212 -4.11 7.37 -29.60
C THR B 212 -4.83 8.70 -29.45
N HIS B 213 -4.10 9.69 -28.98
CA HIS B 213 -4.68 11.02 -28.67
C HIS B 213 -5.27 11.60 -29.99
N ALA B 214 -4.47 11.66 -31.04
CA ALA B 214 -4.89 12.27 -32.34
C ALA B 214 -6.06 11.53 -33.01
N GLY B 215 -6.05 10.19 -32.93
CA GLY B 215 -7.12 9.42 -33.56
C GLY B 215 -8.42 9.60 -32.82
N LEU B 216 -8.34 9.62 -31.48
CA LEU B 216 -9.52 9.88 -30.70
C LEU B 216 -9.90 11.33 -30.98
N ALA B 217 -8.94 12.20 -31.14
CA ALA B 217 -9.32 13.61 -31.28
C ALA B 217 -10.25 13.75 -32.54
N VAL B 218 -9.81 13.09 -33.63
CA VAL B 218 -10.51 13.19 -34.95
C VAL B 218 -11.85 12.55 -34.84
N GLY B 219 -11.90 11.38 -34.20
CA GLY B 219 -13.16 10.63 -34.09
C GLY B 219 -14.20 11.34 -33.26
N LEU B 220 -13.79 11.77 -32.06
CA LEU B 220 -14.68 12.47 -31.14
C LEU B 220 -15.16 13.86 -31.63
N GLU B 221 -14.29 14.65 -32.24
CA GLU B 221 -14.73 15.89 -32.88
C GLU B 221 -15.96 15.63 -33.76
N HIS B 222 -15.95 14.53 -34.52
CA HIS B 222 -17.10 14.27 -35.36
C HIS B 222 -18.25 13.55 -34.69
N LEU B 223 -17.96 12.72 -33.71
CA LEU B 223 -19.00 11.90 -33.22
C LEU B 223 -19.57 12.43 -31.95
N MET B 224 -18.78 13.17 -31.20
CA MET B 224 -19.12 13.58 -29.83
C MET B 224 -18.54 14.96 -29.63
N PRO B 225 -19.01 15.93 -30.45
CA PRO B 225 -18.33 17.23 -30.45
C PRO B 225 -18.43 18.01 -29.08
N ASP B 226 -19.37 17.68 -28.21
CA ASP B 226 -19.52 18.45 -26.94
C ASP B 226 -18.53 17.96 -25.83
N VAL B 227 -17.92 16.80 -26.08
CA VAL B 227 -16.96 16.20 -25.15
C VAL B 227 -15.56 16.80 -25.28
N GLU B 228 -14.96 17.08 -24.12
CA GLU B 228 -13.61 17.57 -23.97
C GLU B 228 -12.61 16.39 -23.87
N LEU B 229 -11.70 16.26 -24.83
CA LEU B 229 -10.65 15.21 -24.82
C LEU B 229 -9.40 15.74 -24.14
N ILE B 230 -9.00 15.14 -23.00
CA ILE B 230 -7.75 15.55 -22.34
C ILE B 230 -6.68 14.45 -22.47
N GLY B 231 -5.53 14.79 -23.01
CA GLY B 231 -4.38 13.92 -23.07
C GLY B 231 -3.44 14.23 -21.92
N VAL B 232 -3.16 13.22 -21.09
CA VAL B 232 -2.19 13.42 -20.01
C VAL B 232 -0.89 12.95 -20.54
N THR B 233 0.13 13.81 -20.58
CA THR B 233 1.34 13.38 -21.23
C THR B 233 2.16 12.40 -20.37
N VAL B 234 2.93 11.52 -21.01
CA VAL B 234 3.71 10.52 -20.28
C VAL B 234 5.18 10.68 -20.48
N SER B 235 5.57 11.57 -21.40
CA SER B 235 6.99 11.72 -21.75
C SER B 235 7.50 13.19 -22.03
N ARG B 236 6.58 14.13 -22.26
CA ARG B 236 6.93 15.49 -22.76
C ARG B 236 6.06 16.57 -22.19
N SER B 237 6.58 17.80 -22.17
CA SER B 237 5.77 18.99 -21.85
C SER B 237 4.62 19.26 -22.84
N VAL B 238 3.63 20.05 -22.44
CA VAL B 238 2.60 20.52 -23.35
C VAL B 238 3.25 21.08 -24.61
N ALA B 239 4.31 21.87 -24.44
CA ALA B 239 5.01 22.56 -25.54
C ALA B 239 5.61 21.65 -26.59
N GLU B 240 6.14 20.52 -26.14
CA GLU B 240 6.82 19.60 -27.02
C GLU B 240 5.78 18.68 -27.67
N GLN B 241 4.65 18.47 -26.99
CA GLN B 241 3.70 17.39 -27.38
C GLN B 241 2.61 17.92 -28.31
N LYS B 242 2.14 19.16 -28.04
CA LYS B 242 1.00 19.71 -28.76
C LYS B 242 1.15 19.74 -30.31
N PRO B 243 2.33 20.20 -30.81
CA PRO B 243 2.56 20.21 -32.26
C PRO B 243 2.49 18.80 -32.85
N LYS B 244 2.99 17.82 -32.07
CA LYS B 244 3.05 16.42 -32.54
C LYS B 244 1.64 15.93 -32.67
N VAL B 245 0.81 16.15 -31.66
CA VAL B 245 -0.56 15.67 -31.71
C VAL B 245 -1.37 16.38 -32.86
N ILE B 246 -1.24 17.71 -32.94
CA ILE B 246 -1.92 18.52 -33.99
C ILE B 246 -1.55 18.02 -35.41
N ALA B 247 -0.25 17.84 -35.68
CA ALA B 247 0.20 17.35 -36.97
C ALA B 247 -0.49 16.03 -37.29
N LEU B 248 -0.54 15.13 -36.33
CA LEU B 248 -1.11 13.88 -36.59
C LEU B 248 -2.63 13.99 -36.76
N GLN B 249 -3.27 14.76 -35.90
CA GLN B 249 -4.69 15.07 -36.07
C GLN B 249 -4.99 15.53 -37.52
N GLN B 250 -4.19 16.46 -38.02
CA GLN B 250 -4.46 17.00 -39.39
C GLN B 250 -4.22 15.92 -40.47
N ALA B 251 -3.18 15.11 -40.28
CA ALA B 251 -2.84 14.11 -41.27
C ALA B 251 -3.94 13.02 -41.29
N ILE B 252 -4.41 12.59 -40.13
CA ILE B 252 -5.51 11.62 -40.10
C ILE B 252 -6.78 12.18 -40.78
N ALA B 253 -7.14 13.42 -40.46
CA ALA B 253 -8.36 14.08 -41.01
C ALA B 253 -8.31 14.22 -42.54
N GLY B 254 -7.16 14.64 -43.07
CA GLY B 254 -6.86 14.65 -44.54
C GLY B 254 -7.15 13.29 -45.21
N GLN B 255 -6.57 12.21 -44.66
CA GLN B 255 -6.73 10.91 -45.28
C GLN B 255 -8.15 10.39 -45.10
N LEU B 256 -8.92 10.91 -44.14
CA LEU B 256 -10.35 10.51 -44.04
C LEU B 256 -11.28 11.54 -44.78
N ALA B 257 -10.63 12.56 -45.36
CA ALA B 257 -11.30 13.64 -46.08
C ALA B 257 -12.26 14.27 -45.10
N LEU B 258 -11.77 14.54 -43.90
CA LEU B 258 -12.55 15.16 -42.85
C LEU B 258 -11.88 16.47 -42.54
N THR B 259 -12.63 17.37 -41.92
CA THR B 259 -12.01 18.54 -41.28
C THR B 259 -11.82 18.25 -39.79
N ALA B 260 -10.86 18.94 -39.21
CA ALA B 260 -10.49 18.75 -37.84
C ALA B 260 -10.08 20.10 -37.34
N THR B 261 -11.01 20.80 -36.69
CA THR B 261 -10.65 22.08 -36.11
C THR B 261 -10.64 22.14 -34.57
N ALA B 262 -10.89 21.01 -33.90
CA ALA B 262 -10.87 21.02 -32.42
C ALA B 262 -9.47 21.35 -31.86
N ASP B 263 -9.39 22.18 -30.82
CA ASP B 263 -8.17 22.37 -30.06
C ASP B 263 -7.70 20.99 -29.45
N ILE B 264 -6.40 20.84 -29.24
CA ILE B 264 -5.85 19.65 -28.57
C ILE B 264 -5.55 20.11 -27.15
N HIS B 265 -6.06 19.39 -26.15
CA HIS B 265 -5.92 19.73 -24.72
C HIS B 265 -4.98 18.71 -24.09
N LEU B 266 -3.87 19.22 -23.51
CA LEU B 266 -2.84 18.43 -22.85
C LEU B 266 -2.60 18.90 -21.41
N TRP B 267 -2.53 17.96 -20.43
CA TRP B 267 -1.97 18.24 -19.08
C TRP B 267 -0.62 17.55 -18.90
N ASP B 268 0.44 18.30 -18.63
CA ASP B 268 1.78 17.71 -18.54
C ASP B 268 2.37 17.59 -17.12
N ASP B 269 1.53 17.73 -16.14
CA ASP B 269 1.99 17.82 -14.73
C ASP B 269 2.22 16.44 -14.05
N TYR B 270 1.94 15.36 -14.80
CA TYR B 270 1.72 14.07 -14.16
C TYR B 270 2.72 13.00 -14.47
N PHE B 271 3.83 13.37 -15.11
CA PHE B 271 4.73 12.36 -15.55
C PHE B 271 6.14 12.46 -15.00
N ALA B 272 6.42 13.50 -14.21
CA ALA B 272 7.78 13.68 -13.72
C ALA B 272 8.27 12.43 -12.91
N PRO B 273 9.54 12.09 -12.97
CA PRO B 273 10.63 12.82 -13.64
C PRO B 273 10.94 12.46 -15.07
N GLY B 274 10.07 11.74 -15.75
CA GLY B 274 10.41 11.37 -17.11
C GLY B 274 9.71 10.07 -17.55
N TYR B 275 9.76 9.87 -18.86
CA TYR B 275 9.16 8.70 -19.46
C TYR B 275 9.69 7.44 -18.78
N GLY B 276 8.81 6.50 -18.40
CA GLY B 276 9.31 5.17 -17.96
C GLY B 276 9.67 5.12 -16.47
N VAL B 277 9.54 6.26 -15.78
CA VAL B 277 9.90 6.38 -14.39
C VAL B 277 8.63 6.46 -13.62
N PRO B 278 8.43 5.52 -12.69
CA PRO B 278 7.17 5.64 -11.94
C PRO B 278 7.21 6.83 -11.00
N ASN B 279 6.04 7.33 -10.59
CA ASN B 279 6.00 8.40 -9.59
C ASN B 279 4.93 8.07 -8.62
N ASP B 280 4.92 8.73 -7.47
CA ASP B 280 3.98 8.39 -6.42
C ASP B 280 2.50 8.53 -6.73
N ALA B 281 2.06 9.66 -7.34
CA ALA B 281 0.68 9.77 -7.80
C ALA B 281 0.29 8.63 -8.74
N GLY B 282 1.20 8.27 -9.67
CA GLY B 282 0.92 7.15 -10.62
C GLY B 282 0.73 5.84 -9.84
N MET B 283 1.64 5.53 -8.92
CA MET B 283 1.49 4.29 -8.13
C MET B 283 0.24 4.33 -7.23
N GLU B 284 -0.08 5.50 -6.68
CA GLU B 284 -1.32 5.65 -5.93
C GLU B 284 -2.56 5.40 -6.78
N ALA B 285 -2.54 5.86 -8.02
CA ALA B 285 -3.70 5.64 -8.91
C ALA B 285 -3.84 4.13 -9.25
N VAL B 286 -2.73 3.50 -9.55
CA VAL B 286 -2.69 2.03 -9.75
C VAL B 286 -3.31 1.35 -8.57
N LYS B 287 -2.92 1.71 -7.34
CA LYS B 287 -3.48 1.04 -6.17
C LYS B 287 -4.94 1.36 -5.96
N LEU B 288 -5.31 2.61 -6.27
CA LEU B 288 -6.73 2.97 -6.19
C LEU B 288 -7.64 2.16 -7.14
N LEU B 289 -7.23 2.03 -8.40
CA LEU B 289 -8.09 1.30 -9.37
C LEU B 289 -8.15 -0.20 -9.07
N ALA B 290 -7.01 -0.72 -8.65
CA ALA B 290 -6.97 -2.11 -8.25
C ALA B 290 -7.87 -2.42 -7.06
N SER B 291 -7.79 -1.63 -6.03
CA SER B 291 -8.47 -1.97 -4.78
C SER B 291 -9.95 -1.60 -4.86
N LEU B 292 -10.32 -0.58 -5.62
CA LEU B 292 -11.76 -0.23 -5.66
C LEU B 292 -12.50 -0.95 -6.74
N GLU B 293 -11.80 -1.28 -7.84
CA GLU B 293 -12.52 -1.78 -8.99
C GLU B 293 -11.94 -3.08 -9.56
N GLY B 294 -10.81 -3.57 -9.03
CA GLY B 294 -10.21 -4.82 -9.57
C GLY B 294 -9.57 -4.59 -10.95
N VAL B 295 -9.25 -3.33 -11.22
CA VAL B 295 -8.70 -2.94 -12.52
C VAL B 295 -7.19 -2.68 -12.42
N LEU B 296 -6.43 -3.22 -13.36
CA LEU B 296 -4.99 -3.08 -13.28
C LEU B 296 -4.51 -2.01 -14.31
N LEU B 297 -3.89 -0.94 -13.80
CA LEU B 297 -3.25 0.13 -14.60
C LEU B 297 -1.80 -0.23 -14.67
N ASP B 298 -0.92 0.74 -14.95
CA ASP B 298 0.47 0.45 -15.11
C ASP B 298 1.26 1.69 -14.70
N PRO B 299 2.56 1.53 -14.41
CA PRO B 299 3.33 2.64 -13.89
C PRO B 299 3.80 3.68 -14.90
N VAL B 300 3.78 3.32 -16.17
CA VAL B 300 4.40 4.15 -17.19
C VAL B 300 3.36 5.09 -17.87
N TYR B 301 2.23 4.50 -18.22
CA TYR B 301 1.18 5.13 -19.02
C TYR B 301 -0.05 5.37 -18.27
N THR B 302 -0.83 4.33 -18.01
CA THR B 302 -2.18 4.56 -17.46
C THR B 302 -2.29 5.01 -15.99
N GLY B 303 -1.36 4.62 -15.10
CA GLY B 303 -1.40 5.13 -13.71
C GLY B 303 -1.11 6.66 -13.79
N LYS B 304 -0.16 7.08 -14.63
CA LYS B 304 0.09 8.54 -14.78
C LYS B 304 -1.15 9.29 -15.28
N ALA B 305 -1.77 8.77 -16.33
CA ALA B 305 -2.98 9.36 -16.88
C ALA B 305 -4.11 9.33 -15.85
N MET B 306 -4.29 8.23 -15.10
CA MET B 306 -5.27 8.25 -14.06
C MET B 306 -4.98 9.27 -12.94
N ALA B 307 -3.73 9.36 -12.52
CA ALA B 307 -3.35 10.39 -11.59
C ALA B 307 -3.82 11.80 -12.07
N GLY B 308 -3.60 12.10 -13.36
CA GLY B 308 -4.08 13.37 -13.94
C GLY B 308 -5.58 13.54 -13.89
N LEU B 309 -6.31 12.47 -14.22
CA LEU B 309 -7.72 12.48 -14.06
C LEU B 309 -8.12 12.82 -12.59
N ILE B 310 -7.44 12.22 -11.63
CA ILE B 310 -7.87 12.40 -10.24
C ILE B 310 -7.61 13.84 -9.77
N ASP B 311 -6.41 14.32 -10.05
CA ASP B 311 -6.02 15.69 -9.77
C ASP B 311 -6.87 16.72 -10.56
N GLY B 312 -7.42 16.33 -11.70
CA GLY B 312 -8.34 17.23 -12.46
C GLY B 312 -9.58 17.41 -11.65
N ILE B 313 -10.02 16.36 -10.99
CA ILE B 313 -11.09 16.51 -10.06
C ILE B 313 -10.64 17.38 -8.85
N SER B 314 -9.53 17.05 -8.20
CA SER B 314 -8.93 17.85 -7.10
C SER B 314 -8.94 19.38 -7.45
N GLN B 315 -8.45 19.73 -8.63
CA GLN B 315 -8.18 21.10 -9.02
C GLN B 315 -9.32 21.72 -9.87
N LYS B 316 -10.46 21.04 -9.95
CA LYS B 316 -11.63 21.49 -10.78
C LYS B 316 -11.16 21.92 -12.17
N ARG B 317 -10.33 21.09 -12.78
CA ARG B 317 -9.59 21.43 -13.97
C ARG B 317 -10.33 21.09 -15.29
N PHE B 318 -11.33 20.22 -15.21
CA PHE B 318 -12.24 19.88 -16.33
C PHE B 318 -13.21 21.06 -16.57
N ASN B 319 -13.76 21.14 -17.78
CA ASN B 319 -14.84 22.09 -18.14
C ASN B 319 -16.11 22.08 -17.22
N ASP B 320 -16.61 20.90 -16.82
CA ASP B 320 -17.72 20.86 -15.85
C ASP B 320 -17.63 19.64 -14.92
N ASP B 321 -18.65 19.42 -14.09
CA ASP B 321 -18.66 18.33 -13.09
C ASP B 321 -19.23 17.03 -13.63
N GLY B 322 -19.36 16.94 -14.96
CA GLY B 322 -20.09 15.84 -15.55
C GLY B 322 -19.26 14.56 -15.74
N PRO B 323 -19.86 13.51 -16.28
CA PRO B 323 -19.18 12.24 -16.41
C PRO B 323 -17.84 12.28 -17.08
N ILE B 324 -16.97 11.38 -16.65
CA ILE B 324 -15.63 11.26 -17.28
C ILE B 324 -15.37 9.82 -17.79
N LEU B 325 -14.86 9.72 -19.03
CA LEU B 325 -14.47 8.41 -19.56
C LEU B 325 -12.99 8.33 -19.58
N PHE B 326 -12.48 7.29 -18.95
CA PHE B 326 -10.99 7.08 -18.98
C PHE B 326 -10.68 6.03 -20.03
N ILE B 327 -9.69 6.26 -20.87
CA ILE B 327 -9.38 5.27 -21.91
C ILE B 327 -8.21 4.43 -21.37
N HIS B 328 -8.51 3.17 -21.06
CA HIS B 328 -7.42 2.34 -20.62
C HIS B 328 -6.74 1.73 -21.84
N THR B 329 -5.52 2.17 -22.07
CA THR B 329 -4.78 1.78 -23.23
C THR B 329 -3.89 0.57 -22.97
N GLY B 330 -3.91 0.04 -21.74
CA GLY B 330 -3.13 -1.21 -21.52
C GLY B 330 -1.94 -1.05 -20.60
N GLY B 331 -0.96 -1.91 -20.74
CA GLY B 331 0.31 -1.70 -20.02
C GLY B 331 0.59 -2.54 -18.80
N ALA B 332 -0.45 -3.18 -18.20
CA ALA B 332 -0.26 -3.92 -16.92
C ALA B 332 0.92 -4.92 -16.85
N PRO B 333 1.30 -5.54 -17.96
CA PRO B 333 2.46 -6.46 -17.78
C PRO B 333 3.69 -5.77 -17.28
N ALA B 334 3.82 -4.46 -17.46
CA ALA B 334 5.00 -3.79 -16.93
C ALA B 334 4.95 -3.78 -15.38
N LEU B 335 3.79 -3.98 -14.77
CA LEU B 335 3.77 -4.18 -13.29
C LEU B 335 4.86 -5.15 -12.79
N PHE B 336 5.09 -6.23 -13.55
CA PHE B 336 5.95 -7.31 -13.12
C PHE B 336 7.40 -6.99 -13.40
N ALA B 337 7.67 -6.07 -14.35
CA ALA B 337 9.05 -5.59 -14.66
C ALA B 337 9.54 -4.55 -13.65
N TYR B 338 8.60 -3.73 -13.19
CA TYR B 338 8.94 -2.61 -12.34
C TYR B 338 9.04 -3.02 -10.86
N HIS B 339 8.51 -4.20 -10.55
CA HIS B 339 8.54 -4.67 -9.17
C HIS B 339 9.92 -5.32 -8.95
N PRO B 340 10.56 -5.12 -7.79
CA PRO B 340 10.06 -4.32 -6.65
C PRO B 340 10.40 -2.82 -6.85
N HIS B 341 11.44 -2.55 -7.62
CA HIS B 341 11.80 -1.17 -7.90
C HIS B 341 12.68 -1.20 -9.12
N VAL B 342 12.93 -0.02 -9.67
CA VAL B 342 13.90 0.09 -10.73
C VAL B 342 14.93 1.15 -10.21
N ARG C 22 -12.98 25.76 38.02
CA ARG C 22 -12.76 25.47 39.45
C ARG C 22 -12.69 23.98 39.74
N PHE C 23 -12.72 23.10 38.73
CA PHE C 23 -12.48 21.70 39.03
C PHE C 23 -10.99 21.64 39.17
N PRO C 24 -10.48 20.96 40.22
CA PRO C 24 -9.04 20.80 40.26
C PRO C 24 -8.55 19.96 39.05
N ARG C 25 -7.36 20.31 38.53
CA ARG C 25 -6.79 19.59 37.39
C ARG C 25 -5.27 19.56 37.54
N LEU C 26 -4.66 18.40 37.26
CA LEU C 26 -3.20 18.30 37.17
C LEU C 26 -2.71 18.84 35.83
N GLU C 27 -1.40 19.15 35.73
CA GLU C 27 -0.88 19.65 34.47
C GLU C 27 -0.03 18.59 33.73
N PHE C 28 -0.63 17.91 32.75
CA PHE C 28 0.00 16.82 32.04
C PHE C 28 0.37 17.23 30.61
N ILE C 29 -0.23 18.31 30.12
CA ILE C 29 0.06 18.73 28.75
C ILE C 29 0.85 20.01 28.65
N GLY C 30 0.43 21.05 29.37
CA GLY C 30 1.12 22.32 29.24
C GLY C 30 0.63 23.19 28.09
N ALA C 31 1.50 23.45 27.16
CA ALA C 31 1.18 24.36 26.07
C ALA C 31 0.01 23.79 25.24
N PRO C 32 -0.83 24.64 24.63
CA PRO C 32 -1.83 24.15 23.68
C PRO C 32 -1.16 23.22 22.63
N THR C 33 -1.80 22.10 22.29
CA THR C 33 -1.22 21.19 21.28
C THR C 33 -1.32 21.86 19.90
N PRO C 34 -0.45 21.49 18.95
CA PRO C 34 -0.45 22.26 17.70
C PRO C 34 -1.76 22.19 16.90
N LEU C 35 -2.10 23.26 16.19
CA LEU C 35 -3.23 23.19 15.27
C LEU C 35 -2.64 23.56 13.96
N GLU C 36 -2.63 22.60 13.02
CA GLU C 36 -1.81 22.74 11.79
C GLU C 36 -2.66 22.68 10.54
N TYR C 37 -2.24 23.39 9.51
CA TYR C 37 -2.87 23.26 8.20
C TYR C 37 -2.19 22.09 7.51
N LEU C 38 -2.96 21.24 6.84
CA LEU C 38 -2.40 20.13 6.03
C LEU C 38 -2.43 20.53 4.51
N PRO C 39 -1.36 21.14 3.99
CA PRO C 39 -1.50 21.67 2.62
C PRO C 39 -1.52 20.60 1.53
N ARG C 40 -0.90 19.43 1.79
CA ARG C 40 -0.92 18.38 0.80
C ARG C 40 -2.22 17.66 0.74
N LEU C 41 -2.72 17.26 1.90
CA LEU C 41 -4.03 16.68 1.97
C LEU C 41 -5.13 17.64 1.45
N SER C 42 -4.98 18.94 1.70
CA SER C 42 -6.02 19.95 1.29
C SER C 42 -5.96 20.06 -0.22
N ASP C 43 -4.76 20.01 -0.79
CA ASP C 43 -4.60 20.04 -2.24
C ASP C 43 -5.26 18.84 -2.90
N TYR C 44 -5.05 17.67 -2.32
CA TYR C 44 -5.61 16.46 -2.85
C TYR C 44 -7.15 16.41 -2.72
N LEU C 45 -7.69 16.81 -1.57
CA LEU C 45 -9.13 16.70 -1.37
C LEU C 45 -9.96 17.85 -2.01
N GLY C 46 -9.27 18.88 -2.47
CA GLY C 46 -9.95 20.15 -2.86
C GLY C 46 -10.69 20.91 -1.77
N ARG C 47 -10.20 20.89 -0.54
CA ARG C 47 -10.95 21.45 0.58
C ARG C 47 -9.90 21.79 1.64
N GLU C 48 -10.13 22.79 2.49
CA GLU C 48 -9.07 23.19 3.42
C GLU C 48 -9.21 22.31 4.61
N ILE C 49 -8.13 21.61 4.98
CA ILE C 49 -8.20 20.69 6.10
C ILE C 49 -7.16 21.10 7.12
N TYR C 50 -7.54 21.16 8.41
CA TYR C 50 -6.66 21.49 9.50
C TYR C 50 -6.67 20.32 10.42
N ILE C 51 -5.66 20.25 11.29
CA ILE C 51 -5.67 19.11 12.23
C ILE C 51 -5.28 19.61 13.61
N LYS C 52 -5.97 19.12 14.65
CA LYS C 52 -5.64 19.49 16.00
C LYS C 52 -4.85 18.30 16.49
N ARG C 53 -3.59 18.54 16.83
CA ARG C 53 -2.64 17.45 17.16
CA ARG C 53 -2.63 17.46 17.15
C ARG C 53 -2.67 17.01 18.63
N ASP C 54 -3.80 16.48 19.09
CA ASP C 54 -3.87 15.89 20.42
C ASP C 54 -3.11 14.58 20.54
N ASP C 55 -2.59 14.06 19.41
CA ASP C 55 -1.76 12.87 19.41
C ASP C 55 -0.35 13.24 19.95
N VAL C 56 -0.06 14.53 20.00
CA VAL C 56 1.26 14.99 20.40
C VAL C 56 1.35 15.36 21.91
N THR C 57 0.35 15.07 22.73
CA THR C 57 0.46 15.34 24.18
C THR C 57 1.69 14.57 24.76
N PRO C 58 2.41 15.15 25.73
CA PRO C 58 3.78 14.57 25.88
C PRO C 58 3.96 13.23 26.69
N ILE C 59 2.88 12.65 27.24
CA ILE C 59 3.09 11.41 28.06
C ILE C 59 2.94 10.17 27.28
N ALA C 60 3.93 9.31 27.31
CA ALA C 60 3.95 7.97 26.72
C ALA C 60 3.06 7.85 25.47
N MET C 61 3.48 8.50 24.42
CA MET C 61 2.88 8.37 23.08
C MET C 61 1.56 9.10 22.87
N GLY C 62 1.14 9.86 23.88
CA GLY C 62 0.18 10.93 23.63
C GLY C 62 -1.25 10.45 23.51
N GLY C 63 -2.13 11.37 23.18
CA GLY C 63 -3.54 11.06 22.97
C GLY C 63 -4.48 11.97 23.72
N ASN C 64 -5.76 11.83 23.39
CA ASN C 64 -6.90 12.56 23.98
C ASN C 64 -7.11 12.22 25.42
N LYS C 65 -6.79 11.03 25.84
CA LYS C 65 -7.11 10.69 27.23
C LYS C 65 -6.33 11.44 28.34
N LEU C 66 -5.16 11.99 28.00
CA LEU C 66 -4.42 12.84 28.91
C LEU C 66 -5.26 14.03 29.40
N ARG C 67 -6.01 14.66 28.50
CA ARG C 67 -6.91 15.77 28.90
C ARG C 67 -7.95 15.38 29.93
N LYS C 68 -8.49 14.17 29.84
CA LYS C 68 -9.46 13.72 30.78
C LYS C 68 -8.77 13.36 32.10
N LEU C 69 -7.56 12.81 31.98
CA LEU C 69 -6.86 12.30 33.13
C LEU C 69 -6.44 13.43 34.02
N GLU C 70 -6.19 14.60 33.45
CA GLU C 70 -5.84 15.75 34.26
C GLU C 70 -6.93 15.96 35.35
N PHE C 71 -8.22 15.83 34.98
CA PHE C 71 -9.31 16.07 35.93
C PHE C 71 -9.53 14.86 36.77
N LEU C 72 -9.50 13.67 36.17
CA LEU C 72 -9.89 12.50 36.93
C LEU C 72 -8.79 12.23 37.95
N VAL C 73 -7.49 12.43 37.57
CA VAL C 73 -6.46 12.00 38.49
C VAL C 73 -6.30 13.01 39.60
N ALA C 74 -6.59 14.26 39.34
CA ALA C 74 -6.65 15.26 40.42
C ALA C 74 -7.70 14.85 41.47
N ASP C 75 -8.81 14.33 40.97
CA ASP C 75 -9.91 13.89 41.83
C ASP C 75 -9.37 12.72 42.65
N ALA C 76 -8.72 11.76 41.97
CA ALA C 76 -8.19 10.58 42.64
C ALA C 76 -7.28 11.05 43.82
N LEU C 77 -6.43 12.04 43.55
CA LEU C 77 -5.48 12.45 44.61
C LEU C 77 -6.16 13.14 45.84
N ARG C 78 -7.13 14.02 45.56
CA ARG C 78 -7.99 14.67 46.58
C ARG C 78 -8.64 13.62 47.49
N GLU C 79 -9.05 12.50 46.92
CA GLU C 79 -9.57 11.35 47.64
C GLU C 79 -8.52 10.53 48.38
N GLY C 80 -7.24 10.86 48.22
CA GLY C 80 -6.19 10.03 48.79
C GLY C 80 -6.01 8.66 48.14
N ALA C 81 -6.48 8.47 46.89
CA ALA C 81 -6.25 7.19 46.20
C ALA C 81 -4.75 6.87 46.01
N ASP C 82 -4.40 5.61 46.03
CA ASP C 82 -3.03 5.24 45.76
C ASP C 82 -3.00 4.31 44.57
N THR C 83 -4.18 4.04 43.99
CA THR C 83 -4.33 3.06 42.89
C THR C 83 -5.37 3.54 41.92
N LEU C 84 -5.10 3.41 40.61
CA LEU C 84 -6.07 3.73 39.51
C LEU C 84 -6.50 2.46 38.81
N ILE C 85 -7.83 2.34 38.58
CA ILE C 85 -8.43 1.15 37.96
C ILE C 85 -9.21 1.66 36.79
N THR C 86 -9.01 0.99 35.64
CA THR C 86 -9.82 1.29 34.50
C THR C 86 -9.90 0.07 33.63
N ALA C 87 -10.64 0.17 32.53
CA ALA C 87 -10.96 -1.00 31.68
C ALA C 87 -10.85 -0.60 30.28
N GLY C 88 -10.66 -1.60 29.42
CA GLY C 88 -10.78 -1.38 27.94
C GLY C 88 -10.32 -2.63 27.21
N ALA C 89 -10.16 -2.52 25.89
CA ALA C 89 -9.74 -3.66 25.10
C ALA C 89 -8.24 -3.83 25.33
N ILE C 90 -7.69 -4.99 25.01
CA ILE C 90 -6.27 -5.25 25.17
C ILE C 90 -5.43 -4.06 24.59
N GLN C 91 -5.86 -3.49 23.46
CA GLN C 91 -5.08 -2.45 22.77
C GLN C 91 -5.60 -1.05 23.05
N SER C 92 -6.44 -0.93 24.08
CA SER C 92 -6.89 0.39 24.54
C SER C 92 -5.79 1.49 24.69
N ASN C 93 -5.96 2.61 24.02
CA ASN C 93 -5.06 3.80 24.25
C ASN C 93 -5.34 4.43 25.62
N HIS C 94 -6.62 4.38 26.02
CA HIS C 94 -7.02 4.93 27.29
C HIS C 94 -6.35 4.21 28.41
N VAL C 95 -6.33 2.90 28.40
CA VAL C 95 -5.67 2.14 29.44
C VAL C 95 -4.19 2.49 29.51
N ARG C 96 -3.59 2.64 28.32
CA ARG C 96 -2.14 2.87 28.25
C ARG C 96 -1.81 4.22 28.84
N GLN C 97 -2.61 5.25 28.55
CA GLN C 97 -2.33 6.60 29.04
C GLN C 97 -2.56 6.63 30.58
N THR C 98 -3.62 5.96 31.04
CA THR C 98 -3.88 5.89 32.50
C THR C 98 -2.71 5.20 33.21
N ALA C 99 -2.23 4.10 32.66
CA ALA C 99 -1.07 3.40 33.19
C ALA C 99 0.18 4.23 33.23
N ALA C 100 0.40 5.04 32.20
CA ALA C 100 1.56 5.92 32.10
C ALA C 100 1.48 7.03 33.15
N VAL C 101 0.32 7.61 33.30
CA VAL C 101 0.13 8.62 34.33
C VAL C 101 0.33 8.00 35.76
N ALA C 102 -0.24 6.81 36.01
CA ALA C 102 -0.11 6.15 37.33
C ALA C 102 1.41 5.98 37.63
N ALA C 103 2.14 5.46 36.63
CA ALA C 103 3.60 5.24 36.77
C ALA C 103 4.33 6.50 37.18
N LYS C 104 4.07 7.57 36.43
CA LYS C 104 4.71 8.86 36.64
C LYS C 104 4.39 9.41 38.01
N LEU C 105 3.15 9.19 38.49
CA LEU C 105 2.77 9.71 39.81
C LEU C 105 3.02 8.73 40.95
N GLY C 106 3.59 7.57 40.69
CA GLY C 106 3.82 6.57 41.76
C GLY C 106 2.50 5.94 42.28
N LEU C 107 1.48 5.82 41.44
CA LEU C 107 0.25 5.15 41.85
C LEU C 107 0.27 3.78 41.28
N HIS C 108 -0.35 2.81 41.98
CA HIS C 108 -0.58 1.51 41.36
CA HIS C 108 -0.63 1.48 41.39
C HIS C 108 -1.65 1.67 40.23
N CYS C 109 -1.64 0.76 39.28
CA CYS C 109 -2.66 0.75 38.23
C CYS C 109 -3.06 -0.67 38.01
N VAL C 110 -4.38 -0.90 37.94
CA VAL C 110 -4.97 -2.18 37.60
C VAL C 110 -5.87 -1.97 36.38
N ALA C 111 -5.66 -2.78 35.36
CA ALA C 111 -6.42 -2.67 34.12
C ALA C 111 -7.23 -3.94 33.95
N LEU C 112 -8.52 -3.75 33.66
CA LEU C 112 -9.43 -4.89 33.36
C LEU C 112 -9.57 -4.90 31.82
N LEU C 113 -9.04 -5.92 31.14
CA LEU C 113 -8.96 -5.92 29.68
C LEU C 113 -9.81 -7.05 29.09
N GLU C 114 -10.35 -6.82 27.91
CA GLU C 114 -11.07 -7.86 27.16
C GLU C 114 -10.43 -7.87 25.80
N ASN C 115 -10.61 -9.00 25.08
CA ASN C 115 -10.31 -9.10 23.67
C ASN C 115 -11.64 -8.90 22.90
N PRO C 116 -11.90 -7.74 22.32
CA PRO C 116 -13.23 -7.50 21.72
C PRO C 116 -13.38 -8.19 20.35
N ILE C 117 -12.29 -8.75 19.80
CA ILE C 117 -12.35 -9.17 18.38
C ILE C 117 -12.10 -10.64 18.17
N GLY C 118 -11.85 -11.34 19.28
CA GLY C 118 -11.69 -12.76 19.24
C GLY C 118 -10.38 -13.24 18.66
N THR C 119 -9.34 -12.38 18.60
CA THR C 119 -8.15 -12.75 17.83
C THR C 119 -7.17 -13.54 18.68
N THR C 120 -6.34 -14.36 18.05
CA THR C 120 -5.22 -14.95 18.72
C THR C 120 -3.89 -14.44 18.13
N ALA C 121 -3.94 -13.36 17.33
CA ALA C 121 -2.74 -12.82 16.70
C ALA C 121 -1.76 -12.34 17.79
N GLU C 122 -0.51 -12.75 17.68
CA GLU C 122 0.45 -12.40 18.75
C GLU C 122 0.66 -10.89 18.92
N ASN C 123 0.73 -10.13 17.83
CA ASN C 123 0.95 -8.70 18.01
C ASN C 123 -0.23 -8.00 18.63
N TYR C 124 -1.44 -8.45 18.32
CA TYR C 124 -2.58 -7.92 19.08
C TYR C 124 -2.54 -8.31 20.56
N LEU C 125 -2.19 -9.55 20.85
CA LEU C 125 -2.22 -9.98 22.24
C LEU C 125 -1.12 -9.32 23.10
N THR C 126 0.01 -9.00 22.50
CA THR C 126 1.22 -8.74 23.33
C THR C 126 2.04 -7.53 22.93
N ASN C 127 1.75 -6.94 21.76
CA ASN C 127 2.59 -5.84 21.25
C ASN C 127 1.85 -4.50 21.42
N GLY C 128 2.35 -3.41 20.83
CA GLY C 128 1.62 -2.17 20.86
C GLY C 128 1.34 -1.66 22.25
N ASN C 129 0.12 -1.16 22.45
CA ASN C 129 -0.21 -0.63 23.77
C ASN C 129 -0.08 -1.62 24.88
N ARG C 130 -0.39 -2.88 24.60
CA ARG C 130 -0.34 -3.93 25.62
C ARG C 130 1.08 -4.14 26.13
N LEU C 131 2.07 -4.03 25.23
CA LEU C 131 3.49 -4.14 25.63
C LEU C 131 3.83 -3.04 26.62
N LEU C 132 3.35 -1.85 26.30
CA LEU C 132 3.57 -0.69 27.17
C LEU C 132 2.99 -0.88 28.53
N LEU C 133 1.80 -1.50 28.66
CA LEU C 133 1.30 -1.78 30.02
C LEU C 133 2.27 -2.59 30.86
N ASP C 134 2.91 -3.60 30.27
CA ASP C 134 3.92 -4.35 31.06
C ASP C 134 5.12 -3.48 31.46
N LEU C 135 5.57 -2.56 30.56
CA LEU C 135 6.69 -1.66 30.94
C LEU C 135 6.29 -0.73 32.07
N PHE C 136 5.01 -0.32 32.11
CA PHE C 136 4.52 0.52 33.20
C PHE C 136 4.18 -0.27 34.45
N ASN C 137 4.49 -1.57 34.47
CA ASN C 137 4.06 -2.40 35.62
C ASN C 137 2.60 -2.40 35.99
N THR C 138 1.73 -2.35 34.99
CA THR C 138 0.30 -2.37 35.21
C THR C 138 -0.10 -3.81 35.65
N GLN C 139 -0.97 -3.88 36.65
CA GLN C 139 -1.57 -5.17 37.07
C GLN C 139 -2.72 -5.46 36.12
N ILE C 140 -2.62 -6.58 35.41
CA ILE C 140 -3.56 -6.92 34.32
C ILE C 140 -4.56 -7.95 34.84
N GLU C 141 -5.84 -7.65 34.70
CA GLU C 141 -6.92 -8.64 34.86
C GLU C 141 -7.65 -8.88 33.57
N MET C 142 -7.69 -10.11 33.09
CA MET C 142 -8.43 -10.45 31.91
C MET C 142 -9.91 -10.72 32.22
N CYS C 143 -10.81 -10.36 31.30
CA CYS C 143 -12.22 -10.76 31.48
C CYS C 143 -12.71 -11.27 30.14
N ASP C 144 -13.75 -12.12 30.17
CA ASP C 144 -14.26 -12.73 28.94
C ASP C 144 -14.83 -11.65 28.04
N ALA C 145 -15.55 -10.70 28.63
CA ALA C 145 -16.09 -9.61 27.85
C ALA C 145 -16.49 -8.50 28.81
N LEU C 146 -16.41 -7.25 28.36
CA LEU C 146 -16.84 -6.09 29.16
C LEU C 146 -18.31 -5.77 29.00
N THR C 147 -19.15 -6.68 29.49
CA THR C 147 -20.64 -6.62 29.27
C THR C 147 -21.28 -5.50 30.12
N ASP C 148 -20.85 -5.38 31.38
CA ASP C 148 -21.18 -4.26 32.26
C ASP C 148 -19.90 -3.62 32.90
N PRO C 149 -19.23 -2.71 32.15
CA PRO C 149 -17.93 -2.20 32.61
C PRO C 149 -17.99 -1.46 33.98
N ASP C 150 -18.85 -0.45 34.12
CA ASP C 150 -19.04 0.21 35.43
C ASP C 150 -19.17 -0.80 36.61
N ALA C 151 -20.04 -1.81 36.48
CA ALA C 151 -20.17 -2.84 37.49
C ALA C 151 -18.93 -3.72 37.64
N GLN C 152 -18.34 -4.12 36.52
CA GLN C 152 -17.22 -5.04 36.60
C GLN C 152 -16.05 -4.26 37.30
N LEU C 153 -15.98 -2.95 37.08
CA LEU C 153 -14.90 -2.14 37.72
C LEU C 153 -15.06 -2.04 39.26
N GLN C 154 -16.29 -1.85 39.70
CA GLN C 154 -16.65 -1.82 41.12
C GLN C 154 -16.29 -3.08 41.81
N THR C 155 -16.60 -4.20 41.17
CA THR C 155 -16.20 -5.47 41.74
C THR C 155 -14.68 -5.57 41.94
N LEU C 156 -13.93 -5.14 40.91
CA LEU C 156 -12.48 -5.27 40.96
C LEU C 156 -11.97 -4.31 42.03
N ALA C 157 -12.57 -3.13 42.10
CA ALA C 157 -12.21 -2.14 43.12
C ALA C 157 -12.35 -2.71 44.52
N THR C 158 -13.49 -3.35 44.81
CA THR C 158 -13.66 -4.06 46.09
C THR C 158 -12.52 -5.03 46.40
N ARG C 159 -12.20 -5.94 45.48
CA ARG C 159 -11.12 -6.92 45.65
C ARG C 159 -9.78 -6.22 45.91
N ILE C 160 -9.59 -5.09 45.24
CA ILE C 160 -8.31 -4.35 45.37
C ILE C 160 -8.28 -3.57 46.67
N GLU C 161 -9.39 -2.89 46.98
CA GLU C 161 -9.60 -2.30 48.31
C GLU C 161 -9.39 -3.32 49.44
N ALA C 162 -10.02 -4.50 49.31
CA ALA C 162 -9.81 -5.59 50.26
C ALA C 162 -8.36 -5.94 50.41
N GLN C 163 -7.55 -5.72 49.38
CA GLN C 163 -6.12 -6.00 49.52
C GLN C 163 -5.36 -4.93 50.22
N GLY C 164 -6.05 -3.88 50.67
CA GLY C 164 -5.47 -2.83 51.50
C GLY C 164 -4.99 -1.64 50.68
N PHE C 165 -5.46 -1.53 49.42
CA PHE C 165 -5.15 -0.38 48.58
C PHE C 165 -6.29 0.54 48.70
N ARG C 166 -6.09 1.77 48.20
CA ARG C 166 -7.13 2.75 48.09
C ARG C 166 -7.37 3.05 46.59
N PRO C 167 -8.24 2.27 45.93
CA PRO C 167 -8.45 2.38 44.50
C PRO C 167 -9.36 3.53 44.17
N TYR C 168 -9.13 4.15 43.02
CA TYR C 168 -10.03 5.07 42.41
C TYR C 168 -10.37 4.55 40.98
N VAL C 169 -11.67 4.51 40.64
CA VAL C 169 -12.12 3.91 39.40
C VAL C 169 -12.23 5.00 38.35
N ILE C 170 -11.63 4.73 37.18
CA ILE C 170 -11.81 5.61 36.00
C ILE C 170 -12.63 4.79 35.00
N PRO C 171 -13.80 5.27 34.55
CA PRO C 171 -14.66 4.49 33.64
C PRO C 171 -14.03 4.36 32.24
N VAL C 172 -14.56 3.44 31.44
CA VAL C 172 -14.13 3.19 30.07
C VAL C 172 -13.96 4.54 29.32
N GLY C 173 -12.85 4.66 28.60
CA GLY C 173 -12.45 5.94 27.93
C GLY C 173 -12.32 7.19 28.83
N GLY C 174 -12.39 6.98 30.15
CA GLY C 174 -12.57 8.11 31.10
C GLY C 174 -13.65 9.12 30.72
N SER C 175 -14.72 8.64 30.07
CA SER C 175 -15.77 9.52 29.58
C SER C 175 -16.92 9.69 30.60
N SER C 176 -16.61 10.09 31.83
CA SER C 176 -17.64 10.64 32.77
C SER C 176 -17.73 12.15 32.51
N ALA C 177 -18.71 12.85 33.10
CA ALA C 177 -18.81 14.29 32.85
C ALA C 177 -17.52 15.00 33.28
N LEU C 178 -16.98 14.54 34.42
CA LEU C 178 -15.74 15.12 34.97
C LEU C 178 -14.58 14.92 34.00
N GLY C 179 -14.46 13.71 33.46
CA GLY C 179 -13.40 13.37 32.50
C GLY C 179 -13.50 14.24 31.29
N ALA C 180 -14.75 14.45 30.88
CA ALA C 180 -14.98 15.14 29.59
C ALA C 180 -14.72 16.61 29.67
N MET C 181 -14.57 17.13 30.88
CA MET C 181 -14.20 18.54 31.02
C MET C 181 -12.87 18.84 30.29
N GLY C 182 -12.00 17.83 30.16
CA GLY C 182 -10.74 18.10 29.42
C GLY C 182 -10.97 18.50 27.96
N TYR C 183 -12.01 17.97 27.34
CA TYR C 183 -12.35 18.39 25.99
C TYR C 183 -13.17 19.64 25.87
N VAL C 184 -13.95 19.96 26.91
CA VAL C 184 -14.47 21.33 26.98
C VAL C 184 -13.38 22.34 26.87
N GLU C 185 -12.33 22.11 27.66
CA GLU C 185 -11.14 23.00 27.71
C GLU C 185 -10.48 23.04 26.38
N SER C 186 -10.47 21.89 25.71
CA SER C 186 -9.84 21.77 24.41
C SER C 186 -10.52 22.74 23.44
N ALA C 187 -11.85 22.86 23.56
CA ALA C 187 -12.61 23.75 22.68
C ALA C 187 -12.13 25.18 22.78
N LEU C 188 -11.79 25.60 24.00
CA LEU C 188 -11.18 26.91 24.22
C LEU C 188 -9.84 27.09 23.49
N GLU C 189 -8.97 26.07 23.55
CA GLU C 189 -7.71 26.11 22.80
C GLU C 189 -8.00 26.26 21.35
N ILE C 190 -8.92 25.42 20.88
CA ILE C 190 -9.23 25.45 19.44
C ILE C 190 -9.75 26.84 19.03
N ALA C 191 -10.74 27.40 19.79
CA ALA C 191 -11.21 28.76 19.38
C ALA C 191 -10.07 29.78 19.32
N GLN C 192 -9.20 29.74 20.33
CA GLN C 192 -8.11 30.69 20.34
C GLN C 192 -7.16 30.46 19.19
N GLN C 193 -6.83 29.21 18.88
CA GLN C 193 -5.94 28.99 17.75
C GLN C 193 -6.59 29.35 16.42
N CYS C 194 -7.92 29.21 16.32
CA CYS C 194 -8.59 29.51 15.07
C CYS C 194 -8.82 30.98 14.81
N GLU C 195 -8.94 31.77 15.89
CA GLU C 195 -9.17 33.26 15.81
C GLU C 195 -8.15 33.91 14.87
N GLU C 196 -8.61 34.46 13.78
CA GLU C 196 -7.71 34.97 12.73
C GLU C 196 -6.98 33.87 12.03
N VAL C 197 -7.40 32.66 11.96
CA VAL C 197 -6.54 31.87 11.13
C VAL C 197 -7.45 31.35 10.10
N VAL C 198 -8.57 30.89 10.58
CA VAL C 198 -9.47 30.23 9.74
C VAL C 198 -10.90 30.28 10.20
N GLY C 199 -11.77 30.63 9.28
CA GLY C 199 -13.17 30.48 9.47
C GLY C 199 -13.60 29.07 9.19
N LEU C 200 -13.61 28.28 10.24
CA LEU C 200 -13.93 26.88 10.27
C LEU C 200 -15.46 26.58 10.00
N SER C 201 -15.79 25.59 9.15
CA SER C 201 -17.18 25.17 8.99
CA SER C 201 -17.19 25.18 9.00
C SER C 201 -17.53 23.95 9.82
N SER C 202 -16.60 23.00 9.87
CA SER C 202 -16.87 21.75 10.54
C SER C 202 -15.66 21.26 11.30
N VAL C 203 -15.93 20.35 12.22
CA VAL C 203 -14.88 19.70 12.99
C VAL C 203 -15.30 18.26 12.94
N VAL C 204 -14.32 17.36 12.76
CA VAL C 204 -14.59 15.94 12.72
C VAL C 204 -13.82 15.27 13.86
N VAL C 205 -14.44 14.33 14.57
CA VAL C 205 -13.82 13.65 15.65
C VAL C 205 -14.37 12.28 15.72
N ALA C 206 -13.52 11.32 16.09
CA ALA C 206 -13.97 9.99 16.40
C ALA C 206 -14.95 9.92 17.63
N SER C 207 -16.00 9.12 17.53
CA SER C 207 -16.93 9.12 18.61
C SER C 207 -17.10 7.75 19.16
N GLY C 208 -16.56 7.47 20.37
CA GLY C 208 -16.56 6.14 20.97
C GLY C 208 -17.20 6.08 22.32
N SER C 209 -16.42 6.05 23.40
CA SER C 209 -17.06 6.08 24.72
C SER C 209 -17.74 7.45 24.93
N ALA C 210 -17.38 8.45 24.13
CA ALA C 210 -18.17 9.72 23.87
C ALA C 210 -17.78 11.01 24.60
N GLY C 211 -16.80 10.95 25.52
CA GLY C 211 -16.39 12.05 26.31
C GLY C 211 -15.79 13.08 25.42
N THR C 212 -15.01 12.66 24.39
CA THR C 212 -14.46 13.66 23.51
C THR C 212 -15.52 14.42 22.68
N HIS C 213 -16.40 13.65 22.07
CA HIS C 213 -17.43 14.23 21.24
C HIS C 213 -18.30 15.18 22.15
N ALA C 214 -18.72 14.70 23.29
CA ALA C 214 -19.68 15.48 24.16
C ALA C 214 -19.01 16.63 24.81
N GLY C 215 -17.73 16.48 25.20
CA GLY C 215 -17.03 17.65 25.75
C GLY C 215 -16.75 18.67 24.72
N LEU C 216 -16.35 18.26 23.51
CA LEU C 216 -16.27 19.27 22.45
C LEU C 216 -17.63 19.83 22.08
N ALA C 217 -18.68 19.00 22.11
CA ALA C 217 -20.05 19.51 21.75
C ALA C 217 -20.42 20.69 22.66
N VAL C 218 -20.21 20.53 23.97
CA VAL C 218 -20.55 21.60 24.95
C VAL C 218 -19.64 22.75 24.77
N GLY C 219 -18.32 22.51 24.84
CA GLY C 219 -17.46 23.65 24.53
C GLY C 219 -17.68 24.35 23.27
N LEU C 220 -17.87 23.62 22.17
CA LEU C 220 -17.99 24.31 20.87
C LEU C 220 -19.35 25.05 20.74
N GLU C 221 -20.38 24.51 21.35
CA GLU C 221 -21.72 25.19 21.32
C GLU C 221 -21.55 26.59 21.93
N HIS C 222 -20.77 26.65 23.01
CA HIS C 222 -20.48 27.92 23.64
C HIS C 222 -19.49 28.82 23.02
N LEU C 223 -18.43 28.30 22.40
CA LEU C 223 -17.41 29.20 21.87
C LEU C 223 -17.39 29.37 20.40
N MET C 224 -17.94 28.39 19.67
CA MET C 224 -17.92 28.46 18.18
C MET C 224 -19.25 27.94 17.70
N PRO C 225 -20.37 28.60 18.13
CA PRO C 225 -21.72 28.05 17.86
C PRO C 225 -22.08 27.84 16.39
N ASP C 226 -21.38 28.49 15.47
CA ASP C 226 -21.64 28.32 14.04
C ASP C 226 -20.99 27.08 13.38
N VAL C 227 -19.97 26.53 14.03
CA VAL C 227 -19.26 25.32 13.49
C VAL C 227 -20.07 24.06 13.72
N GLU C 228 -20.16 23.18 12.73
CA GLU C 228 -20.83 21.93 12.82
C GLU C 228 -19.86 20.86 13.32
N LEU C 229 -20.20 20.15 14.38
CA LEU C 229 -19.33 19.10 14.90
C LEU C 229 -19.90 17.78 14.50
N ILE C 230 -19.06 16.98 13.78
CA ILE C 230 -19.48 15.65 13.35
C ILE C 230 -18.71 14.60 14.09
N GLY C 231 -19.40 13.70 14.74
CA GLY C 231 -18.77 12.51 15.34
C GLY C 231 -18.87 11.35 14.33
N VAL C 232 -17.73 10.77 13.97
CA VAL C 232 -17.72 9.47 13.20
C VAL C 232 -17.67 8.34 14.20
N THR C 233 -18.68 7.49 14.25
CA THR C 233 -18.72 6.48 15.31
C THR C 233 -17.71 5.38 15.05
N VAL C 234 -17.21 4.72 16.12
CA VAL C 234 -16.16 3.77 15.97
C VAL C 234 -16.59 2.51 16.51
N SER C 235 -17.82 2.47 17.07
CA SER C 235 -18.26 1.20 17.71
C SER C 235 -19.77 0.92 17.61
N ARG C 236 -20.57 1.92 17.25
CA ARG C 236 -22.05 1.81 17.40
C ARG C 236 -22.74 2.51 16.30
N SER C 237 -24.01 2.09 16.01
CA SER C 237 -24.84 2.87 15.07
C SER C 237 -25.17 4.18 15.70
N VAL C 238 -25.57 5.11 14.85
CA VAL C 238 -26.20 6.36 15.25
C VAL C 238 -27.26 6.15 16.35
N ALA C 239 -28.12 5.14 16.22
CA ALA C 239 -29.24 5.04 17.15
C ALA C 239 -28.79 4.64 18.51
N GLU C 240 -27.76 3.77 18.61
CA GLU C 240 -27.12 3.45 19.90
C GLU C 240 -26.20 4.54 20.44
N GLN C 241 -25.52 5.28 19.57
CA GLN C 241 -24.52 6.32 20.02
C GLN C 241 -25.14 7.62 20.48
N LYS C 242 -26.16 8.05 19.73
CA LYS C 242 -26.71 9.36 19.98
C LYS C 242 -27.23 9.63 21.39
N PRO C 243 -27.90 8.67 22.07
CA PRO C 243 -28.35 8.98 23.45
C PRO C 243 -27.24 8.97 24.43
N LYS C 244 -26.09 8.32 24.10
CA LYS C 244 -24.94 8.36 25.03
C LYS C 244 -24.39 9.71 24.90
N VAL C 245 -24.25 10.17 23.68
CA VAL C 245 -23.59 11.46 23.49
C VAL C 245 -24.44 12.58 24.13
N ILE C 246 -25.74 12.44 23.93
CA ILE C 246 -26.66 13.48 24.41
C ILE C 246 -26.72 13.44 25.93
N ALA C 247 -26.85 12.25 26.56
CA ALA C 247 -26.72 12.14 28.01
C ALA C 247 -25.47 12.75 28.63
N LEU C 248 -24.29 12.59 27.98
CA LEU C 248 -23.10 13.22 28.51
C LEU C 248 -23.15 14.68 28.28
N GLN C 249 -23.52 15.08 27.08
CA GLN C 249 -23.50 16.51 26.77
C GLN C 249 -24.33 17.18 27.93
N GLN C 250 -25.41 16.51 28.30
CA GLN C 250 -26.37 17.13 29.24
C GLN C 250 -25.82 17.11 30.68
N ALA C 251 -25.27 15.97 31.10
CA ALA C 251 -24.55 15.89 32.37
C ALA C 251 -23.35 16.84 32.44
N ILE C 252 -22.60 17.02 31.35
CA ILE C 252 -21.48 18.03 31.35
C ILE C 252 -22.07 19.46 31.54
N ALA C 253 -23.07 19.77 30.75
CA ALA C 253 -23.75 21.10 30.89
C ALA C 253 -24.19 21.32 32.34
N GLY C 254 -24.81 20.26 32.90
CA GLY C 254 -25.33 20.27 34.26
C GLY C 254 -24.28 20.57 35.34
N GLN C 255 -23.11 19.97 35.21
CA GLN C 255 -21.97 20.34 36.06
C GLN C 255 -21.37 21.69 35.85
N LEU C 256 -21.43 22.24 34.63
CA LEU C 256 -20.90 23.61 34.35
C LEU C 256 -21.92 24.70 34.60
N ALA C 257 -23.09 24.30 35.13
CA ALA C 257 -24.29 25.15 35.27
C ALA C 257 -24.61 25.91 33.98
N LEU C 258 -24.68 25.18 32.86
CA LEU C 258 -24.86 25.83 31.55
C LEU C 258 -25.98 25.03 30.86
N THR C 259 -26.47 25.50 29.73
CA THR C 259 -27.47 24.69 29.00
C THR C 259 -26.86 24.39 27.61
N ALA C 260 -26.98 23.15 27.18
CA ALA C 260 -26.51 22.78 25.82
C ALA C 260 -27.70 22.36 24.93
N THR C 261 -28.02 23.17 23.91
CA THR C 261 -29.21 22.77 23.14
C THR C 261 -28.79 22.14 21.79
N ALA C 262 -27.51 22.31 21.40
CA ALA C 262 -26.97 21.83 20.12
C ALA C 262 -27.35 20.42 19.78
N ASP C 263 -27.72 20.23 18.52
CA ASP C 263 -28.02 18.87 18.07
C ASP C 263 -26.67 18.09 17.96
N ILE C 264 -26.67 16.79 18.26
CA ILE C 264 -25.44 15.98 18.18
C ILE C 264 -25.51 15.43 16.71
N HIS C 265 -24.42 15.54 15.94
CA HIS C 265 -24.40 14.83 14.62
C HIS C 265 -23.46 13.66 14.63
N LEU C 266 -23.93 12.49 14.16
CA LEU C 266 -23.18 11.23 14.12
C LEU C 266 -23.24 10.63 12.73
N TRP C 267 -22.10 10.13 12.19
CA TRP C 267 -22.12 9.37 10.91
C TRP C 267 -21.56 7.99 11.26
N ASP C 268 -22.35 6.92 11.07
CA ASP C 268 -21.97 5.59 11.55
C ASP C 268 -21.57 4.67 10.39
N ASP C 269 -21.29 5.21 9.24
CA ASP C 269 -21.07 4.36 8.01
C ASP C 269 -19.64 3.88 7.93
N TYR C 270 -18.81 4.26 8.91
CA TYR C 270 -17.36 4.11 8.69
C TYR C 270 -16.66 3.15 9.62
N PHE C 271 -17.38 2.32 10.36
CA PHE C 271 -16.72 1.53 11.41
C PHE C 271 -16.83 0.02 11.23
N ALA C 272 -17.63 -0.41 10.24
CA ALA C 272 -17.93 -1.82 10.08
C ALA C 272 -16.62 -2.57 9.85
N PRO C 273 -16.52 -3.76 10.38
CA PRO C 273 -17.64 -4.50 10.97
C PRO C 273 -17.70 -4.47 12.50
N GLY C 274 -16.99 -3.56 13.16
CA GLY C 274 -17.11 -3.53 14.61
C GLY C 274 -16.00 -2.71 15.26
N TYR C 275 -16.22 -2.33 16.51
CA TYR C 275 -15.12 -1.73 17.29
C TYR C 275 -13.86 -2.59 17.19
N GLY C 276 -12.72 -1.96 16.94
CA GLY C 276 -11.48 -2.69 17.13
C GLY C 276 -11.07 -3.41 15.86
N VAL C 277 -11.88 -3.35 14.80
CA VAL C 277 -11.60 -4.15 13.59
C VAL C 277 -11.25 -3.15 12.50
N PRO C 278 -10.06 -3.28 11.88
CA PRO C 278 -9.69 -2.34 10.84
C PRO C 278 -10.59 -2.54 9.64
N ASN C 279 -10.67 -1.55 8.78
CA ASN C 279 -11.41 -1.74 7.53
C ASN C 279 -10.66 -1.04 6.42
N ASP C 280 -11.01 -1.31 5.17
CA ASP C 280 -10.19 -0.81 4.09
C ASP C 280 -10.18 0.67 3.96
N ALA C 281 -11.33 1.32 4.10
CA ALA C 281 -11.29 2.78 3.97
C ALA C 281 -10.45 3.44 5.08
N GLY C 282 -10.43 2.78 6.23
CA GLY C 282 -9.72 3.28 7.41
C GLY C 282 -8.21 3.19 7.17
N MET C 283 -7.77 2.04 6.67
CA MET C 283 -6.33 1.84 6.44
C MET C 283 -5.91 2.70 5.24
N GLU C 284 -6.79 2.89 4.25
CA GLU C 284 -6.46 3.83 3.15
C GLU C 284 -6.31 5.26 3.64
N ALA C 285 -7.16 5.69 4.58
CA ALA C 285 -6.95 7.00 5.21
C ALA C 285 -5.59 7.08 6.01
N VAL C 286 -5.27 6.05 6.77
CA VAL C 286 -3.95 5.97 7.44
C VAL C 286 -2.83 6.16 6.42
N LYS C 287 -2.89 5.44 5.32
CA LYS C 287 -1.88 5.58 4.29
C LYS C 287 -1.82 6.96 3.65
N LEU C 288 -2.98 7.52 3.42
CA LEU C 288 -3.07 8.82 2.83
C LEU C 288 -2.49 9.91 3.74
N LEU C 289 -2.78 9.88 5.05
CA LEU C 289 -2.20 10.94 5.90
C LEU C 289 -0.70 10.77 6.12
N ALA C 290 -0.29 9.51 6.20
CA ALA C 290 1.14 9.26 6.34
C ALA C 290 1.88 9.69 5.04
N SER C 291 1.41 9.32 3.87
CA SER C 291 2.23 9.60 2.67
C SER C 291 2.22 11.08 2.27
N LEU C 292 1.11 11.78 2.52
CA LEU C 292 0.95 13.19 2.09
C LEU C 292 1.40 14.16 3.14
N GLU C 293 1.32 13.74 4.42
CA GLU C 293 1.55 14.72 5.53
C GLU C 293 2.52 14.24 6.59
N GLY C 294 2.95 12.99 6.49
CA GLY C 294 3.81 12.41 7.53
C GLY C 294 3.09 12.37 8.84
N VAL C 295 1.77 12.24 8.78
CA VAL C 295 0.99 12.14 10.00
C VAL C 295 0.57 10.70 10.23
N LEU C 296 0.64 10.20 11.45
CA LEU C 296 0.23 8.81 11.67
C LEU C 296 -1.13 8.74 12.42
N LEU C 297 -2.13 8.11 11.78
CA LEU C 297 -3.47 7.80 12.35
C LEU C 297 -3.40 6.40 12.84
N ASP C 298 -4.55 5.78 13.13
CA ASP C 298 -4.55 4.46 13.70
C ASP C 298 -5.70 3.67 13.13
N PRO C 299 -5.66 2.32 13.28
CA PRO C 299 -6.72 1.61 12.59
C PRO C 299 -8.11 1.56 13.28
N VAL C 300 -8.17 1.87 14.56
CA VAL C 300 -9.36 1.64 15.34
C VAL C 300 -10.17 2.92 15.40
N TYR C 301 -9.51 4.06 15.55
CA TYR C 301 -10.19 5.32 15.83
C TYR C 301 -10.00 6.36 14.79
N THR C 302 -8.78 6.91 14.65
CA THR C 302 -8.56 8.07 13.77
C THR C 302 -8.62 7.76 12.25
N GLY C 303 -8.15 6.58 11.86
CA GLY C 303 -8.26 6.11 10.45
C GLY C 303 -9.74 6.04 10.00
N LYS C 304 -10.58 5.49 10.85
CA LYS C 304 -12.04 5.38 10.57
C LYS C 304 -12.68 6.72 10.55
N ALA C 305 -12.45 7.55 11.58
CA ALA C 305 -12.85 8.99 11.53
C ALA C 305 -12.41 9.75 10.34
N MET C 306 -11.12 9.62 9.95
CA MET C 306 -10.64 10.32 8.77
C MET C 306 -11.26 9.77 7.51
N ALA C 307 -11.58 8.48 7.49
CA ALA C 307 -12.19 7.93 6.27
C ALA C 307 -13.62 8.54 6.16
N GLY C 308 -14.25 8.68 7.34
CA GLY C 308 -15.49 9.46 7.44
C GLY C 308 -15.39 10.80 6.83
N LEU C 309 -14.36 11.57 7.19
CA LEU C 309 -14.17 12.88 6.67
C LEU C 309 -14.08 12.91 5.14
N ILE C 310 -13.24 12.04 4.61
CA ILE C 310 -12.97 12.00 3.16
C ILE C 310 -14.30 11.64 2.45
N ASP C 311 -15.00 10.63 2.94
CA ASP C 311 -16.27 10.29 2.28
C ASP C 311 -17.28 11.46 2.43
N GLY C 312 -17.15 12.28 3.50
CA GLY C 312 -18.05 13.42 3.73
C GLY C 312 -17.84 14.43 2.63
N ILE C 313 -16.60 14.56 2.19
CA ILE C 313 -16.26 15.50 1.13
C ILE C 313 -16.76 14.96 -0.22
N SER C 314 -16.55 13.68 -0.42
CA SER C 314 -16.89 12.98 -1.64
C SER C 314 -18.45 13.03 -1.86
N GLN C 315 -19.19 12.80 -0.77
CA GLN C 315 -20.65 12.77 -0.80
C GLN C 315 -21.32 14.07 -0.36
N LYS C 316 -20.59 15.18 -0.31
CA LYS C 316 -21.07 16.49 0.17
C LYS C 316 -21.97 16.27 1.37
N ARG C 317 -21.44 15.66 2.42
CA ARG C 317 -22.24 15.39 3.56
C ARG C 317 -22.18 16.56 4.54
N PHE C 318 -21.19 17.44 4.39
CA PHE C 318 -20.99 18.50 5.34
C PHE C 318 -21.96 19.62 4.98
N ASN C 319 -22.18 20.52 5.95
CA ASN C 319 -23.11 21.64 5.77
C ASN C 319 -22.69 22.53 4.64
N ASP C 320 -21.37 22.71 4.45
CA ASP C 320 -20.90 23.39 3.22
C ASP C 320 -19.49 23.03 2.74
N ASP C 321 -18.90 23.91 1.95
CA ASP C 321 -17.61 23.66 1.35
C ASP C 321 -16.43 24.14 2.16
N GLY C 322 -16.64 24.57 3.40
CA GLY C 322 -15.61 25.44 4.03
C GLY C 322 -14.63 24.55 4.82
N PRO C 323 -13.68 25.18 5.55
CA PRO C 323 -12.54 24.44 6.19
C PRO C 323 -13.02 23.47 7.16
N ILE C 324 -12.35 22.31 7.24
CA ILE C 324 -12.61 21.30 8.21
C ILE C 324 -11.38 21.13 9.14
N LEU C 325 -11.64 20.98 10.42
CA LEU C 325 -10.64 20.66 11.39
C LEU C 325 -10.85 19.27 11.82
N PHE C 326 -9.81 18.43 11.63
CA PHE C 326 -9.87 17.08 12.13
C PHE C 326 -9.25 17.05 13.52
N ILE C 327 -9.89 16.39 14.45
CA ILE C 327 -9.33 16.30 15.81
C ILE C 327 -8.53 14.98 15.91
N HIS C 328 -7.20 15.14 15.96
CA HIS C 328 -6.37 13.92 16.05
C HIS C 328 -6.28 13.42 17.48
N THR C 329 -7.07 12.43 17.84
CA THR C 329 -7.12 12.01 19.22
C THR C 329 -6.06 10.98 19.62
N GLY C 330 -5.22 10.59 18.66
CA GLY C 330 -4.12 9.66 18.97
C GLY C 330 -4.22 8.27 18.35
N GLY C 331 -3.70 7.31 19.10
CA GLY C 331 -3.87 5.94 18.69
C GLY C 331 -2.80 5.19 17.94
N ALA C 332 -1.78 5.90 17.43
CA ALA C 332 -0.75 5.28 16.56
C ALA C 332 -0.05 4.05 17.13
N PRO C 333 0.11 3.91 18.48
CA PRO C 333 0.82 2.71 18.88
C PRO C 333 0.11 1.45 18.47
N ALA C 334 -1.22 1.49 18.32
CA ALA C 334 -1.95 0.30 17.80
C ALA C 334 -1.53 -0.12 16.38
N LEU C 335 -0.93 0.75 15.59
CA LEU C 335 -0.44 0.29 14.27
C LEU C 335 0.45 -0.98 14.40
N PHE C 336 1.23 -1.05 15.49
CA PHE C 336 2.26 -2.08 15.61
C PHE C 336 1.63 -3.33 16.21
N ALA C 337 0.50 -3.17 16.89
CA ALA C 337 -0.28 -4.32 17.38
C ALA C 337 -1.09 -4.98 16.28
N TYR C 338 -1.61 -4.19 15.33
CA TYR C 338 -2.55 -4.68 14.27
C TYR C 338 -1.76 -5.23 13.10
N HIS C 339 -0.48 -4.88 13.06
CA HIS C 339 0.41 -5.43 12.03
C HIS C 339 0.80 -6.87 12.38
N PRO C 340 0.85 -7.83 11.40
CA PRO C 340 0.48 -7.63 9.98
C PRO C 340 -1.03 -7.84 9.72
N HIS C 341 -1.69 -8.59 10.63
CA HIS C 341 -3.14 -8.74 10.59
C HIS C 341 -3.60 -9.19 11.96
N VAL C 342 -4.91 -9.07 12.13
N VAL C 342 -4.92 -9.24 12.20
CA VAL C 342 -5.71 -9.57 13.22
CA VAL C 342 -5.53 -9.85 13.40
C VAL C 342 -5.31 -9.09 14.63
C VAL C 342 -6.52 -10.93 12.93
N MET D 15 25.26 35.82 21.75
CA MET D 15 26.73 36.06 21.73
C MET D 15 27.51 34.92 21.00
N PRO D 16 28.06 33.92 21.73
CA PRO D 16 29.16 33.23 20.99
C PRO D 16 28.69 32.35 19.80
N LEU D 17 27.43 31.91 19.83
CA LEU D 17 26.89 31.04 18.77
C LEU D 17 26.09 31.81 17.69
N HIS D 18 26.34 33.13 17.58
CA HIS D 18 25.60 33.99 16.63
C HIS D 18 25.68 33.54 15.18
N HIS D 19 26.85 33.04 14.70
CA HIS D 19 26.94 32.50 13.33
C HIS D 19 25.96 31.36 12.94
N LEU D 20 25.33 30.73 13.92
CA LEU D 20 24.26 29.74 13.69
C LEU D 20 23.16 30.34 12.85
N THR D 21 22.88 31.59 13.19
CA THR D 21 21.87 32.44 12.58
C THR D 21 21.80 32.35 11.06
N ARG D 22 22.95 32.16 10.42
CA ARG D 22 22.94 32.31 9.01
C ARG D 22 22.72 31.06 8.15
N PHE D 23 22.72 29.85 8.72
CA PHE D 23 22.34 28.66 7.95
C PHE D 23 20.83 28.66 7.79
N PRO D 24 20.36 28.54 6.56
CA PRO D 24 18.92 28.42 6.44
C PRO D 24 18.44 27.14 7.14
N ARG D 25 17.22 27.16 7.62
CA ARG D 25 16.69 26.05 8.39
CA ARG D 25 16.69 26.01 8.32
C ARG D 25 15.18 26.00 8.22
N LEU D 26 14.64 24.81 8.09
CA LEU D 26 13.19 24.65 8.13
C LEU D 26 12.70 24.64 9.59
N GLU D 27 11.39 24.85 9.80
CA GLU D 27 10.82 24.78 11.13
C GLU D 27 10.01 23.50 11.29
N PHE D 28 10.60 22.49 11.93
CA PHE D 28 9.92 21.22 12.16
C PHE D 28 9.55 21.05 13.63
N ILE D 29 10.18 21.81 14.52
CA ILE D 29 9.87 21.62 15.97
C ILE D 29 9.07 22.78 16.58
N GLY D 30 9.56 24.01 16.40
CA GLY D 30 8.89 25.13 17.04
C GLY D 30 9.37 25.45 18.43
N ALA D 31 8.50 25.30 19.43
CA ALA D 31 8.85 25.61 20.78
C ALA D 31 10.02 24.68 21.26
N PRO D 32 10.84 25.19 22.19
CA PRO D 32 11.83 24.34 22.84
C PRO D 32 11.13 23.08 23.38
N THR D 33 11.77 21.91 23.28
CA THR D 33 11.14 20.69 23.80
C THR D 33 11.27 20.73 25.33
N PRO D 34 10.40 20.03 26.06
CA PRO D 34 10.38 20.12 27.51
C PRO D 34 11.72 19.75 28.15
N LEU D 35 12.10 20.38 29.27
CA LEU D 35 13.20 19.89 30.08
C LEU D 35 12.65 19.70 31.45
N GLU D 36 12.56 18.46 31.91
CA GLU D 36 11.76 18.08 33.06
C GLU D 36 12.61 17.45 34.12
N TYR D 37 12.25 17.69 35.37
CA TYR D 37 12.80 16.93 36.54
C TYR D 37 12.15 15.57 36.62
N LEU D 38 12.87 14.52 37.04
CA LEU D 38 12.33 13.19 37.15
C LEU D 38 12.37 12.82 38.66
N PRO D 39 11.37 13.22 39.41
CA PRO D 39 11.55 13.09 40.86
C PRO D 39 11.61 11.63 41.34
N ARG D 40 10.90 10.70 40.69
CA ARG D 40 10.86 9.32 41.19
C ARG D 40 12.19 8.64 40.85
N LEU D 41 12.63 8.81 39.61
CA LEU D 41 13.98 8.31 39.27
C LEU D 41 15.07 8.94 40.18
N SER D 42 15.00 10.24 40.42
CA SER D 42 16.01 10.93 41.24
C SER D 42 16.00 10.36 42.69
N ASP D 43 14.79 10.16 43.23
CA ASP D 43 14.66 9.51 44.56
C ASP D 43 15.30 8.10 44.53
N TYR D 44 15.03 7.32 43.50
CA TYR D 44 15.57 6.01 43.44
C TYR D 44 17.15 6.00 43.30
N LEU D 45 17.67 6.89 42.46
CA LEU D 45 19.14 6.90 42.16
C LEU D 45 19.99 7.67 43.19
N GLY D 46 19.30 8.48 44.02
CA GLY D 46 19.92 9.30 45.03
C GLY D 46 20.66 10.49 44.50
N ARG D 47 20.22 11.03 43.37
CA ARG D 47 20.93 12.08 42.68
C ARG D 47 19.86 12.81 41.85
N GLU D 48 19.98 14.10 41.65
CA GLU D 48 18.96 14.83 40.88
C GLU D 48 19.11 14.58 39.38
N ILE D 49 18.07 14.12 38.72
CA ILE D 49 18.09 13.80 37.29
C ILE D 49 17.02 14.59 36.54
N TYR D 50 17.44 15.22 35.44
CA TYR D 50 16.57 15.96 34.56
C TYR D 50 16.60 15.26 33.22
N ILE D 51 15.63 15.57 32.36
CA ILE D 51 15.62 14.91 31.03
C ILE D 51 15.20 15.96 29.99
N LYS D 52 15.94 15.97 28.88
CA LYS D 52 15.58 16.86 27.78
C LYS D 52 14.78 15.99 26.82
N ARG D 53 13.53 16.33 26.64
CA ARG D 53 12.56 15.48 25.92
C ARG D 53 12.64 15.74 24.37
N ASP D 54 13.75 15.41 23.73
CA ASP D 54 13.77 15.47 22.28
C ASP D 54 12.98 14.34 21.65
N ASP D 55 12.51 13.38 22.46
CA ASP D 55 11.66 12.33 21.94
C ASP D 55 10.24 12.87 21.60
N VAL D 56 9.99 14.08 22.06
CA VAL D 56 8.68 14.63 21.89
C VAL D 56 8.57 15.62 20.68
N THR D 57 9.59 15.71 19.83
CA THR D 57 9.49 16.58 18.61
C THR D 57 8.28 16.12 17.75
N PRO D 58 7.56 17.03 17.05
CA PRO D 58 6.18 16.56 16.75
C PRO D 58 5.93 15.76 15.44
N ILE D 59 7.01 15.38 14.73
CA ILE D 59 6.83 14.62 13.48
C ILE D 59 6.99 13.14 13.66
N ALA D 60 5.99 12.40 13.21
CA ALA D 60 5.98 10.98 13.14
C ALA D 60 6.84 10.33 14.26
N MET D 61 6.40 10.48 15.52
CA MET D 61 7.02 9.74 16.63
C MET D 61 8.38 10.27 17.12
N GLY D 62 8.79 11.42 16.59
CA GLY D 62 9.72 12.32 17.28
C GLY D 62 11.17 11.86 17.20
N GLY D 63 12.07 12.54 17.89
CA GLY D 63 13.47 12.18 17.92
C GLY D 63 14.47 13.28 17.55
N ASN D 64 15.74 12.98 17.86
CA ASN D 64 16.86 13.93 17.69
C ASN D 64 17.09 14.31 16.18
N LYS D 65 16.70 13.46 15.24
CA LYS D 65 17.06 13.71 13.87
C LYS D 65 16.27 14.86 13.24
N LEU D 66 15.08 15.18 13.81
CA LEU D 66 14.31 16.36 13.31
C LEU D 66 15.16 17.62 13.36
N ARG D 67 15.91 17.81 14.45
CA ARG D 67 16.78 18.95 14.56
C ARG D 67 17.80 19.05 13.43
N LYS D 68 18.43 17.93 13.05
CA LYS D 68 19.38 17.92 11.96
C LYS D 68 18.70 18.14 10.61
N LEU D 69 17.57 17.48 10.45
CA LEU D 69 16.82 17.54 9.20
C LEU D 69 16.37 19.00 8.88
N GLU D 70 16.06 19.79 9.92
CA GLU D 70 15.75 21.22 9.72
C GLU D 70 16.84 21.90 8.85
N PHE D 71 18.10 21.63 9.16
CA PHE D 71 19.19 22.21 8.41
C PHE D 71 19.44 21.48 7.08
N LEU D 72 19.43 20.16 7.13
CA LEU D 72 19.78 19.38 5.92
C LEU D 72 18.76 19.55 4.80
N VAL D 73 17.48 19.52 5.20
CA VAL D 73 16.44 19.61 4.21
C VAL D 73 16.31 21.05 3.65
N ALA D 74 16.58 22.07 4.48
CA ALA D 74 16.64 23.44 3.89
C ALA D 74 17.73 23.44 2.83
N ASP D 75 18.89 22.82 3.12
CA ASP D 75 19.98 22.73 2.18
C ASP D 75 19.53 22.02 0.90
N ALA D 76 18.80 20.90 1.05
CA ALA D 76 18.29 20.18 -0.11
C ALA D 76 17.42 21.08 -1.00
N LEU D 77 16.46 21.78 -0.40
CA LEU D 77 15.48 22.60 -1.13
C LEU D 77 16.18 23.78 -1.84
N ARG D 78 17.15 24.37 -1.18
CA ARG D 78 18.02 25.38 -1.78
C ARG D 78 18.75 24.91 -3.04
N GLU D 79 19.12 23.63 -3.04
CA GLU D 79 19.71 23.05 -4.21
C GLU D 79 18.70 22.63 -5.27
N GLY D 80 17.41 22.76 -4.96
CA GLY D 80 16.38 22.24 -5.86
C GLY D 80 16.26 20.70 -5.88
N ALA D 81 16.65 20.01 -4.79
CA ALA D 81 16.44 18.56 -4.73
C ALA D 81 14.99 18.25 -4.70
N ASP D 82 14.60 17.11 -5.28
CA ASP D 82 13.22 16.64 -5.11
C ASP D 82 13.17 15.26 -4.44
N THR D 83 14.34 14.73 -4.06
CA THR D 83 14.46 13.37 -3.49
C THR D 83 15.51 13.33 -2.40
N LEU D 84 15.15 12.76 -1.26
CA LEU D 84 16.14 12.56 -0.19
C LEU D 84 16.60 11.12 -0.17
N ILE D 85 17.92 10.94 -0.01
CA ILE D 85 18.45 9.58 0.06
C ILE D 85 19.28 9.45 1.37
N THR D 86 19.09 8.35 2.09
CA THR D 86 19.83 8.11 3.33
C THR D 86 19.89 6.63 3.56
N ALA D 87 20.59 6.22 4.65
CA ALA D 87 20.86 4.82 4.91
C ALA D 87 20.78 4.56 6.41
N GLY D 88 20.51 3.32 6.77
CA GLY D 88 20.64 2.92 8.15
C GLY D 88 20.17 1.50 8.32
N ALA D 89 20.03 1.09 9.57
CA ALA D 89 19.50 -0.26 9.87
C ALA D 89 18.01 -0.26 9.54
N ILE D 90 17.46 -1.45 9.31
CA ILE D 90 16.01 -1.61 9.01
C ILE D 90 15.19 -0.86 10.08
N GLN D 91 15.65 -0.93 11.34
CA GLN D 91 14.93 -0.21 12.44
C GLN D 91 15.47 1.17 12.75
N SER D 92 16.25 1.78 11.82
CA SER D 92 16.72 3.15 12.02
C SER D 92 15.65 4.17 12.37
N ASN D 93 15.81 4.92 13.48
CA ASN D 93 14.91 6.08 13.69
C ASN D 93 15.23 7.19 12.67
N HIS D 94 16.52 7.29 12.29
CA HIS D 94 16.97 8.40 11.43
C HIS D 94 16.27 8.25 10.08
N VAL D 95 16.27 7.02 9.55
CA VAL D 95 15.63 6.79 8.27
C VAL D 95 14.12 7.10 8.35
N ARG D 96 13.49 6.69 9.47
CA ARG D 96 12.05 6.91 9.69
C ARG D 96 11.76 8.40 9.73
N GLN D 97 12.55 9.21 10.45
CA GLN D 97 12.35 10.66 10.52
C GLN D 97 12.53 11.35 9.15
N THR D 98 13.59 10.98 8.44
CA THR D 98 13.82 11.45 7.08
C THR D 98 12.64 11.12 6.17
N ALA D 99 12.17 9.91 6.23
CA ALA D 99 11.03 9.51 5.37
C ALA D 99 9.75 10.33 5.73
N ALA D 100 9.57 10.63 7.01
CA ALA D 100 8.39 11.37 7.45
C ALA D 100 8.46 12.81 6.92
N VAL D 101 9.61 13.42 7.05
CA VAL D 101 9.84 14.79 6.54
C VAL D 101 9.68 14.85 5.01
N ALA D 102 10.22 13.82 4.34
CA ALA D 102 10.08 13.73 2.89
C ALA D 102 8.60 13.68 2.51
N ALA D 103 7.85 12.82 3.14
CA ALA D 103 6.39 12.74 2.96
C ALA D 103 5.65 14.07 3.20
N LYS D 104 5.97 14.71 4.32
CA LYS D 104 5.37 15.98 4.65
C LYS D 104 5.62 17.01 3.53
N LEU D 105 6.86 17.05 3.03
CA LEU D 105 7.26 18.03 2.05
C LEU D 105 7.01 17.65 0.59
N GLY D 106 6.49 16.45 0.34
CA GLY D 106 6.24 15.99 -1.01
C GLY D 106 7.54 15.67 -1.77
N LEU D 107 8.58 15.27 -1.02
CA LEU D 107 9.88 14.86 -1.63
C LEU D 107 9.84 13.37 -1.82
N HIS D 108 10.50 12.87 -2.85
CA HIS D 108 10.73 11.44 -2.94
C HIS D 108 11.74 11.04 -1.85
N CYS D 109 11.75 9.77 -1.42
CA CYS D 109 12.72 9.31 -0.40
C CYS D 109 13.11 7.88 -0.78
N VAL D 110 14.41 7.63 -0.79
CA VAL D 110 14.92 6.28 -0.99
C VAL D 110 15.86 5.93 0.17
N ALA D 111 15.67 4.77 0.74
CA ALA D 111 16.41 4.41 1.95
C ALA D 111 17.17 3.15 1.67
N LEU D 112 18.46 3.21 1.93
CA LEU D 112 19.32 2.04 1.85
C LEU D 112 19.43 1.38 3.23
N LEU D 113 18.90 0.18 3.40
CA LEU D 113 18.83 -0.47 4.70
C LEU D 113 19.65 -1.72 4.77
N GLU D 114 20.11 -2.05 5.98
CA GLU D 114 20.81 -3.24 6.27
C GLU D 114 20.17 -3.86 7.51
N ASN D 115 20.40 -5.14 7.68
CA ASN D 115 20.07 -5.86 8.89
C ASN D 115 21.36 -6.02 9.71
N PRO D 116 21.56 -5.21 10.78
CA PRO D 116 22.88 -5.18 11.41
C PRO D 116 23.10 -6.31 12.39
N ILE D 117 22.08 -7.11 12.63
CA ILE D 117 22.14 -8.07 13.73
C ILE D 117 21.85 -9.50 13.29
N GLY D 118 21.56 -9.70 12.01
CA GLY D 118 21.43 -11.05 11.43
C GLY D 118 20.13 -11.75 11.83
N THR D 119 19.16 -10.99 12.36
CA THR D 119 17.90 -11.56 12.81
C THR D 119 16.95 -11.93 11.65
N THR D 120 16.13 -12.96 11.86
CA THR D 120 15.03 -13.24 10.94
C THR D 120 13.69 -13.10 11.67
N ALA D 121 13.70 -12.44 12.82
CA ALA D 121 12.46 -12.19 13.59
C ALA D 121 11.56 -11.28 12.81
N GLU D 122 10.29 -11.69 12.67
CA GLU D 122 9.33 -10.92 11.85
CA GLU D 122 9.24 -10.96 11.92
C GLU D 122 9.09 -9.49 12.32
N ASN D 123 9.04 -9.26 13.63
CA ASN D 123 8.78 -7.89 14.10
C ASN D 123 9.97 -6.93 13.82
N TYR D 124 11.20 -7.45 13.97
CA TYR D 124 12.37 -6.65 13.55
C TYR D 124 12.27 -6.35 12.05
N LEU D 125 11.95 -7.37 11.26
CA LEU D 125 11.99 -7.25 9.79
C LEU D 125 10.91 -6.35 9.24
N THR D 126 9.73 -6.35 9.87
CA THR D 126 8.59 -5.68 9.26
C THR D 126 7.76 -4.71 10.16
N ASN D 127 7.98 -4.71 11.47
CA ASN D 127 7.15 -3.87 12.34
C ASN D 127 7.94 -2.60 12.72
N GLY D 128 7.44 -1.83 13.69
CA GLY D 128 8.16 -0.68 14.24
C GLY D 128 8.49 0.35 13.19
N ASN D 129 9.72 0.86 13.20
CA ASN D 129 10.06 1.87 12.26
C ASN D 129 9.92 1.39 10.82
N ARG D 130 10.21 0.12 10.57
CA ARG D 130 10.18 -0.43 9.19
C ARG D 130 8.73 -0.35 8.61
N LEU D 131 7.76 -0.65 9.45
CA LEU D 131 6.35 -0.52 9.08
C LEU D 131 6.07 0.92 8.69
N LEU D 132 6.55 1.87 9.47
CA LEU D 132 6.29 3.27 9.18
C LEU D 132 6.86 3.70 7.81
N LEU D 133 8.07 3.22 7.45
CA LEU D 133 8.62 3.57 6.15
C LEU D 133 7.64 3.26 4.99
N ASP D 134 6.95 2.15 5.07
CA ASP D 134 6.01 1.79 4.00
C ASP D 134 4.82 2.76 4.01
N LEU D 135 4.41 3.24 5.20
CA LEU D 135 3.27 4.19 5.21
C LEU D 135 3.68 5.50 4.58
N PHE D 136 4.96 5.84 4.71
CA PHE D 136 5.46 7.07 4.11
C PHE D 136 5.79 6.95 2.61
N ASN D 137 5.55 5.76 2.04
CA ASN D 137 5.96 5.46 0.64
C ASN D 137 7.45 5.57 0.36
N THR D 138 8.25 5.21 1.35
CA THR D 138 9.69 5.27 1.15
C THR D 138 10.04 4.17 0.14
N GLN D 139 10.88 4.48 -0.84
CA GLN D 139 11.46 3.40 -1.68
C GLN D 139 12.61 2.73 -0.89
N ILE D 140 12.53 1.42 -0.70
CA ILE D 140 13.45 0.68 0.15
C ILE D 140 14.38 -0.13 -0.74
N GLU D 141 15.65 -0.01 -0.45
CA GLU D 141 16.69 -0.66 -1.20
C GLU D 141 17.52 -1.38 -0.13
N MET D 142 17.54 -2.71 -0.18
CA MET D 142 18.27 -3.51 0.80
C MET D 142 19.73 -3.69 0.36
N CYS D 143 20.61 -3.82 1.33
CA CYS D 143 21.99 -4.12 1.02
C CYS D 143 22.48 -5.10 2.02
N ASP D 144 23.49 -5.84 1.61
CA ASP D 144 24.04 -6.87 2.48
C ASP D 144 24.57 -6.27 3.78
N ALA D 145 25.30 -5.17 3.67
CA ALA D 145 25.86 -4.52 4.84
C ALA D 145 26.26 -3.14 4.46
N LEU D 146 26.22 -2.24 5.41
CA LEU D 146 26.68 -0.87 5.20
C LEU D 146 28.18 -0.76 5.52
N THR D 147 29.00 -1.37 4.66
CA THR D 147 30.49 -1.33 4.85
C THR D 147 31.15 0.01 4.50
N ASP D 148 30.67 0.65 3.42
CA ASP D 148 31.06 2.03 3.07
C ASP D 148 29.82 2.96 2.79
N PRO D 149 29.13 3.41 3.87
CA PRO D 149 27.86 4.09 3.65
C PRO D 149 27.94 5.32 2.73
N ASP D 150 28.94 6.18 2.91
CA ASP D 150 29.09 7.36 2.02
C ASP D 150 29.19 6.95 0.55
N ALA D 151 30.09 6.02 0.25
CA ALA D 151 30.23 5.48 -1.12
C ALA D 151 28.97 4.77 -1.62
N GLN D 152 28.36 3.97 -0.75
CA GLN D 152 27.19 3.22 -1.14
C GLN D 152 25.99 4.19 -1.44
N LEU D 153 25.89 5.27 -0.67
CA LEU D 153 24.84 6.29 -0.92
C LEU D 153 25.09 6.98 -2.26
N GLN D 154 26.37 7.24 -2.56
CA GLN D 154 26.75 7.91 -3.84
C GLN D 154 26.39 7.08 -5.05
N THR D 155 26.67 5.78 -4.98
CA THR D 155 26.21 4.85 -6.01
C THR D 155 24.68 4.85 -6.19
N LEU D 156 23.96 4.78 -5.07
CA LEU D 156 22.50 4.89 -5.13
C LEU D 156 22.02 6.22 -5.71
N ALA D 157 22.61 7.34 -5.27
CA ALA D 157 22.27 8.65 -5.84
C ALA D 157 22.46 8.70 -7.37
N THR D 158 23.58 8.17 -7.86
CA THR D 158 23.79 8.09 -9.32
C THR D 158 22.69 7.37 -10.07
N ARG D 159 22.32 6.15 -9.63
CA ARG D 159 21.13 5.47 -10.22
C ARG D 159 19.84 6.32 -10.19
N ILE D 160 19.61 6.98 -9.05
CA ILE D 160 18.35 7.72 -8.85
C ILE D 160 18.41 8.95 -9.80
N GLU D 161 19.55 9.64 -9.81
CA GLU D 161 19.72 10.75 -10.71
C GLU D 161 19.53 10.39 -12.20
N ALA D 162 20.05 9.24 -12.58
CA ALA D 162 19.84 8.66 -13.90
C ALA D 162 18.38 8.49 -14.28
N GLN D 163 17.51 8.22 -13.31
CA GLN D 163 16.08 8.19 -13.58
C GLN D 163 15.51 9.60 -13.77
N GLY D 164 16.36 10.63 -13.60
CA GLY D 164 15.93 12.03 -13.80
C GLY D 164 15.52 12.72 -12.51
N PHE D 165 15.63 12.02 -11.37
CA PHE D 165 15.32 12.66 -10.07
C PHE D 165 16.49 13.60 -9.73
N ARG D 166 16.30 14.50 -8.77
CA ARG D 166 17.34 15.40 -8.31
C ARG D 166 17.62 15.05 -6.82
N PRO D 167 18.50 14.08 -6.58
CA PRO D 167 18.63 13.57 -5.21
C PRO D 167 19.51 14.43 -4.34
N TYR D 168 19.24 14.39 -3.03
CA TYR D 168 20.18 14.98 -2.09
C TYR D 168 20.49 13.90 -1.06
N VAL D 169 21.78 13.70 -0.83
CA VAL D 169 22.22 12.63 0.05
C VAL D 169 22.31 13.11 1.50
N ILE D 170 21.61 12.41 2.39
CA ILE D 170 21.75 12.66 3.81
C ILE D 170 22.60 11.53 4.38
N PRO D 171 23.74 11.85 4.99
CA PRO D 171 24.61 10.75 5.51
C PRO D 171 23.94 9.95 6.69
N VAL D 172 24.54 8.84 7.10
CA VAL D 172 24.01 8.02 8.21
C VAL D 172 23.86 8.90 9.44
N GLY D 173 22.71 8.77 10.12
CA GLY D 173 22.38 9.62 11.29
C GLY D 173 22.24 11.10 10.99
N GLY D 174 22.37 11.53 9.71
CA GLY D 174 22.41 12.97 9.40
C GLY D 174 23.58 13.69 10.02
N SER D 175 24.59 12.96 10.46
CA SER D 175 25.70 13.54 11.24
C SER D 175 26.82 14.19 10.39
N SER D 176 26.53 15.31 9.74
CA SER D 176 27.56 16.12 9.03
C SER D 176 27.64 17.41 9.84
N ALA D 177 28.57 18.30 9.59
CA ALA D 177 28.67 19.50 10.46
C ALA D 177 27.42 20.34 10.34
N LEU D 178 26.92 20.41 9.11
CA LEU D 178 25.66 21.08 8.86
C LEU D 178 24.52 20.48 9.67
N GLY D 179 24.34 19.18 9.59
CA GLY D 179 23.21 18.59 10.28
C GLY D 179 23.35 18.75 11.79
N ALA D 180 24.59 18.68 12.28
CA ALA D 180 24.86 18.78 13.73
C ALA D 180 24.58 20.21 14.28
N MET D 181 24.37 21.19 13.40
CA MET D 181 24.00 22.51 13.87
C MET D 181 22.67 22.50 14.65
N GLY D 182 21.80 21.54 14.35
CA GLY D 182 20.58 21.37 15.13
C GLY D 182 20.86 21.07 16.62
N TYR D 183 21.94 20.32 16.92
CA TYR D 183 22.33 20.08 18.33
C TYR D 183 23.13 21.16 18.96
N VAL D 184 23.84 21.96 18.12
CA VAL D 184 24.33 23.23 18.65
C VAL D 184 23.13 24.05 19.12
N GLU D 185 22.07 24.10 18.32
CA GLU D 185 20.91 24.88 18.73
C GLU D 185 20.24 24.31 19.96
N SER D 186 20.19 22.99 20.01
CA SER D 186 19.64 22.31 21.17
C SER D 186 20.37 22.74 22.49
N ALA D 187 21.71 22.93 22.38
CA ALA D 187 22.51 23.45 23.53
C ALA D 187 22.02 24.77 24.08
N LEU D 188 21.67 25.68 23.17
CA LEU D 188 21.16 26.96 23.57
C LEU D 188 19.81 26.83 24.28
N GLU D 189 18.92 25.94 23.83
CA GLU D 189 17.65 25.73 24.54
C GLU D 189 17.97 25.24 25.93
N ILE D 190 18.91 24.29 26.01
CA ILE D 190 19.28 23.67 27.30
C ILE D 190 19.84 24.70 28.27
N ALA D 191 20.78 25.51 27.81
CA ALA D 191 21.33 26.56 28.67
C ALA D 191 20.20 27.49 29.16
N GLN D 192 19.32 27.94 28.27
CA GLN D 192 18.19 28.80 28.66
C GLN D 192 17.27 28.13 29.72
N GLN D 193 16.95 26.85 29.53
CA GLN D 193 16.03 26.14 30.44
C GLN D 193 16.68 25.79 31.75
N CYS D 194 17.98 25.60 31.75
CA CYS D 194 18.71 25.40 32.95
C CYS D 194 19.05 26.69 33.72
N GLU D 195 18.91 27.84 33.10
CA GLU D 195 19.28 29.05 33.76
C GLU D 195 18.36 29.24 34.88
N GLU D 196 18.66 28.46 35.92
CA GLU D 196 17.85 28.27 37.07
C GLU D 196 17.29 26.84 37.11
N VAL D 197 18.23 25.87 37.15
CA VAL D 197 18.21 24.52 37.66
C VAL D 197 19.50 24.59 38.40
N VAL D 198 19.55 24.13 39.64
CA VAL D 198 20.67 24.40 40.49
C VAL D 198 21.90 23.66 40.20
N GLY D 199 22.63 24.18 39.23
CA GLY D 199 23.96 23.74 38.94
C GLY D 199 24.08 22.38 38.30
N LEU D 200 23.60 22.28 37.09
CA LEU D 200 23.91 21.07 36.35
C LEU D 200 25.41 20.69 36.43
N SER D 201 25.75 19.43 36.74
CA SER D 201 27.15 18.98 36.66
C SER D 201 27.51 18.22 35.37
N SER D 202 26.57 17.41 34.87
CA SER D 202 26.83 16.42 33.83
C SER D 202 25.63 16.32 32.85
N VAL D 203 25.94 15.93 31.61
CA VAL D 203 24.91 15.68 30.61
C VAL D 203 25.29 14.38 29.99
N VAL D 204 24.29 13.54 29.75
CA VAL D 204 24.53 12.18 29.23
C VAL D 204 23.73 12.08 27.91
N VAL D 205 24.37 11.59 26.84
CA VAL D 205 23.69 11.42 25.60
C VAL D 205 24.25 10.18 24.94
N ALA D 206 23.40 9.43 24.25
CA ALA D 206 23.88 8.30 23.43
C ALA D 206 24.81 8.86 22.30
N SER D 207 25.85 8.13 21.96
CA SER D 207 26.80 8.65 20.95
C SER D 207 26.93 7.55 19.88
N GLY D 208 26.36 7.79 18.68
CA GLY D 208 26.26 6.81 17.59
C GLY D 208 26.97 7.42 16.40
N SER D 209 26.20 7.94 15.45
CA SER D 209 26.86 8.51 14.27
C SER D 209 27.55 9.83 14.62
N ALA D 210 27.27 10.36 15.83
CA ALA D 210 28.14 11.37 16.48
C ALA D 210 27.70 12.83 16.38
N GLY D 211 26.80 13.12 15.46
CA GLY D 211 26.32 14.49 15.31
C GLY D 211 25.67 15.11 16.55
N THR D 212 24.83 14.35 17.25
CA THR D 212 24.25 14.83 18.53
C THR D 212 25.35 15.20 19.55
N HIS D 213 26.26 14.26 19.80
CA HIS D 213 27.29 14.41 20.85
C HIS D 213 28.19 15.63 20.39
N ALA D 214 28.52 15.70 19.10
CA ALA D 214 29.47 16.75 18.67
C ALA D 214 28.82 18.16 18.70
N GLY D 215 27.57 18.25 18.27
CA GLY D 215 26.87 19.55 18.30
C GLY D 215 26.66 20.00 19.74
N LEU D 216 26.22 19.08 20.60
CA LEU D 216 26.16 19.43 22.02
C LEU D 216 27.54 19.79 22.59
N ALA D 217 28.58 19.06 22.19
CA ALA D 217 29.89 19.36 22.72
C ALA D 217 30.26 20.85 22.38
N VAL D 218 29.98 21.27 21.17
CA VAL D 218 30.43 22.64 20.76
C VAL D 218 29.56 23.66 21.51
N GLY D 219 28.25 23.49 21.45
CA GLY D 219 27.31 24.35 22.17
C GLY D 219 27.59 24.48 23.67
N LEU D 220 27.74 23.33 24.34
CA LEU D 220 27.96 23.33 25.80
C LEU D 220 29.33 23.88 26.17
N GLU D 221 30.35 23.60 25.35
CA GLU D 221 31.68 24.22 25.62
C GLU D 221 31.48 25.76 25.74
N HIS D 222 30.72 26.33 24.82
CA HIS D 222 30.59 27.77 24.76
C HIS D 222 29.55 28.36 25.73
N LEU D 223 28.55 27.59 26.14
CA LEU D 223 27.43 28.13 26.95
C LEU D 223 27.43 27.65 28.39
N MET D 224 27.99 26.47 28.63
CA MET D 224 28.03 25.93 29.97
C MET D 224 29.36 25.23 30.15
N PRO D 225 30.49 25.97 30.14
CA PRO D 225 31.81 25.32 29.99
C PRO D 225 32.18 24.43 31.19
N ASP D 226 31.51 24.63 32.31
CA ASP D 226 31.78 23.78 33.50
C ASP D 226 31.04 22.42 33.51
N VAL D 227 30.08 22.24 32.61
CA VAL D 227 29.29 21.03 32.57
C VAL D 227 30.10 19.93 31.85
N GLU D 228 30.06 18.71 32.40
CA GLU D 228 30.74 17.59 31.85
C GLU D 228 29.77 16.82 30.89
N LEU D 229 30.11 16.76 29.59
CA LEU D 229 29.27 16.02 28.64
C LEU D 229 29.81 14.62 28.43
N ILE D 230 28.99 13.62 28.73
CA ILE D 230 29.40 12.20 28.58
C ILE D 230 28.61 11.56 27.43
N GLY D 231 29.30 10.99 26.46
CA GLY D 231 28.62 10.26 25.41
C GLY D 231 28.71 8.79 25.73
N VAL D 232 27.59 8.10 25.71
CA VAL D 232 27.58 6.67 25.92
C VAL D 232 27.53 6.04 24.58
N THR D 233 28.56 5.28 24.20
CA THR D 233 28.55 4.78 22.82
C THR D 233 27.52 3.68 22.68
N VAL D 234 26.96 3.61 21.48
CA VAL D 234 25.92 2.64 21.18
C VAL D 234 26.34 1.65 20.08
N SER D 235 27.52 1.91 19.50
CA SER D 235 27.98 1.07 18.39
C SER D 235 29.49 0.77 18.33
N ARG D 236 30.33 1.54 19.05
CA ARG D 236 31.81 1.42 18.90
C ARG D 236 32.50 1.68 20.18
N SER D 237 33.73 1.17 20.27
CA SER D 237 34.64 1.51 21.37
C SER D 237 35.03 2.98 21.40
N VAL D 238 35.47 3.45 22.58
CA VAL D 238 36.05 4.76 22.69
C VAL D 238 37.09 5.05 21.55
N ALA D 239 38.05 4.14 21.33
CA ALA D 239 39.16 4.42 20.43
C ALA D 239 38.57 4.55 19.03
N GLU D 240 37.52 3.84 18.71
CA GLU D 240 36.96 4.06 17.37
C GLU D 240 35.99 5.22 17.26
N GLN D 241 35.23 5.49 18.33
CA GLN D 241 34.23 6.54 18.29
C GLN D 241 34.80 7.97 18.40
N LYS D 242 35.78 8.11 19.28
CA LYS D 242 36.26 9.42 19.67
C LYS D 242 36.76 10.29 18.45
N PRO D 243 37.52 9.70 17.53
CA PRO D 243 37.99 10.54 16.39
C PRO D 243 36.82 11.04 15.52
N LYS D 244 35.72 10.26 15.46
CA LYS D 244 34.52 10.70 14.74
C LYS D 244 33.85 11.88 15.40
N VAL D 245 33.76 11.85 16.73
CA VAL D 245 33.15 12.94 17.42
C VAL D 245 34.03 14.21 17.31
N ILE D 246 35.33 14.03 17.52
CA ILE D 246 36.24 15.10 17.49
C ILE D 246 36.23 15.79 16.06
N ALA D 247 36.24 14.97 15.01
CA ALA D 247 36.29 15.51 13.65
C ALA D 247 35.09 16.43 13.44
N LEU D 248 33.92 15.98 13.91
CA LEU D 248 32.75 16.79 13.77
C LEU D 248 32.78 18.02 14.66
N GLN D 249 33.18 17.87 15.89
CA GLN D 249 33.31 18.97 16.81
C GLN D 249 34.17 20.06 16.17
N GLN D 250 35.30 19.67 15.58
CA GLN D 250 36.23 20.68 15.08
C GLN D 250 35.58 21.30 13.80
N ALA D 251 34.94 20.50 12.97
CA ALA D 251 34.33 21.04 11.75
C ALA D 251 33.16 22.01 12.05
N ILE D 252 32.36 21.67 13.05
CA ILE D 252 31.27 22.49 13.48
C ILE D 252 31.81 23.79 14.05
N ALA D 253 32.79 23.70 14.93
CA ALA D 253 33.44 24.88 15.45
C ALA D 253 33.95 25.77 14.30
N GLY D 254 34.68 25.21 13.36
CA GLY D 254 35.17 26.00 12.22
C GLY D 254 34.02 26.70 11.45
N GLN D 255 32.91 26.01 11.19
CA GLN D 255 31.76 26.60 10.48
C GLN D 255 31.17 27.75 11.26
N LEU D 256 31.32 27.72 12.57
CA LEU D 256 30.84 28.77 13.36
C LEU D 256 31.89 29.81 13.75
N ALA D 257 33.08 29.69 13.18
CA ALA D 257 34.15 30.61 13.50
C ALA D 257 34.49 30.64 15.01
N LEU D 258 34.54 29.46 15.62
CA LEU D 258 34.82 29.40 17.03
C LEU D 258 35.94 28.39 17.19
N THR D 259 36.62 28.38 18.32
CA THR D 259 37.47 27.22 18.54
C THR D 259 36.75 26.28 19.56
N ALA D 260 37.17 25.04 19.65
CA ALA D 260 36.58 24.05 20.59
C ALA D 260 37.74 23.26 21.16
N THR D 261 38.12 23.58 22.40
CA THR D 261 39.28 22.92 23.00
C THR D 261 38.86 21.82 23.97
N ALA D 262 37.57 21.72 24.25
CA ALA D 262 37.13 20.65 25.15
C ALA D 262 37.55 19.24 24.75
N ASP D 263 37.82 18.43 25.75
CA ASP D 263 38.09 17.04 25.54
C ASP D 263 36.71 16.35 25.34
N ILE D 264 36.62 15.41 24.43
CA ILE D 264 35.39 14.59 24.28
C ILE D 264 35.48 13.42 25.29
N HIS D 265 34.37 13.12 25.97
CA HIS D 265 34.30 12.01 26.93
C HIS D 265 33.31 11.02 26.43
N LEU D 266 33.72 9.76 26.46
CA LEU D 266 32.95 8.64 25.95
C LEU D 266 33.08 7.47 26.94
N TRP D 267 31.95 6.81 27.25
CA TRP D 267 31.97 5.52 27.98
C TRP D 267 31.44 4.46 27.03
N ASP D 268 32.24 3.39 26.81
CA ASP D 268 31.90 2.38 25.84
C ASP D 268 31.51 1.05 26.45
N ASP D 269 31.27 1.04 27.74
CA ASP D 269 31.03 -0.23 28.50
C ASP D 269 29.56 -0.69 28.40
N TYR D 270 28.70 0.04 27.66
CA TYR D 270 27.22 -0.16 27.80
C TYR D 270 26.51 -0.62 26.54
N PHE D 271 27.26 -0.91 25.46
CA PHE D 271 26.58 -1.36 24.25
C PHE D 271 26.73 -2.81 23.80
N ALA D 272 27.58 -3.57 24.50
CA ALA D 272 27.87 -4.94 24.08
C ALA D 272 26.58 -5.72 24.15
N PRO D 273 26.38 -6.70 23.26
CA PRO D 273 27.40 -7.14 22.27
C PRO D 273 27.44 -6.48 20.90
N GLY D 274 26.78 -5.37 20.72
CA GLY D 274 26.93 -4.63 19.43
C GLY D 274 25.80 -3.70 19.12
N TYR D 275 26.02 -2.84 18.15
CA TYR D 275 24.96 -1.95 17.68
C TYR D 275 23.66 -2.74 17.44
N GLY D 276 22.53 -2.24 17.99
CA GLY D 276 21.27 -2.88 17.66
C GLY D 276 20.93 -4.16 18.40
N VAL D 277 21.85 -4.66 19.23
CA VAL D 277 21.56 -5.83 20.07
C VAL D 277 21.20 -5.44 21.50
N PRO D 278 19.98 -5.77 21.94
CA PRO D 278 19.60 -5.31 23.32
C PRO D 278 20.49 -5.97 24.35
N ASN D 279 20.67 -5.33 25.49
CA ASN D 279 21.39 -6.03 26.55
C ASN D 279 20.60 -5.90 27.83
N ASP D 280 20.98 -6.72 28.82
CA ASP D 280 20.23 -6.72 30.06
C ASP D 280 20.16 -5.38 30.82
N ALA D 281 21.29 -4.71 30.97
CA ALA D 281 21.24 -3.41 31.64
C ALA D 281 20.41 -2.37 30.84
N GLY D 282 20.39 -2.47 29.50
CA GLY D 282 19.61 -1.57 28.69
C GLY D 282 18.12 -1.87 28.96
N MET D 283 17.79 -3.17 28.99
CA MET D 283 16.41 -3.64 29.25
C MET D 283 15.95 -3.14 30.62
N GLU D 284 16.81 -3.27 31.61
CA GLU D 284 16.46 -2.81 32.95
C GLU D 284 16.27 -1.30 33.06
N ALA D 285 17.09 -0.52 32.33
CA ALA D 285 16.90 0.92 32.31
C ALA D 285 15.51 1.31 31.69
N VAL D 286 15.13 0.62 30.62
CA VAL D 286 13.87 0.83 29.90
C VAL D 286 12.73 0.61 30.92
N LYS D 287 12.77 -0.50 31.55
CA LYS D 287 11.81 -0.83 32.57
C LYS D 287 11.87 0.14 33.74
N LEU D 288 12.97 0.59 34.14
CA LEU D 288 13.01 1.55 35.24
C LEU D 288 12.34 2.86 34.87
N LEU D 289 12.66 3.42 33.70
CA LEU D 289 12.15 4.75 33.36
C LEU D 289 10.66 4.64 33.10
N ALA D 290 10.26 3.53 32.47
CA ALA D 290 8.81 3.37 32.25
C ALA D 290 8.04 3.28 33.62
N SER D 291 8.49 2.40 34.48
CA SER D 291 7.76 2.08 35.70
C SER D 291 7.84 3.23 36.72
N LEU D 292 8.94 4.01 36.72
CA LEU D 292 9.08 5.14 37.65
C LEU D 292 8.58 6.48 37.13
N GLU D 293 8.64 6.71 35.83
CA GLU D 293 8.39 8.00 35.28
C GLU D 293 7.38 7.97 34.15
N GLY D 294 6.99 6.78 33.69
CA GLY D 294 6.08 6.73 32.53
C GLY D 294 6.81 7.24 31.29
N VAL D 295 8.14 7.13 31.31
CA VAL D 295 8.94 7.62 30.12
C VAL D 295 9.42 6.41 29.33
N LEU D 296 9.27 6.44 28.02
CA LEU D 296 9.67 5.27 27.20
C LEU D 296 11.03 5.51 26.53
N LEU D 297 11.99 4.64 26.86
CA LEU D 297 13.30 4.62 26.24
C LEU D 297 13.29 3.57 25.09
N ASP D 298 14.46 3.13 24.63
CA ASP D 298 14.41 2.14 23.55
C ASP D 298 15.65 1.22 23.68
N PRO D 299 15.60 0.02 23.11
CA PRO D 299 16.65 -0.94 23.44
C PRO D 299 17.99 -0.67 22.72
N VAL D 300 17.96 0.17 21.68
CA VAL D 300 19.17 0.35 20.83
C VAL D 300 20.02 1.52 21.31
N TYR D 301 19.38 2.65 21.63
CA TYR D 301 20.11 3.87 21.96
C TYR D 301 19.92 4.36 23.40
N THR D 302 18.69 4.82 23.68
CA THR D 302 18.49 5.56 24.95
C THR D 302 18.49 4.58 26.12
N GLY D 303 18.06 3.33 25.93
CA GLY D 303 18.12 2.38 27.09
C GLY D 303 19.58 2.12 27.48
N LYS D 304 20.45 1.95 26.46
CA LYS D 304 21.85 1.79 26.76
C LYS D 304 22.48 3.04 27.34
N ALA D 305 22.17 4.22 26.79
CA ALA D 305 22.72 5.47 27.36
C ALA D 305 22.26 5.68 28.84
N MET D 306 21.00 5.36 29.11
CA MET D 306 20.50 5.51 30.50
C MET D 306 21.14 4.43 31.38
N ALA D 307 21.32 3.21 30.86
CA ALA D 307 22.14 2.22 31.60
C ALA D 307 23.53 2.74 32.02
N GLY D 308 24.13 3.51 31.12
CA GLY D 308 25.43 4.14 31.35
C GLY D 308 25.35 5.23 32.40
N LEU D 309 24.32 6.05 32.33
CA LEU D 309 24.07 7.05 33.36
C LEU D 309 23.94 6.36 34.76
N ILE D 310 23.15 5.31 34.82
CA ILE D 310 22.87 4.60 36.13
C ILE D 310 24.15 4.01 36.70
N ASP D 311 24.88 3.29 35.86
CA ASP D 311 26.13 2.70 36.27
C ASP D 311 27.17 3.78 36.65
N GLY D 312 27.17 4.89 35.95
CA GLY D 312 28.11 5.96 36.29
C GLY D 312 27.83 6.50 37.71
N ILE D 313 26.54 6.58 38.06
CA ILE D 313 26.18 6.93 39.46
C ILE D 313 26.67 5.84 40.46
N SER D 314 26.31 4.62 40.14
CA SER D 314 26.71 3.49 40.94
C SER D 314 28.23 3.44 41.19
N GLN D 315 29.02 3.75 40.16
CA GLN D 315 30.45 3.64 40.23
C GLN D 315 31.15 4.98 40.46
N LYS D 316 30.40 6.05 40.71
CA LYS D 316 30.99 7.37 40.89
C LYS D 316 31.94 7.75 39.74
N ARG D 317 31.43 7.58 38.52
CA ARG D 317 32.21 7.81 37.29
C ARG D 317 32.15 9.26 36.87
N PHE D 318 31.14 9.98 37.32
CA PHE D 318 31.02 11.36 36.93
C PHE D 318 32.02 12.26 37.68
N ASN D 319 32.27 13.46 37.14
CA ASN D 319 33.08 14.50 37.79
CA ASN D 319 33.12 14.46 37.81
C ASN D 319 32.70 14.77 39.26
N ASP D 320 31.39 14.98 39.55
CA ASP D 320 30.89 15.05 40.98
C ASP D 320 29.48 14.49 41.26
N ASP D 321 28.90 14.90 42.36
CA ASP D 321 27.65 14.34 42.80
C ASP D 321 26.47 15.07 42.25
N GLY D 322 26.67 16.11 41.44
CA GLY D 322 25.61 17.08 41.16
C GLY D 322 24.60 16.62 40.09
N PRO D 323 23.65 17.49 39.76
CA PRO D 323 22.57 17.07 38.86
C PRO D 323 23.07 16.65 37.47
N ILE D 324 22.37 15.72 36.88
CA ILE D 324 22.68 15.19 35.58
C ILE D 324 21.43 15.39 34.73
N LEU D 325 21.66 15.82 33.50
CA LEU D 325 20.65 15.92 32.54
C LEU D 325 20.83 14.83 31.53
N PHE D 326 19.79 14.02 31.34
CA PHE D 326 19.79 12.99 30.29
C PHE D 326 19.14 13.56 29.02
N ILE D 327 19.79 13.39 27.86
CA ILE D 327 19.19 13.88 26.56
C ILE D 327 18.38 12.74 25.95
N HIS D 328 17.06 12.86 25.98
CA HIS D 328 16.28 11.78 25.45
C HIS D 328 16.19 12.02 23.93
N THR D 329 16.92 11.23 23.18
CA THR D 329 17.04 11.46 21.72
C THR D 329 15.97 10.65 20.93
N GLY D 330 15.14 9.83 21.65
CA GLY D 330 13.98 9.19 21.03
C GLY D 330 14.11 7.69 20.96
N GLY D 331 13.53 7.09 19.92
CA GLY D 331 13.75 5.70 19.55
C GLY D 331 12.72 4.69 20.03
N ALA D 332 11.69 5.14 20.77
CA ALA D 332 10.65 4.22 21.27
C ALA D 332 9.93 3.31 20.25
N PRO D 333 9.75 3.73 19.00
CA PRO D 333 9.06 2.82 18.10
C PRO D 333 9.76 1.50 17.96
N ALA D 334 11.06 1.46 18.22
CA ALA D 334 11.77 0.18 18.12
C ALA D 334 11.35 -0.82 19.15
N LEU D 335 10.78 -0.36 20.28
CA LEU D 335 10.25 -1.30 21.28
C LEU D 335 9.35 -2.40 20.67
N PHE D 336 8.56 -1.98 19.70
CA PHE D 336 7.54 -2.85 19.05
C PHE D 336 8.19 -3.72 17.98
N ALA D 337 9.32 -3.29 17.47
CA ALA D 337 10.07 -4.14 16.53
C ALA D 337 10.87 -5.25 17.24
N TYR D 338 11.44 -4.92 18.40
CA TYR D 338 12.28 -5.84 19.19
C TYR D 338 11.50 -6.80 20.02
N HIS D 339 10.22 -6.53 20.18
CA HIS D 339 9.36 -7.43 20.89
C HIS D 339 8.86 -8.56 19.96
N PRO D 340 8.80 -9.81 20.46
CA PRO D 340 9.17 -10.27 21.79
C PRO D 340 10.68 -10.56 21.92
N HIS D 341 11.38 -10.88 20.83
CA HIS D 341 12.85 -11.10 20.84
C HIS D 341 13.35 -10.91 19.42
N VAL D 342 14.66 -10.61 19.36
N VAL D 342 14.67 -10.84 19.21
CA VAL D 342 15.52 -10.61 18.16
CA VAL D 342 15.25 -10.85 17.85
C VAL D 342 15.16 -9.63 17.04
C VAL D 342 16.37 -11.90 17.73
C1 BEN E . 5.10 -32.82 -34.32
C2 BEN E . 3.79 -33.14 -34.70
C3 BEN E . 2.84 -33.64 -33.77
C4 BEN E . 3.25 -33.77 -32.43
C5 BEN E . 4.57 -33.45 -32.03
C6 BEN E . 5.54 -32.97 -32.96
C BEN E . 6.04 -32.35 -35.33
N1 BEN E . 7.34 -32.59 -35.23
N2 BEN E . 5.59 -31.71 -36.40
N1 PMP F . -5.92 -23.56 -15.67
C2 PMP F . -5.52 -22.48 -14.89
C2A PMP F . -4.87 -21.41 -15.67
C3 PMP F . -5.85 -22.46 -13.52
O3 PMP F . -5.56 -21.46 -12.72
C4 PMP F . -6.46 -23.58 -12.92
C4A PMP F . -6.71 -23.75 -11.42
N4A PMP F . -6.87 -22.51 -10.69
C5 PMP F . -6.75 -24.65 -13.75
C6 PMP F . -6.59 -24.57 -15.12
C5A PMP F . -7.31 -25.95 -13.21
O4P PMP F . -8.74 -25.80 -13.29
P PMP F . -9.69 -26.63 -12.23
O1P PMP F . -9.26 -26.13 -10.83
O2P PMP F . -9.40 -28.12 -12.49
O3P PMP F . -11.12 -26.25 -12.48
N1 PMP G . -0.94 3.42 -22.72
C2 PMP G . -0.18 2.32 -22.91
C2A PMP G . -0.47 1.17 -22.01
C3 PMP G . 0.77 2.30 -23.97
O3 PMP G . 1.55 1.26 -24.25
C4 PMP G . 0.99 3.46 -24.75
C4A PMP G . 2.10 3.63 -25.76
N4A PMP G . 2.81 2.46 -26.25
C5 PMP G . 0.13 4.53 -24.54
C6 PMP G . -0.95 4.40 -23.68
C5A PMP G . 0.31 5.83 -25.28
O4P PMP G . -0.46 5.75 -26.47
P PMP G . 0.21 6.59 -27.73
O1P PMP G . 0.20 8.05 -27.32
O2P PMP G . -0.62 6.25 -29.00
O3P PMP G . 1.63 6.01 -27.83
N1 PMP H . -9.12 8.46 19.38
C2 PMP H . -8.31 7.56 20.03
C2A PMP H . -6.91 7.45 19.45
C3 PMP H . -8.74 6.91 21.20
O3 PMP H . -7.97 6.04 21.93
C4 PMP H . -10.11 7.08 21.62
C4A PMP H . -10.73 6.37 22.82
N4A PMP H . -9.76 5.65 23.62
C5 PMP H . -10.94 7.87 20.83
C6 PMP H . -10.48 8.54 19.72
C5A PMP H . -12.43 7.87 21.11
O4P PMP H . -12.66 8.94 21.98
P PMP H . -13.79 8.84 23.17
O1P PMP H . -13.70 7.54 23.89
O2P PMP H . -15.09 8.82 22.36
O3P PMP H . -13.58 10.14 23.98
C1 BEN I . -12.20 14.31 -4.10
C2 BEN I . -10.83 14.51 -4.35
C3 BEN I . -9.93 13.49 -3.98
C4 BEN I . -10.37 12.30 -3.41
C5 BEN I . -11.71 12.09 -3.15
C6 BEN I . -12.63 13.10 -3.50
C BEN I . -13.13 15.32 -4.47
N1 BEN I . -12.71 16.56 -4.61
N2 BEN I . -14.40 15.05 -4.78
C1 BEN J . 20.63 2.41 42.73
C2 BEN J . 21.07 3.74 42.85
C3 BEN J . 21.99 4.33 41.96
C4 BEN J . 22.47 3.54 40.88
C5 BEN J . 22.03 2.22 40.72
C6 BEN J . 21.12 1.66 41.66
C BEN J . 19.69 1.85 43.70
N1 BEN J . 18.85 2.64 44.40
N2 BEN J . 19.63 0.58 43.95
N1 PMP K . 19.13 8.13 20.03
C2 PMP K . 18.31 7.66 19.07
C2A PMP K . 16.91 7.39 19.47
C3 PMP K . 18.79 7.60 17.74
O3 PMP K . 17.91 7.30 16.79
C4 PMP K . 20.16 7.86 17.42
C4A PMP K . 20.80 7.53 16.06
N4A PMP K . 19.93 7.66 14.94
C5 PMP K . 20.96 8.33 18.43
C6 PMP K . 20.44 8.40 19.74
C5A PMP K . 22.42 8.71 18.28
O4P PMP K . 22.61 10.06 17.90
P PMP K . 23.79 10.40 16.83
O1P PMP K . 23.67 11.89 16.57
O2P PMP K . 23.57 9.56 15.58
O3P PMP K . 25.12 9.98 17.52
#